data_3HAC
#
_entry.id   3HAC
#
_cell.length_a   118.120
_cell.length_b   125.496
_cell.length_c   136.902
_cell.angle_alpha   90.00
_cell.angle_beta   90.00
_cell.angle_gamma   90.00
#
_symmetry.space_group_name_H-M   'P 21 21 21'
#
loop_
_entity.id
_entity.type
_entity.pdbx_description
1 polymer 'Dipeptidyl peptidase 4 soluble form'
2 branched 2-acetamido-2-deoxy-beta-D-glucopyranose-(1-4)-2-acetamido-2-deoxy-beta-D-glucopyranose
3 non-polymer 2-acetamido-2-deoxy-beta-D-glucopyranose
4 non-polymer 'SODIUM ION'
5 non-polymer "(7R,8R)-8-(2,4,5-trifluorophenyl)-6,7,8,9-tetrahydroimidazo[1,2-a:4,5-c']dipyridin-7-amine"
6 water water
#
_entity_poly.entity_id   1
_entity_poly.type   'polypeptide(L)'
_entity_poly.pdbx_seq_one_letter_code
;TRKTYTLTDYLKNTYRLKLYSLRWISDHEYLYKQENNILVFNAEYGNSSVFLENSTFDEFGHSINDYSISPDGQFILLEY
NYVKQWRHSYTASYDIYDLNKRQLITEERIPNNTQWVTWSPVGHKLAYVWNNDIYVKIEPNLPSYRITWTGKEDIIYNGI
TDWVYEEEVFSAYSALWWSPNGTFLAYAQFNDTEVPLIEYSFYSDESLQYPKTVRVPYPKAGAVNPTVKFFVVNTDSLSS
VTNATSIQITAPASMLIGDHYLCDVTWATQERISLQWLRRIQNYSVMDICDYDESSGRWNCLVARQHIEMSTTGWVGRFR
PSEPHFTLDGNSFYKIISNEEGYRHICYFQIDKKDCTFITKGTWEVIGIEALTSDYLYYISNEYKGMPGGRNLYKIQLSD
YTKVTCLSCELNPERCQYYSVSFSKEAKYYQLRCSGPGLPLYTLHSSVNDKGLRVLEDNSALDKMLQNVQMPSKKLDFII
LNETKFWYQMILPPHFDKSKKYPLLLDVYAGPCSQKADTVFRLNWATYLASTENIIVASFDGRGSGYQGDKIMHAINRRL
GTFEVEDQIEAARQFSKMGFVDNKRIAIWGWSYGGYVTSMVLGSGSGVFKCGIAVAPVSRWEYYDSVYTERYMGLPTPED
NLDHYRNSTVMSRAENFKQVEYLLIHGTADDNVHFQQSAQISKALVDVGVDFQAMWYTDEDHGIASSTAHQHIYTHMSHF
IKQCFSLP
;
_entity_poly.pdbx_strand_id   A,B
#
loop_
_chem_comp.id
_chem_comp.type
_chem_comp.name
_chem_comp.formula
361 non-polymer (7R,8R)-8-(2,4,5-trifluorophenyl)-6,7,8,9-tetrahydroimidazo[1,2-a:4,5-c']dipyridin-7-amine 'C16 H13 F3 N4'
NA non-polymer 'SODIUM ION' 'Na 1'
NAG D-saccharide, beta linking 2-acetamido-2-deoxy-beta-D-glucopyranose 'C8 H15 N O6'
#
# COMPACT_ATOMS: atom_id res chain seq x y z
N THR A 1 34.77 21.58 25.85
CA THR A 1 34.77 20.30 25.06
C THR A 1 33.91 20.42 23.78
N ARG A 2 34.41 19.82 22.70
CA ARG A 2 33.83 20.03 21.38
C ARG A 2 32.60 19.16 21.07
N LYS A 3 31.82 19.62 20.10
CA LYS A 3 30.59 18.94 19.73
C LYS A 3 30.87 17.58 19.09
N THR A 4 29.82 16.78 18.94
CA THR A 4 29.89 15.52 18.23
C THR A 4 29.24 15.73 16.87
N TYR A 5 29.34 14.74 15.99
CA TYR A 5 28.66 14.76 14.71
C TYR A 5 27.26 14.21 14.98
N THR A 6 26.27 15.10 14.87
CA THR A 6 24.92 14.82 15.37
C THR A 6 24.00 14.36 14.23
N LEU A 7 22.79 13.95 14.59
CA LEU A 7 21.85 13.47 13.56
C LEU A 7 21.44 14.64 12.66
N THR A 8 21.26 15.81 13.26
CA THR A 8 20.96 17.04 12.51
C THR A 8 22.10 17.41 11.54
N ASP A 9 23.35 17.29 11.99
CA ASP A 9 24.49 17.50 11.07
C ASP A 9 24.39 16.63 9.83
N TYR A 10 24.08 15.35 10.02
CA TYR A 10 23.93 14.46 8.88
C TYR A 10 22.76 14.93 8.00
N LEU A 11 21.62 15.19 8.64
CA LEU A 11 20.38 15.50 7.92
C LEU A 11 20.38 16.87 7.25
N LYS A 12 21.03 17.86 7.86
CA LYS A 12 21.12 19.20 7.28
C LYS A 12 22.45 19.49 6.55
N ASN A 13 23.28 18.47 6.37
CA ASN A 13 24.53 18.63 5.62
C ASN A 13 25.40 19.78 6.13
N THR A 14 25.51 19.90 7.44
CA THR A 14 26.35 20.92 8.09
C THR A 14 27.80 20.87 7.61
N TYR A 15 28.32 19.65 7.43
CA TYR A 15 29.71 19.47 7.03
C TYR A 15 29.75 18.93 5.60
N ARG A 16 30.07 19.83 4.67
CA ARG A 16 29.96 19.51 3.25
C ARG A 16 31.31 19.19 2.64
N LEU A 17 31.36 18.06 1.93
CA LEU A 17 32.46 17.67 1.08
C LEU A 17 32.48 18.56 -0.16
N LYS A 18 33.63 19.15 -0.48
CA LYS A 18 33.81 19.86 -1.72
C LYS A 18 34.28 18.90 -2.79
N LEU A 19 33.83 19.15 -4.01
CA LEU A 19 34.15 18.35 -5.19
C LEU A 19 34.93 19.23 -6.18
N TYR A 20 35.36 18.64 -7.28
CA TYR A 20 35.88 19.42 -8.40
C TYR A 20 35.47 18.66 -9.64
N SER A 21 34.24 18.93 -10.07
CA SER A 21 33.66 18.24 -11.23
C SER A 21 34.00 19.00 -12.49
N LEU A 22 34.91 18.46 -13.28
CA LEU A 22 35.32 19.12 -14.50
C LEU A 22 34.81 18.36 -15.71
N ARG A 23 34.83 19.01 -16.87
CA ARG A 23 34.42 18.37 -18.13
C ARG A 23 35.50 18.65 -19.16
N TRP A 24 36.25 17.62 -19.54
CA TRP A 24 37.27 17.76 -20.57
C TRP A 24 36.59 18.07 -21.91
N ILE A 25 37.09 19.07 -22.62
CA ILE A 25 36.55 19.42 -23.93
C ILE A 25 37.56 19.21 -25.05
N SER A 26 38.79 18.83 -24.66
CA SER A 26 39.85 18.59 -25.63
C SER A 26 40.97 17.83 -24.91
N ASP A 27 42.12 17.75 -25.57
CA ASP A 27 43.28 17.17 -24.96
C ASP A 27 43.98 18.12 -23.96
N HIS A 28 43.60 19.40 -23.94
CA HIS A 28 44.36 20.42 -23.19
C HIS A 28 43.50 21.32 -22.29
N GLU A 29 42.18 21.21 -22.39
CA GLU A 29 41.30 22.16 -21.73
C GLU A 29 40.08 21.50 -21.15
N TYR A 30 39.56 22.08 -20.07
CA TYR A 30 38.34 21.59 -19.44
C TYR A 30 37.41 22.72 -19.00
N LEU A 31 36.15 22.37 -18.81
CA LEU A 31 35.13 23.30 -18.33
C LEU A 31 34.87 23.07 -16.84
N TYR A 32 34.68 24.17 -16.12
CA TYR A 32 34.43 24.10 -14.69
C TYR A 32 33.48 25.23 -14.30
N LYS A 33 32.36 24.85 -13.69
CA LYS A 33 31.37 25.81 -13.22
C LYS A 33 31.75 26.37 -11.84
N GLN A 34 31.94 27.68 -11.78
CA GLN A 34 32.32 28.37 -10.55
C GLN A 34 31.47 29.63 -10.39
N GLU A 35 30.76 29.72 -9.25
CA GLU A 35 29.87 30.86 -8.95
C GLU A 35 28.78 31.01 -10.03
N ASN A 36 28.27 29.87 -10.50
CA ASN A 36 27.29 29.79 -11.61
C ASN A 36 27.82 30.25 -12.99
N ASN A 37 29.10 30.65 -13.04
CA ASN A 37 29.77 30.97 -14.30
C ASN A 37 30.58 29.78 -14.80
N ILE A 38 30.48 29.49 -16.09
CA ILE A 38 31.26 28.41 -16.71
C ILE A 38 32.61 28.97 -17.14
N LEU A 39 33.68 28.39 -16.61
CA LEU A 39 35.04 28.81 -16.95
C LEU A 39 35.72 27.73 -17.78
N VAL A 40 36.69 28.12 -18.61
CA VAL A 40 37.53 27.15 -19.30
C VAL A 40 38.96 27.24 -18.78
N PHE A 41 39.50 26.09 -18.42
CA PHE A 41 40.85 26.02 -17.90
C PHE A 41 41.83 25.39 -18.88
N ASN A 42 43.01 25.96 -18.94
CA ASN A 42 44.16 25.38 -19.58
C ASN A 42 44.81 24.41 -18.58
N ALA A 43 44.91 23.14 -18.95
CA ALA A 43 45.43 22.11 -18.04
C ALA A 43 46.92 22.31 -17.69
N GLU A 44 47.74 22.64 -18.69
CA GLU A 44 49.18 22.76 -18.48
C GLU A 44 49.52 23.83 -17.43
N TYR A 45 48.87 24.98 -17.54
CA TYR A 45 49.22 26.15 -16.73
C TYR A 45 48.19 26.53 -15.64
N GLY A 46 46.94 26.11 -15.82
CA GLY A 46 45.91 26.39 -14.83
C GLY A 46 45.29 27.77 -14.94
N ASN A 47 45.69 28.55 -15.94
CA ASN A 47 44.99 29.79 -16.27
C ASN A 47 43.60 29.51 -16.85
N SER A 48 42.70 30.47 -16.69
CA SER A 48 41.34 30.31 -17.17
C SER A 48 40.80 31.57 -17.83
N SER A 49 39.62 31.43 -18.42
CA SER A 49 38.84 32.52 -18.99
C SER A 49 37.39 32.20 -18.70
N VAL A 50 36.53 33.22 -18.73
CA VAL A 50 35.09 32.98 -18.60
C VAL A 50 34.57 32.44 -19.94
N PHE A 51 33.96 31.26 -19.91
CA PHE A 51 33.41 30.65 -21.11
C PHE A 51 32.00 31.17 -21.32
N LEU A 52 31.23 31.24 -20.24
CA LEU A 52 29.85 31.72 -20.26
C LEU A 52 29.44 32.31 -18.91
N GLU A 53 29.07 33.58 -18.92
CA GLU A 53 28.63 34.31 -17.72
C GLU A 53 27.32 33.78 -17.16
N ASN A 54 27.24 33.74 -15.83
CA ASN A 54 26.02 33.34 -15.12
C ASN A 54 24.78 34.15 -15.53
N SER A 55 25.00 35.44 -15.80
CA SER A 55 23.93 36.39 -16.06
C SER A 55 23.38 36.34 -17.49
N THR A 56 23.94 35.47 -18.32
CA THR A 56 23.49 35.35 -19.72
C THR A 56 22.02 34.94 -19.81
N PHE A 57 21.57 34.14 -18.85
CA PHE A 57 20.20 33.64 -18.84
C PHE A 57 19.34 34.20 -17.70
N ASP A 58 19.60 35.47 -17.36
CA ASP A 58 18.85 36.19 -16.35
C ASP A 58 17.36 36.32 -16.70
N GLU A 59 17.09 36.60 -17.98
CA GLU A 59 15.70 36.75 -18.45
C GLU A 59 15.10 35.47 -19.04
N PHE A 60 15.82 34.34 -18.91
CA PHE A 60 15.41 33.06 -19.51
C PHE A 60 13.99 32.62 -19.12
N GLY A 61 13.62 32.81 -17.86
CA GLY A 61 12.25 32.59 -17.42
C GLY A 61 11.98 31.22 -16.83
N HIS A 62 12.95 30.31 -16.99
CA HIS A 62 12.87 28.98 -16.39
C HIS A 62 14.09 28.73 -15.53
N SER A 63 13.93 27.93 -14.50
CA SER A 63 15.06 27.44 -13.74
C SER A 63 15.75 26.34 -14.56
N ILE A 64 17.01 26.58 -14.89
CA ILE A 64 17.81 25.65 -15.67
C ILE A 64 18.38 24.56 -14.78
N ASN A 65 18.09 23.31 -15.13
CA ASN A 65 18.51 22.14 -14.39
C ASN A 65 19.96 21.77 -14.67
N ASP A 66 20.36 21.88 -15.94
CA ASP A 66 21.67 21.42 -16.39
C ASP A 66 21.94 21.99 -17.79
N TYR A 67 23.18 21.82 -18.24
CA TYR A 67 23.62 22.39 -19.49
C TYR A 67 24.53 21.38 -20.16
N SER A 68 24.66 21.49 -21.48
CA SER A 68 25.57 20.64 -22.21
C SER A 68 26.09 21.43 -23.40
N ILE A 69 27.38 21.71 -23.38
CA ILE A 69 28.03 22.47 -24.46
C ILE A 69 28.37 21.53 -25.61
N SER A 70 28.04 21.93 -26.83
CA SER A 70 28.39 21.12 -28.01
C SER A 70 29.91 20.89 -28.08
N PRO A 71 30.34 19.73 -28.62
CA PRO A 71 31.79 19.42 -28.64
C PRO A 71 32.65 20.48 -29.30
N ASP A 72 32.10 21.19 -30.29
CA ASP A 72 32.84 22.25 -30.96
C ASP A 72 32.75 23.61 -30.24
N GLY A 73 32.02 23.65 -29.13
CA GLY A 73 31.91 24.86 -28.30
C GLY A 73 30.99 25.94 -28.83
N GLN A 74 30.30 25.67 -29.93
CA GLN A 74 29.47 26.67 -30.63
C GLN A 74 28.07 26.85 -30.04
N PHE A 75 27.60 25.83 -29.33
CA PHE A 75 26.24 25.84 -28.79
C PHE A 75 26.16 25.30 -27.37
N ILE A 76 25.14 25.74 -26.65
CA ILE A 76 24.86 25.19 -25.35
C ILE A 76 23.39 24.78 -25.26
N LEU A 77 23.20 23.52 -24.88
CA LEU A 77 21.90 22.93 -24.67
C LEU A 77 21.45 23.22 -23.24
N LEU A 78 20.28 23.81 -23.10
CA LEU A 78 19.74 24.23 -21.81
C LEU A 78 18.60 23.34 -21.36
N GLU A 79 18.82 22.61 -20.26
CA GLU A 79 17.84 21.66 -19.74
C GLU A 79 17.00 22.28 -18.63
N TYR A 80 15.68 22.20 -18.81
CA TYR A 80 14.73 22.70 -17.82
C TYR A 80 13.44 21.89 -17.82
N ASN A 81 12.53 22.22 -16.91
CA ASN A 81 11.31 21.42 -16.66
C ASN A 81 11.64 19.95 -16.42
N TYR A 82 12.69 19.70 -15.64
CA TYR A 82 13.11 18.34 -15.32
C TYR A 82 12.02 17.59 -14.53
N VAL A 83 11.67 16.39 -14.98
CA VAL A 83 10.75 15.51 -14.26
C VAL A 83 11.37 14.12 -14.20
N LYS A 84 11.75 13.69 -13.00
CA LYS A 84 12.38 12.38 -12.82
C LYS A 84 11.44 11.25 -13.21
N GLN A 85 11.97 10.21 -13.85
CA GLN A 85 11.27 8.94 -13.96
C GLN A 85 11.90 7.89 -13.03
N TRP A 86 12.72 6.99 -13.57
CA TRP A 86 13.27 5.90 -12.76
C TRP A 86 14.65 6.29 -12.21
N ARG A 87 15.59 5.35 -12.05
CA ARG A 87 16.91 5.70 -11.49
C ARG A 87 17.69 6.66 -12.38
N HIS A 88 17.64 6.45 -13.69
CA HIS A 88 18.38 7.28 -14.67
C HIS A 88 17.47 8.08 -15.60
N SER A 89 16.27 7.58 -15.86
CA SER A 89 15.35 8.20 -16.82
C SER A 89 14.67 9.46 -16.26
N TYR A 90 14.40 10.39 -17.18
CA TYR A 90 13.64 11.60 -16.89
C TYR A 90 13.21 12.21 -18.22
N THR A 91 12.26 13.13 -18.17
CA THR A 91 11.96 13.97 -19.31
C THR A 91 12.29 15.42 -18.98
N ALA A 92 12.49 16.23 -20.01
CA ALA A 92 12.81 17.64 -19.85
C ALA A 92 12.47 18.43 -21.11
N SER A 93 12.44 19.75 -20.96
CA SER A 93 12.37 20.67 -22.07
C SER A 93 13.79 21.15 -22.34
N TYR A 94 14.04 21.58 -23.58
CA TYR A 94 15.38 22.01 -23.97
C TYR A 94 15.36 23.26 -24.84
N ASP A 95 16.35 24.13 -24.63
CA ASP A 95 16.60 25.23 -25.54
C ASP A 95 18.06 25.21 -25.91
N ILE A 96 18.37 25.72 -27.11
CA ILE A 96 19.74 25.79 -27.57
C ILE A 96 20.11 27.26 -27.74
N TYR A 97 21.25 27.63 -27.18
CA TYR A 97 21.75 28.98 -27.27
C TYR A 97 22.99 28.96 -28.16
N ASP A 98 23.00 29.83 -29.16
CA ASP A 98 24.14 30.00 -30.04
C ASP A 98 25.18 30.89 -29.37
N LEU A 99 26.36 30.32 -29.11
CA LEU A 99 27.40 31.03 -28.36
C LEU A 99 28.13 32.09 -29.17
N ASN A 100 28.21 31.93 -30.49
CA ASN A 100 28.88 32.91 -31.35
C ASN A 100 28.01 34.13 -31.61
N LYS A 101 26.75 33.90 -31.92
CA LYS A 101 25.82 35.00 -32.16
C LYS A 101 25.04 35.44 -30.91
N ARG A 102 25.35 34.82 -29.76
CA ARG A 102 24.79 35.22 -28.47
C ARG A 102 23.25 35.30 -28.49
N GLN A 103 22.60 34.22 -28.94
CA GLN A 103 21.14 34.20 -29.07
C GLN A 103 20.55 32.81 -28.92
N LEU A 104 19.39 32.74 -28.26
CA LEU A 104 18.58 31.55 -28.24
C LEU A 104 18.08 31.24 -29.64
N ILE A 105 18.11 29.96 -30.01
CA ILE A 105 17.47 29.51 -31.24
C ILE A 105 15.97 29.38 -30.94
N THR A 106 15.16 30.02 -31.76
CA THR A 106 13.70 30.00 -31.60
C THR A 106 13.03 29.15 -32.67
N GLU A 107 13.78 28.80 -33.71
CA GLU A 107 13.24 27.97 -34.79
C GLU A 107 13.48 26.49 -34.55
N GLU A 108 12.47 25.69 -34.90
CA GLU A 108 12.58 24.22 -34.90
C GLU A 108 13.05 23.67 -33.56
N ARG A 109 12.45 24.16 -32.49
CA ARG A 109 12.90 23.81 -31.15
C ARG A 109 12.69 22.33 -30.85
N ILE A 110 13.57 21.80 -29.98
CA ILE A 110 13.39 20.48 -29.40
C ILE A 110 12.08 20.50 -28.60
N PRO A 111 11.22 19.48 -28.79
CA PRO A 111 9.89 19.49 -28.16
C PRO A 111 9.97 19.36 -26.64
N ASN A 112 8.88 19.73 -25.96
CA ASN A 112 8.74 19.48 -24.53
C ASN A 112 8.57 17.99 -24.30
N ASN A 113 8.83 17.55 -23.07
CA ASN A 113 8.72 16.12 -22.73
C ASN A 113 9.67 15.24 -23.54
N THR A 114 10.83 15.79 -23.91
CA THR A 114 11.88 15.01 -24.56
C THR A 114 12.49 14.03 -23.54
N GLN A 115 12.72 12.80 -23.99
CA GLN A 115 13.14 11.71 -23.13
C GLN A 115 14.64 11.54 -23.06
N TRP A 116 15.34 11.87 -24.14
CA TRP A 116 16.79 11.82 -24.17
C TRP A 116 17.30 12.73 -25.27
N VAL A 117 18.41 13.41 -25.02
CA VAL A 117 19.08 14.23 -26.04
C VAL A 117 20.59 14.13 -25.88
N THR A 118 21.30 14.12 -27.00
CA THR A 118 22.76 14.04 -27.02
C THR A 118 23.35 14.71 -28.26
N TRP A 119 24.37 15.54 -28.06
CA TRP A 119 25.19 16.04 -29.16
C TRP A 119 25.91 14.85 -29.83
N SER A 120 26.26 14.99 -31.11
CA SER A 120 27.25 14.08 -31.71
C SER A 120 28.58 14.26 -30.98
N PRO A 121 29.51 13.28 -31.08
CA PRO A 121 30.77 13.42 -30.33
C PRO A 121 31.73 14.48 -30.88
N VAL A 122 31.51 14.85 -32.14
CA VAL A 122 32.24 15.92 -32.82
C VAL A 122 31.21 16.86 -33.44
N GLY A 123 31.53 18.16 -33.52
CA GLY A 123 30.63 19.15 -34.13
C GLY A 123 29.41 19.49 -33.28
N HIS A 124 28.22 19.48 -33.88
CA HIS A 124 27.02 19.94 -33.19
C HIS A 124 25.71 19.38 -33.76
N LYS A 125 25.75 18.14 -34.26
CA LYS A 125 24.52 17.42 -34.56
C LYS A 125 23.87 17.06 -33.22
N LEU A 126 22.55 16.85 -33.24
CA LEU A 126 21.80 16.38 -32.07
C LEU A 126 20.98 15.17 -32.46
N ALA A 127 20.89 14.21 -31.54
CA ALA A 127 19.85 13.17 -31.64
C ALA A 127 19.00 13.27 -30.39
N TYR A 128 17.69 13.19 -30.55
CA TYR A 128 16.80 13.19 -29.40
C TYR A 128 15.69 12.16 -29.56
N VAL A 129 15.13 11.75 -28.44
CA VAL A 129 14.05 10.80 -28.41
C VAL A 129 12.84 11.51 -27.80
N TRP A 130 11.71 11.46 -28.50
CA TRP A 130 10.48 12.10 -28.04
C TRP A 130 9.32 11.20 -28.40
N ASN A 131 8.46 10.91 -27.43
CA ASN A 131 7.36 9.95 -27.63
C ASN A 131 7.87 8.61 -28.17
N ASN A 132 9.01 8.15 -27.64
CA ASN A 132 9.58 6.84 -27.97
C ASN A 132 10.17 6.71 -29.40
N ASP A 133 10.29 7.84 -30.10
CA ASP A 133 10.89 7.85 -31.43
C ASP A 133 12.14 8.70 -31.53
N ILE A 134 13.04 8.33 -32.44
CA ILE A 134 14.32 9.02 -32.63
C ILE A 134 14.24 10.10 -33.72
N TYR A 135 14.84 11.26 -33.44
CA TYR A 135 14.93 12.39 -34.36
C TYR A 135 16.38 12.86 -34.41
N VAL A 136 16.80 13.37 -35.57
CA VAL A 136 18.13 13.94 -35.73
C VAL A 136 18.06 15.37 -36.27
N LYS A 137 18.83 16.28 -35.65
CA LYS A 137 19.03 17.64 -36.17
C LYS A 137 20.50 17.83 -36.56
N ILE A 138 20.74 18.14 -37.83
CA ILE A 138 22.09 18.37 -38.35
C ILE A 138 22.61 19.75 -37.92
N GLU A 139 21.70 20.71 -37.78
CA GLU A 139 22.00 22.05 -37.31
C GLU A 139 20.92 22.45 -36.31
N PRO A 140 21.30 23.10 -35.20
CA PRO A 140 20.35 23.38 -34.11
C PRO A 140 19.09 24.18 -34.54
N ASN A 141 19.21 25.02 -35.56
CA ASN A 141 18.07 25.81 -36.06
C ASN A 141 17.29 25.19 -37.24
N LEU A 142 17.69 24.01 -37.68
CA LEU A 142 17.05 23.36 -38.83
C LEU A 142 16.05 22.30 -38.40
N PRO A 143 15.08 21.95 -39.28
CA PRO A 143 14.09 20.93 -38.94
C PRO A 143 14.72 19.56 -38.66
N SER A 144 14.13 18.81 -37.73
CA SER A 144 14.60 17.46 -37.41
C SER A 144 14.16 16.44 -38.47
N TYR A 145 14.99 15.42 -38.66
CA TYR A 145 14.65 14.25 -39.45
C TYR A 145 14.13 13.17 -38.53
N ARG A 146 12.91 12.71 -38.77
CA ARG A 146 12.35 11.61 -37.99
C ARG A 146 12.96 10.29 -38.45
N ILE A 147 13.62 9.59 -37.51
CA ILE A 147 14.34 8.34 -37.81
C ILE A 147 13.43 7.13 -37.69
N THR A 148 12.62 7.11 -36.63
CA THR A 148 11.73 5.98 -36.36
C THR A 148 10.28 6.43 -36.23
N TRP A 149 9.36 5.53 -36.57
CA TRP A 149 7.92 5.83 -36.60
C TRP A 149 7.09 4.83 -35.77
N THR A 150 7.77 3.92 -35.08
CA THR A 150 7.10 2.82 -34.39
C THR A 150 6.94 3.05 -32.87
N GLY A 151 7.52 4.12 -32.35
CA GLY A 151 7.49 4.41 -30.92
C GLY A 151 6.07 4.35 -30.37
N LYS A 152 5.89 3.71 -29.22
CA LYS A 152 4.56 3.55 -28.63
C LYS A 152 4.73 3.39 -27.13
N GLU A 153 4.10 4.28 -26.36
CA GLU A 153 4.25 4.30 -24.89
C GLU A 153 4.06 2.90 -24.29
N ASP A 154 5.01 2.50 -23.45
CA ASP A 154 5.02 1.21 -22.72
C ASP A 154 5.09 -0.03 -23.61
N ILE A 155 5.37 0.15 -24.90
CA ILE A 155 5.36 -0.98 -25.84
C ILE A 155 6.63 -1.00 -26.73
N ILE A 156 6.81 0.03 -27.55
CA ILE A 156 7.99 0.12 -28.43
C ILE A 156 8.85 1.30 -28.03
N TYR A 157 10.10 1.00 -27.68
CA TYR A 157 11.08 1.97 -27.23
C TYR A 157 12.20 2.08 -28.28
N ASN A 158 12.23 3.19 -29.04
CA ASN A 158 13.35 3.44 -29.96
C ASN A 158 14.41 4.40 -29.37
N GLY A 159 15.63 3.89 -29.16
CA GLY A 159 16.73 4.76 -28.73
C GLY A 159 16.73 5.09 -27.25
N ILE A 160 15.77 4.51 -26.51
CA ILE A 160 15.69 4.58 -25.05
C ILE A 160 15.42 3.19 -24.50
N THR A 161 15.76 2.96 -23.24
CA THR A 161 15.61 1.64 -22.64
C THR A 161 14.25 1.54 -21.91
N ASP A 162 13.73 0.33 -21.78
CA ASP A 162 12.56 0.08 -20.93
C ASP A 162 13.05 -0.02 -19.49
N TRP A 163 12.13 -0.27 -18.56
CA TRP A 163 12.46 -0.31 -17.12
C TRP A 163 13.66 -1.21 -16.83
N VAL A 164 13.63 -2.43 -17.36
CA VAL A 164 14.62 -3.44 -16.92
C VAL A 164 15.99 -3.24 -17.59
N TYR A 165 15.98 -2.79 -18.85
CA TYR A 165 17.24 -2.48 -19.52
C TYR A 165 17.89 -1.23 -18.90
N GLU A 166 17.07 -0.28 -18.48
CA GLU A 166 17.57 0.93 -17.80
C GLU A 166 18.27 0.57 -16.48
N GLU A 167 17.55 -0.20 -15.64
CA GLU A 167 18.03 -0.52 -14.29
C GLU A 167 19.20 -1.54 -14.29
N GLU A 168 19.09 -2.55 -15.16
CA GLU A 168 19.91 -3.74 -15.03
C GLU A 168 20.97 -3.96 -16.11
N VAL A 169 20.84 -3.32 -17.27
CA VAL A 169 21.76 -3.61 -18.37
C VAL A 169 22.66 -2.41 -18.65
N PHE A 170 22.04 -1.31 -19.10
CA PHE A 170 22.80 -0.13 -19.50
C PHE A 170 23.03 0.91 -18.42
N SER A 171 22.31 0.82 -17.29
CA SER A 171 22.39 1.89 -16.26
C SER A 171 22.26 3.26 -16.89
N ALA A 172 21.30 3.38 -17.80
CA ALA A 172 21.08 4.60 -18.57
C ALA A 172 19.73 4.46 -19.24
N TYR A 173 19.09 5.59 -19.48
CA TYR A 173 17.86 5.65 -20.27
C TYR A 173 18.17 5.64 -21.77
N SER A 174 19.34 6.13 -22.12
CA SER A 174 19.75 6.21 -23.53
C SER A 174 20.04 4.83 -24.11
N ALA A 175 19.59 4.62 -25.34
CA ALA A 175 19.96 3.46 -26.12
C ALA A 175 20.32 3.97 -27.53
N LEU A 176 21.12 5.04 -27.54
CA LEU A 176 21.66 5.68 -28.75
C LEU A 176 23.17 5.70 -28.67
N TRP A 177 23.85 5.43 -29.78
CA TRP A 177 25.32 5.42 -29.83
C TRP A 177 25.83 6.02 -31.14
N TRP A 178 26.29 7.28 -31.06
CA TRP A 178 26.94 7.94 -32.19
C TRP A 178 28.29 7.28 -32.53
N SER A 179 28.59 7.16 -33.82
CA SER A 179 29.95 6.82 -34.27
C SER A 179 30.93 7.95 -33.87
N PRO A 180 32.23 7.63 -33.80
CA PRO A 180 33.20 8.58 -33.23
C PRO A 180 33.22 9.97 -33.84
N ASN A 181 32.99 10.09 -35.15
CA ASN A 181 32.91 11.42 -35.80
C ASN A 181 31.48 11.87 -36.15
N GLY A 182 30.50 11.11 -35.68
CA GLY A 182 29.09 11.49 -35.83
C GLY A 182 28.41 11.09 -37.14
N THR A 183 29.11 10.37 -38.00
CA THR A 183 28.51 9.93 -39.26
C THR A 183 27.29 9.02 -39.03
N PHE A 184 27.49 7.95 -38.27
CA PHE A 184 26.46 6.97 -37.99
C PHE A 184 25.85 7.13 -36.59
N LEU A 185 24.54 6.89 -36.50
CA LEU A 185 23.83 6.79 -35.24
C LEU A 185 23.30 5.37 -35.11
N ALA A 186 23.88 4.64 -34.17
CA ALA A 186 23.40 3.32 -33.80
C ALA A 186 22.34 3.45 -32.70
N TYR A 187 21.35 2.55 -32.71
CA TYR A 187 20.32 2.51 -31.68
C TYR A 187 19.68 1.15 -31.49
N ALA A 188 19.17 0.91 -30.29
CA ALA A 188 18.43 -0.29 -30.00
C ALA A 188 16.95 0.03 -29.95
N GLN A 189 16.16 -0.99 -30.23
CA GLN A 189 14.73 -0.89 -30.13
C GLN A 189 14.23 -2.00 -29.24
N PHE A 190 13.48 -1.62 -28.20
CA PHE A 190 12.94 -2.60 -27.27
C PHE A 190 11.43 -2.78 -27.49
N ASN A 191 11.00 -4.04 -27.44
CA ASN A 191 9.59 -4.41 -27.59
C ASN A 191 9.06 -5.10 -26.32
N ASP A 192 8.16 -4.42 -25.63
CA ASP A 192 7.63 -4.91 -24.34
C ASP A 192 6.20 -5.42 -24.45
N THR A 193 5.76 -5.69 -25.68
CA THR A 193 4.37 -6.11 -25.93
C THR A 193 3.81 -7.12 -24.93
N GLU A 194 4.56 -8.20 -24.67
CA GLU A 194 4.03 -9.26 -23.81
C GLU A 194 4.64 -9.29 -22.40
N VAL A 195 5.32 -8.22 -22.03
CA VAL A 195 5.89 -8.10 -20.68
C VAL A 195 4.78 -7.70 -19.72
N PRO A 196 4.61 -8.44 -18.60
CA PRO A 196 3.51 -8.08 -17.69
C PRO A 196 3.81 -6.77 -16.98
N LEU A 197 2.76 -6.11 -16.50
CA LEU A 197 2.92 -4.83 -15.82
C LEU A 197 2.78 -4.98 -14.32
N ILE A 198 3.70 -4.36 -13.58
CA ILE A 198 3.50 -4.12 -12.15
C ILE A 198 2.56 -2.91 -12.01
N GLU A 199 1.58 -3.03 -11.12
CA GLU A 199 0.63 -1.97 -10.86
C GLU A 199 0.68 -1.62 -9.37
N TYR A 200 0.68 -0.33 -9.07
CA TYR A 200 0.66 0.15 -7.68
C TYR A 200 0.02 1.53 -7.65
N SER A 201 -0.49 1.88 -6.47
CA SER A 201 -1.19 3.13 -6.26
C SER A 201 -0.21 4.29 -6.06
N PHE A 202 -0.61 5.44 -6.57
CA PHE A 202 0.13 6.66 -6.29
C PHE A 202 -0.88 7.66 -5.79
N TYR A 203 -0.62 8.23 -4.61
CA TYR A 203 -1.66 9.00 -3.91
C TYR A 203 -1.65 10.47 -4.30
N SER A 204 -0.46 10.99 -4.59
CA SER A 204 -0.26 12.37 -5.04
C SER A 204 -0.58 13.37 -3.93
N ASP A 205 -0.77 14.63 -4.30
CA ASP A 205 -1.14 15.64 -3.34
C ASP A 205 -2.53 15.33 -2.80
N GLU A 206 -2.80 15.88 -1.62
CA GLU A 206 -4.06 15.70 -0.93
C GLU A 206 -5.30 16.05 -1.77
N SER A 207 -5.13 17.02 -2.69
CA SER A 207 -6.18 17.45 -3.60
C SER A 207 -6.73 16.35 -4.51
N LEU A 208 -5.94 15.31 -4.77
CA LEU A 208 -6.37 14.26 -5.71
C LEU A 208 -7.38 13.31 -5.04
N GLN A 209 -8.60 13.28 -5.56
CA GLN A 209 -9.71 12.59 -4.89
C GLN A 209 -9.55 11.07 -4.99
N TYR A 210 -9.17 10.57 -6.17
CA TYR A 210 -8.95 9.14 -6.40
C TYR A 210 -7.48 8.85 -6.67
N PRO A 211 -6.88 7.87 -5.94
CA PRO A 211 -5.49 7.52 -6.24
C PRO A 211 -5.32 7.03 -7.68
N LYS A 212 -4.14 7.29 -8.23
CA LYS A 212 -3.81 6.88 -9.58
C LYS A 212 -3.13 5.51 -9.49
N THR A 213 -3.36 4.66 -10.48
CA THR A 213 -2.66 3.38 -10.55
C THR A 213 -1.53 3.54 -11.57
N VAL A 214 -0.30 3.40 -11.11
CA VAL A 214 0.88 3.40 -11.99
C VAL A 214 1.06 1.99 -12.54
N ARG A 215 1.31 1.89 -13.85
CA ARG A 215 1.46 0.60 -14.53
C ARG A 215 2.77 0.63 -15.32
N VAL A 216 3.70 -0.25 -14.98
CA VAL A 216 5.04 -0.25 -15.61
C VAL A 216 5.33 -1.65 -16.15
N PRO A 217 5.70 -1.74 -17.45
CA PRO A 217 6.15 -3.07 -17.94
C PRO A 217 7.43 -3.52 -17.20
N TYR A 218 7.34 -4.64 -16.51
CA TYR A 218 8.39 -5.08 -15.58
C TYR A 218 8.34 -6.58 -15.54
N PRO A 219 9.37 -7.25 -16.06
CA PRO A 219 9.39 -8.71 -16.05
C PRO A 219 9.97 -9.21 -14.71
N LYS A 220 9.15 -9.87 -13.91
CA LYS A 220 9.63 -10.52 -12.69
C LYS A 220 10.31 -11.84 -13.10
N ALA A 221 11.04 -12.46 -12.17
CA ALA A 221 11.81 -13.67 -12.50
C ALA A 221 10.97 -14.74 -13.23
N GLY A 222 11.48 -15.18 -14.37
CA GLY A 222 10.79 -16.22 -15.16
C GLY A 222 9.71 -15.73 -16.11
N ALA A 223 9.38 -14.44 -16.04
CA ALA A 223 8.27 -13.86 -16.84
C ALA A 223 8.73 -13.54 -18.27
N VAL A 224 7.79 -13.18 -19.15
CA VAL A 224 8.14 -12.81 -20.52
C VAL A 224 8.97 -11.51 -20.50
N ASN A 225 10.15 -11.57 -21.14
CA ASN A 225 11.09 -10.46 -21.22
C ASN A 225 10.85 -9.59 -22.45
N PRO A 226 11.34 -8.34 -22.42
CA PRO A 226 11.35 -7.57 -23.66
C PRO A 226 12.26 -8.22 -24.69
N THR A 227 11.94 -7.97 -25.95
CA THR A 227 12.81 -8.36 -27.03
C THR A 227 13.53 -7.11 -27.54
N VAL A 228 14.60 -7.32 -28.31
CA VAL A 228 15.48 -6.23 -28.70
C VAL A 228 15.91 -6.39 -30.17
N LYS A 229 16.06 -5.26 -30.86
CA LYS A 229 16.65 -5.24 -32.18
C LYS A 229 17.64 -4.09 -32.22
N PHE A 230 18.61 -4.17 -33.12
CA PHE A 230 19.68 -3.17 -33.20
C PHE A 230 19.83 -2.64 -34.60
N PHE A 231 19.96 -1.31 -34.73
CA PHE A 231 20.01 -0.65 -36.03
C PHE A 231 21.12 0.39 -36.08
N VAL A 232 21.56 0.71 -37.29
CA VAL A 232 22.50 1.80 -37.54
C VAL A 232 21.95 2.62 -38.73
N VAL A 233 21.91 3.94 -38.55
CA VAL A 233 21.47 4.88 -39.59
C VAL A 233 22.60 5.84 -39.97
N ASN A 234 22.74 6.11 -41.27
CA ASN A 234 23.66 7.13 -41.76
C ASN A 234 23.04 8.52 -41.69
N THR A 235 23.54 9.34 -40.76
CA THR A 235 23.00 10.68 -40.56
C THR A 235 23.52 11.71 -41.58
N ASP A 236 24.51 11.33 -42.39
CA ASP A 236 25.02 12.20 -43.45
C ASP A 236 24.20 12.11 -44.74
N SER A 237 23.36 11.08 -44.86
CA SER A 237 22.56 10.93 -46.08
C SER A 237 21.05 10.99 -45.82
N LEU A 238 20.67 11.77 -44.81
CA LEU A 238 19.25 12.01 -44.53
C LEU A 238 18.63 12.94 -45.56
N SER A 239 17.34 12.75 -45.81
CA SER A 239 16.61 13.54 -46.80
C SER A 239 15.29 14.05 -46.25
N SER A 240 14.96 15.29 -46.62
CA SER A 240 13.67 15.91 -46.31
C SER A 240 12.50 15.27 -47.06
N VAL A 241 12.81 14.56 -48.15
CA VAL A 241 11.80 13.99 -49.04
C VAL A 241 11.48 12.53 -48.70
N THR A 242 12.48 11.79 -48.25
CA THR A 242 12.35 10.35 -48.05
C THR A 242 12.63 9.97 -46.59
N ASN A 243 11.89 8.99 -46.08
CA ASN A 243 12.14 8.44 -44.74
C ASN A 243 13.53 7.79 -44.66
N ALA A 244 14.17 7.94 -43.50
CA ALA A 244 15.53 7.42 -43.29
C ALA A 244 15.55 5.89 -43.35
N THR A 245 16.61 5.34 -43.92
CA THR A 245 16.80 3.90 -43.92
C THR A 245 17.75 3.45 -42.81
N SER A 246 17.21 2.69 -41.87
CA SER A 246 18.00 2.09 -40.79
C SER A 246 18.42 0.68 -41.18
N ILE A 247 19.70 0.38 -40.97
CA ILE A 247 20.20 -0.97 -41.28
C ILE A 247 20.23 -1.80 -40.01
N GLN A 248 19.55 -2.94 -40.05
CA GLN A 248 19.55 -3.83 -38.89
C GLN A 248 20.79 -4.71 -38.86
N ILE A 249 21.35 -4.87 -37.68
CA ILE A 249 22.35 -5.90 -37.41
C ILE A 249 21.70 -6.92 -36.49
N THR A 250 21.52 -8.14 -37.01
CA THR A 250 20.85 -9.20 -36.26
C THR A 250 21.84 -9.90 -35.30
N ALA A 251 21.33 -10.44 -34.21
CA ALA A 251 22.14 -11.20 -33.24
C ALA A 251 22.64 -12.50 -33.87
N PRO A 252 23.80 -13.02 -33.40
CA PRO A 252 24.30 -14.31 -33.92
C PRO A 252 23.31 -15.44 -33.67
N ALA A 253 23.46 -16.52 -34.43
CA ALA A 253 22.54 -17.67 -34.35
C ALA A 253 22.47 -18.26 -32.94
N SER A 254 23.62 -18.30 -32.27
CA SER A 254 23.73 -18.83 -30.90
C SER A 254 22.91 -18.01 -29.87
N MET A 255 22.48 -16.81 -30.25
CA MET A 255 21.60 -15.99 -29.41
C MET A 255 20.14 -16.13 -29.83
N LEU A 256 19.90 -16.15 -31.15
CA LEU A 256 18.54 -16.25 -31.71
C LEU A 256 17.78 -17.53 -31.35
N ILE A 257 18.49 -18.58 -30.93
CA ILE A 257 17.85 -19.85 -30.50
C ILE A 257 16.91 -19.73 -29.30
N GLY A 258 17.07 -18.67 -28.50
CA GLY A 258 16.18 -18.44 -27.39
C GLY A 258 16.26 -17.01 -26.88
N ASP A 259 15.75 -16.80 -25.68
CA ASP A 259 15.76 -15.46 -25.07
C ASP A 259 17.21 -14.97 -24.90
N HIS A 260 17.39 -13.67 -25.13
CA HIS A 260 18.72 -13.07 -25.05
C HIS A 260 18.58 -11.59 -24.80
N TYR A 261 19.73 -10.95 -24.56
CA TYR A 261 19.85 -9.53 -24.32
C TYR A 261 20.96 -8.95 -25.20
N LEU A 262 20.83 -7.66 -25.53
CA LEU A 262 21.94 -6.86 -26.04
C LEU A 262 22.56 -6.25 -24.79
N CYS A 263 23.85 -6.47 -24.55
CA CYS A 263 24.42 -5.99 -23.28
C CYS A 263 25.54 -4.95 -23.39
N ASP A 264 26.07 -4.76 -24.60
CA ASP A 264 27.11 -3.73 -24.81
C ASP A 264 27.14 -3.29 -26.25
N VAL A 265 27.37 -1.99 -26.44
CA VAL A 265 27.61 -1.40 -27.75
C VAL A 265 28.81 -0.47 -27.62
N THR A 266 29.84 -0.73 -28.43
CA THR A 266 31.07 0.05 -28.40
C THR A 266 31.58 0.23 -29.80
N TRP A 267 31.62 1.47 -30.28
CA TRP A 267 32.19 1.76 -31.60
C TRP A 267 33.70 1.55 -31.54
N ALA A 268 34.25 0.89 -32.56
CA ALA A 268 35.69 0.67 -32.68
C ALA A 268 36.37 1.75 -33.53
N THR A 269 35.79 2.02 -34.70
CA THR A 269 36.33 3.01 -35.64
C THR A 269 35.16 3.75 -36.27
N GLN A 270 35.45 4.56 -37.29
CA GLN A 270 34.41 5.29 -38.00
C GLN A 270 33.46 4.34 -38.72
N GLU A 271 33.93 3.13 -39.03
CA GLU A 271 33.14 2.18 -39.83
C GLU A 271 33.06 0.78 -39.23
N ARG A 272 33.45 0.66 -37.95
CA ARG A 272 33.45 -0.63 -37.24
C ARG A 272 32.80 -0.48 -35.86
N ILE A 273 31.78 -1.28 -35.61
CA ILE A 273 31.06 -1.29 -34.34
C ILE A 273 31.09 -2.70 -33.70
N SER A 274 31.28 -2.76 -32.38
CA SER A 274 31.16 -4.03 -31.68
C SER A 274 29.90 -4.07 -30.82
N LEU A 275 29.29 -5.24 -30.77
CA LEU A 275 28.13 -5.48 -29.91
C LEU A 275 28.37 -6.75 -29.15
N GLN A 276 27.93 -6.77 -27.90
CA GLN A 276 27.90 -8.01 -27.16
C GLN A 276 26.46 -8.36 -26.83
N TRP A 277 26.16 -9.65 -27.04
CA TRP A 277 24.86 -10.22 -26.74
C TRP A 277 25.04 -11.21 -25.59
N LEU A 278 24.00 -11.36 -24.77
CA LEU A 278 24.03 -12.23 -23.60
C LEU A 278 22.81 -13.15 -23.62
N ARG A 279 23.02 -14.45 -23.38
CA ARG A 279 21.90 -15.39 -23.28
C ARG A 279 21.08 -15.10 -22.03
N ARG A 280 19.78 -15.46 -22.06
CA ARG A 280 18.94 -15.25 -20.86
C ARG A 280 19.53 -16.02 -19.68
N ILE A 281 20.12 -17.19 -19.96
CA ILE A 281 21.00 -17.87 -19.01
C ILE A 281 22.37 -17.21 -19.15
N GLN A 282 22.66 -16.30 -18.22
CA GLN A 282 23.70 -15.29 -18.40
C GLN A 282 25.13 -15.78 -18.13
N ASN A 283 25.39 -17.03 -18.50
CA ASN A 283 26.76 -17.55 -18.48
C ASN A 283 27.39 -17.75 -19.87
N TYR A 284 26.74 -17.18 -20.88
CA TYR A 284 27.23 -17.26 -22.26
C TYR A 284 26.99 -15.95 -23.00
N SER A 285 28.06 -15.32 -23.46
CA SER A 285 27.96 -14.05 -24.15
C SER A 285 28.80 -14.12 -25.44
N VAL A 286 28.38 -13.36 -26.45
CA VAL A 286 29.07 -13.34 -27.73
C VAL A 286 29.26 -11.90 -28.18
N MET A 287 30.49 -11.56 -28.56
CA MET A 287 30.76 -10.27 -29.20
C MET A 287 30.83 -10.44 -30.71
N ASP A 288 30.06 -9.62 -31.43
CA ASP A 288 30.19 -9.49 -32.89
C ASP A 288 30.96 -8.21 -33.20
N ILE A 289 31.82 -8.27 -34.22
CA ILE A 289 32.52 -7.10 -34.71
C ILE A 289 32.07 -6.86 -36.15
N CYS A 290 31.43 -5.71 -36.38
CA CYS A 290 30.72 -5.44 -37.63
C CYS A 290 31.29 -4.25 -38.39
N ASP A 291 31.54 -4.46 -39.69
CA ASP A 291 32.16 -3.48 -40.56
C ASP A 291 31.17 -2.97 -41.60
N TYR A 292 31.17 -1.66 -41.80
CA TYR A 292 30.38 -1.05 -42.87
C TYR A 292 30.92 -1.42 -44.26
N ASP A 293 30.03 -1.83 -45.16
CA ASP A 293 30.34 -2.14 -46.56
C ASP A 293 29.82 -1.00 -47.43
N GLU A 294 30.74 -0.17 -47.93
CA GLU A 294 30.41 1.07 -48.64
C GLU A 294 29.70 0.85 -49.98
N SER A 295 29.83 -0.35 -50.54
CA SER A 295 29.23 -0.67 -51.83
C SER A 295 27.79 -1.17 -51.69
N SER A 296 27.49 -1.84 -50.58
CA SER A 296 26.16 -2.37 -50.33
C SER A 296 25.40 -1.52 -49.31
N GLY A 297 26.13 -0.70 -48.56
CA GLY A 297 25.55 0.07 -47.47
C GLY A 297 25.12 -0.79 -46.29
N ARG A 298 25.55 -2.05 -46.29
CA ARG A 298 25.21 -2.99 -45.22
C ARG A 298 26.33 -3.07 -44.18
N TRP A 299 26.00 -3.65 -43.03
CA TRP A 299 26.96 -3.90 -41.96
C TRP A 299 27.14 -5.42 -41.83
N ASN A 300 28.35 -5.90 -42.09
CA ASN A 300 28.63 -7.32 -42.03
C ASN A 300 29.50 -7.67 -40.83
N CYS A 301 29.11 -8.72 -40.12
CA CYS A 301 29.82 -9.17 -38.94
C CYS A 301 30.41 -10.55 -39.24
N LEU A 302 31.66 -10.57 -39.67
CA LEU A 302 32.37 -11.81 -39.97
C LEU A 302 32.43 -12.75 -38.76
N VAL A 303 32.14 -14.03 -39.01
CA VAL A 303 32.17 -15.04 -37.96
C VAL A 303 33.60 -15.23 -37.41
N ALA A 304 34.60 -15.11 -38.27
CA ALA A 304 36.01 -15.11 -37.84
C ALA A 304 36.31 -14.04 -36.78
N ARG A 305 35.44 -13.05 -36.68
CA ARG A 305 35.65 -11.96 -35.73
C ARG A 305 34.73 -12.04 -34.51
N GLN A 306 34.05 -13.17 -34.33
CA GLN A 306 33.22 -13.41 -33.14
C GLN A 306 34.07 -13.82 -31.95
N HIS A 307 33.70 -13.32 -30.77
CA HIS A 307 34.41 -13.67 -29.55
C HIS A 307 33.41 -14.14 -28.51
N ILE A 308 33.57 -15.39 -28.08
CA ILE A 308 32.71 -15.97 -27.07
C ILE A 308 33.31 -15.73 -25.69
N GLU A 309 32.45 -15.35 -24.74
CA GLU A 309 32.87 -15.25 -23.35
C GLU A 309 31.88 -16.02 -22.49
N MET A 310 32.37 -17.05 -21.80
CA MET A 310 31.49 -17.88 -20.98
C MET A 310 32.04 -18.08 -19.56
N SER A 311 31.19 -18.58 -18.67
CA SER A 311 31.60 -18.90 -17.31
C SER A 311 31.08 -20.28 -16.94
N THR A 312 31.94 -21.10 -16.36
CA THR A 312 31.54 -22.41 -15.85
C THR A 312 31.17 -22.37 -14.36
N THR A 313 31.53 -21.28 -13.67
CA THR A 313 31.31 -21.17 -12.23
C THR A 313 30.18 -20.20 -11.84
N GLY A 314 29.83 -19.30 -12.75
CA GLY A 314 28.78 -18.34 -12.49
C GLY A 314 28.28 -17.67 -13.75
N TRP A 315 28.04 -16.37 -13.63
CA TRP A 315 27.54 -15.54 -14.72
C TRP A 315 28.74 -14.85 -15.40
N VAL A 316 28.51 -14.14 -16.51
CA VAL A 316 29.60 -13.43 -17.19
C VAL A 316 29.68 -11.96 -16.74
N GLY A 317 30.87 -11.54 -16.34
CA GLY A 317 31.12 -10.16 -15.94
C GLY A 317 30.74 -9.92 -14.50
N ARG A 318 31.11 -8.76 -13.98
CA ARG A 318 30.70 -8.40 -12.62
C ARG A 318 29.17 -8.23 -12.50
N PHE A 319 28.61 -7.35 -13.33
CA PHE A 319 27.16 -7.19 -13.44
C PHE A 319 26.69 -7.39 -14.91
N ARG A 320 27.64 -7.40 -15.84
CA ARG A 320 27.42 -7.70 -17.26
C ARG A 320 28.79 -7.88 -17.91
N PRO A 321 28.85 -8.52 -19.09
CA PRO A 321 30.16 -8.58 -19.77
C PRO A 321 30.79 -7.19 -19.92
N SER A 322 32.10 -7.11 -19.73
CA SER A 322 32.84 -5.84 -19.70
C SER A 322 32.92 -5.22 -21.11
N GLU A 323 33.20 -3.91 -21.14
CA GLU A 323 33.32 -3.20 -22.40
C GLU A 323 34.73 -3.35 -22.99
N PRO A 324 34.81 -3.50 -24.34
CA PRO A 324 36.14 -3.56 -24.99
C PRO A 324 36.72 -2.17 -25.17
N HIS A 325 38.05 -2.09 -25.20
CA HIS A 325 38.73 -0.84 -25.44
C HIS A 325 39.62 -1.03 -26.66
N PHE A 326 39.17 -0.47 -27.78
CA PHE A 326 39.83 -0.65 -29.07
C PHE A 326 41.02 0.30 -29.23
N THR A 327 42.04 -0.19 -29.93
CA THR A 327 43.18 0.61 -30.38
C THR A 327 42.75 1.60 -31.48
N LEU A 328 43.65 2.52 -31.85
CA LEU A 328 43.35 3.53 -32.87
C LEU A 328 42.84 2.95 -34.19
N ASP A 329 43.51 1.93 -34.71
CA ASP A 329 43.09 1.30 -35.96
C ASP A 329 41.92 0.33 -35.80
N GLY A 330 41.53 0.05 -34.56
CA GLY A 330 40.44 -0.87 -34.26
C GLY A 330 40.66 -2.32 -34.66
N ASN A 331 41.93 -2.71 -34.87
CA ASN A 331 42.28 -4.08 -35.24
C ASN A 331 42.50 -4.99 -34.02
N SER A 332 42.60 -4.37 -32.85
CA SER A 332 42.74 -5.11 -31.61
C SER A 332 42.07 -4.36 -30.46
N PHE A 333 41.88 -5.04 -29.34
CA PHE A 333 41.22 -4.45 -28.18
C PHE A 333 41.61 -5.08 -26.87
N TYR A 334 41.42 -4.32 -25.79
CA TYR A 334 41.69 -4.78 -24.45
C TYR A 334 40.38 -4.89 -23.70
N LYS A 335 40.25 -5.93 -22.90
CA LYS A 335 38.99 -6.20 -22.22
C LYS A 335 39.31 -6.90 -20.89
N ILE A 336 38.60 -6.53 -19.83
CA ILE A 336 38.76 -7.22 -18.56
C ILE A 336 37.91 -8.48 -18.59
N ILE A 337 38.54 -9.62 -18.34
CA ILE A 337 37.82 -10.89 -18.23
C ILE A 337 38.41 -11.70 -17.07
N SER A 338 37.64 -12.66 -16.58
CA SER A 338 38.10 -13.51 -15.50
C SER A 338 39.12 -14.52 -16.03
N ASN A 339 40.34 -14.54 -15.47
CA ASN A 339 41.37 -15.48 -15.91
C ASN A 339 41.12 -16.92 -15.39
N GLU A 340 42.04 -17.84 -15.66
CA GLU A 340 41.88 -19.23 -15.22
C GLU A 340 41.87 -19.42 -13.69
N GLU A 341 42.41 -18.45 -12.94
CA GLU A 341 42.36 -18.47 -11.46
C GLU A 341 41.09 -17.77 -10.92
N GLY A 342 40.28 -17.24 -11.84
CA GLY A 342 39.07 -16.55 -11.46
C GLY A 342 39.28 -15.11 -11.03
N TYR A 343 40.43 -14.52 -11.37
CA TYR A 343 40.67 -13.10 -11.08
C TYR A 343 40.51 -12.27 -12.37
N ARG A 344 39.88 -11.10 -12.24
CA ARG A 344 39.58 -10.28 -13.41
C ARG A 344 40.80 -9.46 -13.77
N HIS A 345 41.27 -9.70 -14.99
CA HIS A 345 42.48 -9.09 -15.52
C HIS A 345 42.29 -8.63 -16.95
N ILE A 346 43.24 -7.84 -17.45
CA ILE A 346 43.13 -7.29 -18.79
C ILE A 346 43.67 -8.29 -19.80
N CYS A 347 42.83 -8.64 -20.78
CA CYS A 347 43.22 -9.55 -21.86
C CYS A 347 43.32 -8.73 -23.14
N TYR A 348 44.31 -9.02 -23.96
CA TYR A 348 44.50 -8.36 -25.24
C TYR A 348 44.03 -9.28 -26.38
N PHE A 349 43.05 -8.81 -27.16
CA PHE A 349 42.48 -9.57 -28.28
C PHE A 349 42.85 -8.98 -29.64
N GLN A 350 43.08 -9.85 -30.63
CA GLN A 350 43.14 -9.45 -32.04
C GLN A 350 41.74 -9.67 -32.56
N ILE A 351 41.24 -8.80 -33.44
CA ILE A 351 39.81 -8.91 -33.80
C ILE A 351 39.46 -10.24 -34.47
N ASP A 352 40.43 -10.87 -35.13
CA ASP A 352 40.19 -12.11 -35.84
C ASP A 352 41.00 -13.30 -35.29
N LYS A 353 41.35 -13.25 -34.02
CA LYS A 353 41.97 -14.40 -33.36
C LYS A 353 41.21 -14.74 -32.10
N LYS A 354 41.05 -16.05 -31.89
CA LYS A 354 40.24 -16.59 -30.79
C LYS A 354 40.91 -16.42 -29.42
N ASP A 355 42.20 -16.70 -29.35
CA ASP A 355 42.90 -16.64 -28.07
C ASP A 355 43.31 -15.20 -27.79
N CYS A 356 43.04 -14.75 -26.57
CA CYS A 356 43.57 -13.47 -26.10
C CYS A 356 44.76 -13.69 -25.17
N THR A 357 45.55 -12.64 -24.95
CA THR A 357 46.70 -12.72 -24.07
C THR A 357 46.47 -11.82 -22.85
N PHE A 358 46.61 -12.39 -21.65
CA PHE A 358 46.46 -11.58 -20.44
C PHE A 358 47.71 -10.74 -20.28
N ILE A 359 47.51 -9.46 -19.99
CA ILE A 359 48.63 -8.55 -19.85
C ILE A 359 48.87 -8.17 -18.40
N THR A 360 47.88 -8.46 -17.55
CA THR A 360 48.03 -8.40 -16.09
C THR A 360 47.63 -9.74 -15.46
N LYS A 361 48.11 -9.97 -14.24
CA LYS A 361 47.84 -11.20 -13.52
C LYS A 361 48.16 -11.03 -12.04
N GLY A 362 47.59 -11.89 -11.21
CA GLY A 362 47.91 -11.91 -9.79
C GLY A 362 46.63 -12.04 -8.99
N THR A 363 46.77 -12.17 -7.66
CA THR A 363 45.64 -12.39 -6.77
C THR A 363 45.09 -11.05 -6.30
N TRP A 364 44.52 -10.32 -7.25
CA TRP A 364 43.92 -9.01 -7.09
C TRP A 364 43.19 -8.82 -8.42
N GLU A 365 42.47 -7.72 -8.57
CA GLU A 365 41.69 -7.52 -9.79
C GLU A 365 41.83 -6.13 -10.40
N VAL A 366 41.68 -6.08 -11.72
CA VAL A 366 41.55 -4.82 -12.42
C VAL A 366 40.09 -4.39 -12.28
N ILE A 367 39.88 -3.15 -11.84
CA ILE A 367 38.55 -2.59 -11.64
C ILE A 367 38.00 -2.01 -12.95
N GLY A 368 38.84 -1.28 -13.68
CA GLY A 368 38.42 -0.66 -14.94
C GLY A 368 39.61 -0.26 -15.78
N ILE A 369 39.43 -0.30 -17.10
CA ILE A 369 40.37 0.29 -18.04
C ILE A 369 39.96 1.74 -18.25
N GLU A 370 40.90 2.66 -18.09
CA GLU A 370 40.58 4.11 -18.02
C GLU A 370 41.03 4.91 -19.24
N ALA A 371 42.19 4.58 -19.81
CA ALA A 371 42.67 5.23 -21.02
C ALA A 371 43.61 4.29 -21.76
N LEU A 372 43.72 4.51 -23.08
CA LEU A 372 44.59 3.72 -23.93
C LEU A 372 45.30 4.65 -24.91
N THR A 373 46.62 4.54 -24.96
CA THR A 373 47.46 5.14 -26.02
C THR A 373 48.25 4.04 -26.71
N SER A 374 49.02 4.39 -27.75
CA SER A 374 49.85 3.40 -28.44
C SER A 374 50.94 2.83 -27.52
N ASP A 375 51.31 3.58 -26.47
CA ASP A 375 52.39 3.16 -25.58
C ASP A 375 51.94 2.57 -24.24
N TYR A 376 50.82 3.05 -23.71
CA TYR A 376 50.36 2.68 -22.37
C TYR A 376 48.87 2.41 -22.32
N LEU A 377 48.50 1.48 -21.45
CA LEU A 377 47.13 1.34 -21.04
C LEU A 377 47.06 1.73 -19.57
N TYR A 378 46.07 2.56 -19.23
CA TYR A 378 45.88 3.09 -17.89
C TYR A 378 44.68 2.41 -17.27
N TYR A 379 44.85 1.89 -16.05
CA TYR A 379 43.78 1.17 -15.38
C TYR A 379 43.79 1.39 -13.87
N ILE A 380 42.64 1.16 -13.25
CA ILE A 380 42.49 1.17 -11.79
C ILE A 380 42.48 -0.29 -11.30
N SER A 381 43.21 -0.57 -10.22
CA SER A 381 43.17 -1.92 -9.62
C SER A 381 43.27 -1.82 -8.11
N ASN A 382 42.99 -2.93 -7.44
CA ASN A 382 43.20 -3.02 -6.00
C ASN A 382 44.45 -3.81 -5.63
N GLU A 383 45.46 -3.79 -6.51
CA GLU A 383 46.71 -4.50 -6.24
C GLU A 383 47.46 -4.01 -4.99
N TYR A 384 47.50 -2.69 -4.78
CA TYR A 384 48.41 -2.11 -3.80
C TYR A 384 48.18 -2.64 -2.39
N LYS A 385 49.27 -3.07 -1.76
CA LYS A 385 49.25 -3.62 -0.40
C LYS A 385 48.26 -4.78 -0.24
N GLY A 386 47.86 -5.39 -1.36
CA GLY A 386 46.88 -6.48 -1.34
C GLY A 386 45.58 -6.12 -0.61
N MET A 387 45.18 -4.85 -0.69
CA MET A 387 43.92 -4.42 -0.07
C MET A 387 42.80 -4.34 -1.10
N PRO A 388 41.84 -5.30 -1.06
CA PRO A 388 40.80 -5.35 -2.10
C PRO A 388 39.87 -4.14 -2.06
N GLY A 389 39.84 -3.45 -0.92
CA GLY A 389 39.03 -2.24 -0.75
C GLY A 389 39.75 -0.91 -0.98
N GLY A 390 40.97 -0.97 -1.53
CA GLY A 390 41.71 0.22 -1.97
C GLY A 390 41.71 0.27 -3.50
N ARG A 391 41.95 1.45 -4.08
CA ARG A 391 41.93 1.62 -5.56
C ARG A 391 43.04 2.57 -5.95
N ASN A 392 43.87 2.18 -6.93
CA ASN A 392 44.93 3.02 -7.42
C ASN A 392 45.02 2.99 -8.94
N LEU A 393 45.60 4.05 -9.51
CA LEU A 393 45.83 4.15 -10.94
C LEU A 393 47.20 3.63 -11.32
N TYR A 394 47.24 2.79 -12.36
CA TYR A 394 48.47 2.18 -12.88
C TYR A 394 48.56 2.42 -14.37
N LYS A 395 49.76 2.35 -14.90
CA LYS A 395 49.91 2.27 -16.35
C LYS A 395 50.78 1.07 -16.68
N ILE A 396 50.45 0.40 -17.77
CA ILE A 396 51.23 -0.75 -18.23
C ILE A 396 51.84 -0.45 -19.61
N GLN A 397 53.14 -0.70 -19.75
CA GLN A 397 53.82 -0.49 -21.01
C GLN A 397 53.44 -1.61 -21.99
N LEU A 398 52.75 -1.23 -23.07
CA LEU A 398 52.23 -2.21 -24.02
C LEU A 398 53.34 -3.02 -24.75
N SER A 399 54.54 -2.46 -24.87
CA SER A 399 55.66 -3.19 -25.49
C SER A 399 56.40 -4.13 -24.49
N ASP A 400 56.11 -3.97 -23.20
CA ASP A 400 56.75 -4.79 -22.16
C ASP A 400 55.86 -4.84 -20.92
N TYR A 401 55.06 -5.91 -20.84
CA TYR A 401 54.05 -6.05 -19.78
C TYR A 401 54.64 -6.16 -18.37
N THR A 402 55.93 -6.47 -18.28
CA THR A 402 56.61 -6.50 -16.98
C THR A 402 56.80 -5.09 -16.40
N LYS A 403 56.59 -4.06 -17.23
CA LYS A 403 56.77 -2.69 -16.80
C LYS A 403 55.44 -2.00 -16.44
N VAL A 404 55.06 -2.18 -15.19
CA VAL A 404 53.82 -1.63 -14.64
C VAL A 404 54.21 -0.58 -13.61
N THR A 405 53.65 0.62 -13.73
CA THR A 405 53.97 1.74 -12.82
C THR A 405 52.73 2.17 -12.07
N CYS A 406 52.80 2.21 -10.73
CA CYS A 406 51.67 2.77 -9.98
C CYS A 406 51.79 4.27 -10.02
N LEU A 407 50.70 4.93 -10.43
CA LEU A 407 50.73 6.39 -10.62
C LEU A 407 50.15 7.16 -9.44
N SER A 408 49.41 6.48 -8.57
CA SER A 408 48.80 7.16 -7.43
C SER A 408 49.20 6.62 -6.05
N CYS A 409 49.78 5.42 -6.00
CA CYS A 409 50.00 4.69 -4.73
C CYS A 409 50.74 5.55 -3.70
N GLU A 410 51.76 6.25 -4.16
CA GLU A 410 52.69 6.95 -3.27
C GLU A 410 52.49 8.45 -3.15
N LEU A 411 51.47 9.00 -3.80
CA LEU A 411 51.24 10.46 -3.73
C LEU A 411 51.01 10.92 -2.30
N ASN A 412 50.10 10.24 -1.60
CA ASN A 412 49.83 10.50 -0.20
C ASN A 412 49.25 9.25 0.46
N PRO A 413 50.13 8.29 0.82
CA PRO A 413 49.73 6.96 1.29
C PRO A 413 48.83 6.99 2.53
N GLU A 414 49.04 7.95 3.44
CA GLU A 414 48.18 8.02 4.65
C GLU A 414 46.78 8.55 4.35
N ARG A 415 46.67 9.53 3.45
CA ARG A 415 45.40 10.18 3.17
C ARG A 415 44.62 9.49 2.05
N CYS A 416 45.35 8.92 1.10
CA CYS A 416 44.77 8.51 -0.17
C CYS A 416 45.08 7.08 -0.58
N GLN A 417 44.05 6.24 -0.45
CA GLN A 417 44.13 4.83 -0.81
C GLN A 417 43.00 4.41 -1.74
N TYR A 418 42.16 5.35 -2.17
CA TYR A 418 41.03 5.05 -3.03
C TYR A 418 40.89 6.14 -4.09
N TYR A 419 41.28 5.83 -5.30
CA TYR A 419 41.28 6.81 -6.40
C TYR A 419 40.32 6.42 -7.51
N SER A 420 39.75 7.44 -8.15
CA SER A 420 39.23 7.34 -9.51
C SER A 420 39.96 8.39 -10.35
N VAL A 421 39.76 8.35 -11.67
CA VAL A 421 40.52 9.19 -12.59
C VAL A 421 39.66 9.72 -13.75
N SER A 422 40.00 10.90 -14.25
CA SER A 422 39.40 11.45 -15.46
C SER A 422 40.48 11.95 -16.42
N PHE A 423 40.61 11.27 -17.56
CA PHE A 423 41.63 11.61 -18.57
C PHE A 423 41.09 12.63 -19.59
N SER A 424 41.97 13.49 -20.09
CA SER A 424 41.62 14.41 -21.19
C SER A 424 41.48 13.63 -22.50
N LYS A 425 41.05 14.29 -23.59
CA LYS A 425 40.64 13.60 -24.83
C LYS A 425 41.62 12.55 -25.39
N GLU A 426 42.92 12.85 -25.40
CA GLU A 426 43.93 11.89 -25.88
C GLU A 426 44.92 11.51 -24.77
N ALA A 427 44.46 11.58 -23.52
CA ALA A 427 45.19 11.11 -22.34
C ALA A 427 46.47 11.89 -22.05
N LYS A 428 46.54 13.13 -22.55
CA LYS A 428 47.65 14.03 -22.26
C LYS A 428 47.67 14.43 -20.77
N TYR A 429 46.48 14.55 -20.18
CA TYR A 429 46.33 14.97 -18.79
C TYR A 429 45.40 14.06 -18.06
N TYR A 430 45.56 13.99 -16.74
CA TYR A 430 44.57 13.30 -15.94
C TYR A 430 44.27 13.99 -14.62
N GLN A 431 43.00 13.96 -14.25
CA GLN A 431 42.58 14.39 -12.93
C GLN A 431 42.46 13.16 -12.05
N LEU A 432 43.18 13.17 -10.91
CA LEU A 432 42.96 12.15 -9.88
C LEU A 432 41.99 12.62 -8.80
N ARG A 433 41.10 11.72 -8.40
CA ARG A 433 40.10 11.97 -7.36
C ARG A 433 40.30 10.92 -6.27
N CYS A 434 40.90 11.37 -5.17
CA CYS A 434 41.13 10.55 -3.98
C CYS A 434 39.87 10.71 -3.12
N SER A 435 39.26 9.60 -2.70
CA SER A 435 38.06 9.71 -1.87
C SER A 435 38.21 9.13 -0.47
N GLY A 436 39.43 8.73 -0.09
CA GLY A 436 39.68 8.28 1.28
C GLY A 436 40.98 7.52 1.43
N PRO A 437 41.36 7.18 2.69
CA PRO A 437 40.61 7.34 3.94
C PRO A 437 40.54 8.77 4.51
N GLY A 438 41.43 9.67 4.08
CA GLY A 438 41.36 11.08 4.47
C GLY A 438 40.28 11.83 3.70
N LEU A 439 40.27 13.15 3.85
CA LEU A 439 39.32 13.99 3.11
C LEU A 439 39.63 13.95 1.61
N PRO A 440 38.58 13.93 0.74
CA PRO A 440 38.82 13.87 -0.70
C PRO A 440 39.79 14.93 -1.20
N LEU A 441 40.58 14.51 -2.18
CA LEU A 441 41.67 15.32 -2.69
C LEU A 441 41.69 15.21 -4.20
N TYR A 442 41.61 16.35 -4.86
CA TYR A 442 41.54 16.42 -6.33
C TYR A 442 42.79 17.06 -6.85
N THR A 443 43.46 16.37 -7.76
CA THR A 443 44.74 16.83 -8.32
C THR A 443 44.78 16.65 -9.84
N LEU A 444 45.57 17.47 -10.51
CA LEU A 444 45.75 17.39 -11.96
C LEU A 444 47.19 17.01 -12.31
N HIS A 445 47.35 16.18 -13.33
CA HIS A 445 48.61 15.56 -13.70
C HIS A 445 48.79 15.58 -15.21
N SER A 446 50.04 15.59 -15.68
CA SER A 446 50.32 15.36 -17.11
C SER A 446 50.93 14.00 -17.34
N SER A 447 50.46 13.33 -18.38
CA SER A 447 50.86 11.96 -18.68
C SER A 447 52.31 11.76 -19.12
N VAL A 448 52.88 12.73 -19.83
CA VAL A 448 54.21 12.48 -20.45
C VAL A 448 55.30 12.05 -19.44
N ASN A 449 55.42 12.78 -18.32
CA ASN A 449 56.32 12.38 -17.25
C ASN A 449 55.62 12.19 -15.90
N ASP A 450 54.29 12.04 -15.94
CA ASP A 450 53.45 11.95 -14.73
C ASP A 450 53.75 13.04 -13.70
N LYS A 451 53.89 14.28 -14.17
CA LYS A 451 54.07 15.41 -13.26
C LYS A 451 52.78 15.65 -12.52
N GLY A 452 52.89 16.01 -11.25
CA GLY A 452 51.74 16.40 -10.45
C GLY A 452 51.66 17.90 -10.59
N LEU A 453 50.82 18.37 -11.49
CA LEU A 453 50.78 19.79 -11.87
C LEU A 453 50.27 20.66 -10.72
N ARG A 454 49.09 20.37 -10.21
CA ARG A 454 48.52 21.20 -9.12
C ARG A 454 47.40 20.54 -8.35
N VAL A 455 47.15 21.09 -7.17
CA VAL A 455 46.04 20.68 -6.34
C VAL A 455 44.82 21.49 -6.75
N LEU A 456 43.75 20.79 -7.11
CA LEU A 456 42.50 21.44 -7.57
C LEU A 456 41.55 21.76 -6.40
N GLU A 457 41.43 20.82 -5.47
CA GLU A 457 40.58 20.98 -4.29
C GLU A 457 41.07 20.01 -3.22
N ASP A 458 41.46 20.56 -2.07
CA ASP A 458 42.01 19.73 -0.97
C ASP A 458 41.10 19.61 0.26
N ASN A 459 39.88 20.15 0.17
CA ASN A 459 38.95 20.19 1.30
C ASN A 459 39.50 20.76 2.61
N SER A 460 40.43 21.71 2.50
CA SER A 460 41.01 22.32 3.69
C SER A 460 39.96 23.08 4.53
N ALA A 461 38.90 23.57 3.89
CA ALA A 461 37.82 24.23 4.63
C ALA A 461 37.17 23.24 5.59
N LEU A 462 36.74 22.09 5.06
CA LEU A 462 36.10 21.04 5.86
C LEU A 462 37.01 20.52 6.97
N ASP A 463 38.28 20.33 6.65
CA ASP A 463 39.27 19.90 7.61
C ASP A 463 39.29 20.83 8.84
N LYS A 464 39.30 22.15 8.59
CA LYS A 464 39.30 23.14 9.67
C LYS A 464 38.04 22.99 10.53
N MET A 465 36.87 22.84 9.89
CA MET A 465 35.61 22.66 10.61
C MET A 465 35.60 21.40 11.47
N LEU A 466 36.08 20.30 10.90
CA LEU A 466 36.05 18.99 11.56
C LEU A 466 37.01 18.88 12.75
N GLN A 467 38.01 19.76 12.81
CA GLN A 467 38.93 19.86 13.95
C GLN A 467 38.20 20.15 15.27
N ASN A 468 37.05 20.82 15.16
CA ASN A 468 36.23 21.18 16.30
C ASN A 468 35.11 20.19 16.60
N VAL A 469 35.19 18.99 16.01
CA VAL A 469 34.18 17.94 16.16
C VAL A 469 34.85 16.64 16.60
N GLN A 470 34.21 15.91 17.52
CA GLN A 470 34.71 14.60 17.94
C GLN A 470 34.29 13.56 16.90
N MET A 471 35.16 13.36 15.92
CA MET A 471 34.83 12.47 14.79
C MET A 471 35.23 11.03 15.10
N PRO A 472 34.47 10.06 14.54
CA PRO A 472 34.85 8.65 14.69
C PRO A 472 36.05 8.29 13.82
N SER A 473 36.63 7.12 14.07
CA SER A 473 37.69 6.60 13.22
C SER A 473 37.14 5.37 12.50
N LYS A 474 37.91 4.90 11.52
CA LYS A 474 37.57 3.69 10.80
C LYS A 474 38.74 2.71 10.88
N LYS A 475 38.43 1.49 11.32
CA LYS A 475 39.36 0.38 11.24
C LYS A 475 38.97 -0.49 10.06
N LEU A 476 39.95 -0.77 9.19
CA LEU A 476 39.77 -1.74 8.11
C LEU A 476 40.74 -2.90 8.36
N ASP A 477 40.21 -4.12 8.40
CA ASP A 477 41.01 -5.30 8.76
C ASP A 477 40.32 -6.54 8.20
N PHE A 478 40.82 -7.72 8.57
CA PHE A 478 40.24 -8.97 8.06
C PHE A 478 40.12 -10.05 9.12
N ILE A 479 39.20 -10.98 8.88
CA ILE A 479 39.16 -12.21 9.64
C ILE A 479 39.36 -13.37 8.69
N ILE A 480 39.76 -14.50 9.22
CA ILE A 480 39.93 -15.69 8.38
C ILE A 480 38.77 -16.64 8.61
N LEU A 481 38.15 -17.06 7.51
CA LEU A 481 37.17 -18.15 7.54
C LEU A 481 37.63 -19.19 6.54
N ASN A 482 37.93 -20.40 7.04
CA ASN A 482 38.26 -21.53 6.18
C ASN A 482 39.47 -21.23 5.30
N GLU A 483 40.54 -20.77 5.93
CA GLU A 483 41.79 -20.38 5.24
C GLU A 483 41.67 -19.19 4.27
N THR A 484 40.52 -18.52 4.23
CA THR A 484 40.34 -17.36 3.35
C THR A 484 40.17 -16.08 4.18
N LYS A 485 40.85 -15.00 3.78
CA LYS A 485 40.59 -13.72 4.41
C LYS A 485 39.37 -13.02 3.84
N PHE A 486 38.58 -12.49 4.76
CA PHE A 486 37.40 -11.72 4.45
C PHE A 486 37.52 -10.44 5.25
N TRP A 487 37.34 -9.32 4.55
CA TRP A 487 37.58 -7.99 5.10
C TRP A 487 36.35 -7.41 5.77
N TYR A 488 36.58 -6.64 6.82
CA TYR A 488 35.55 -5.88 7.47
C TYR A 488 36.05 -4.47 7.77
N GLN A 489 35.10 -3.56 8.02
CA GLN A 489 35.45 -2.24 8.56
C GLN A 489 34.61 -2.00 9.79
N MET A 490 35.15 -1.20 10.72
CA MET A 490 34.38 -0.72 11.86
C MET A 490 34.46 0.80 11.96
N ILE A 491 33.31 1.45 12.09
CA ILE A 491 33.31 2.87 12.41
C ILE A 491 33.30 2.92 13.93
N LEU A 492 34.39 3.47 14.48
CA LEU A 492 34.59 3.41 15.93
C LEU A 492 34.33 4.76 16.57
N PRO A 493 33.61 4.79 17.71
CA PRO A 493 33.38 6.04 18.44
C PRO A 493 34.66 6.83 18.75
N PRO A 494 34.55 8.17 18.87
CA PRO A 494 35.70 8.99 19.28
C PRO A 494 36.21 8.51 20.64
N HIS A 495 37.51 8.64 20.88
CA HIS A 495 38.14 8.23 22.15
C HIS A 495 37.85 6.75 22.46
N PHE A 496 37.84 5.93 21.42
CA PHE A 496 37.58 4.50 21.51
C PHE A 496 38.45 3.82 22.59
N ASP A 497 37.79 3.16 23.53
CA ASP A 497 38.45 2.50 24.66
C ASP A 497 38.22 0.99 24.58
N LYS A 498 39.24 0.25 24.13
CA LYS A 498 39.14 -1.21 23.93
C LYS A 498 38.86 -2.01 25.20
N SER A 499 38.88 -1.33 26.35
CA SER A 499 38.51 -1.93 27.64
C SER A 499 37.04 -1.67 28.00
N LYS A 500 36.32 -0.98 27.12
CA LYS A 500 34.90 -0.75 27.32
C LYS A 500 34.13 -1.65 26.36
N LYS A 501 32.87 -1.91 26.69
CA LYS A 501 32.00 -2.71 25.84
C LYS A 501 31.02 -1.77 25.12
N TYR A 502 31.06 -1.78 23.79
CA TYR A 502 30.18 -0.93 23.00
C TYR A 502 29.09 -1.77 22.34
N PRO A 503 27.89 -1.18 22.14
CA PRO A 503 26.94 -1.88 21.27
C PRO A 503 27.46 -1.84 19.84
N LEU A 504 26.96 -2.76 19.01
CA LEU A 504 27.45 -2.86 17.66
C LEU A 504 26.28 -3.00 16.70
N LEU A 505 26.27 -2.14 15.69
CA LEU A 505 25.32 -2.24 14.59
C LEU A 505 26.03 -2.77 13.34
N LEU A 506 25.53 -3.90 12.83
CA LEU A 506 26.04 -4.45 11.59
C LEU A 506 25.30 -3.86 10.39
N ASP A 507 26.03 -3.09 9.59
CA ASP A 507 25.48 -2.38 8.43
C ASP A 507 25.75 -3.26 7.22
N VAL A 508 24.69 -3.82 6.63
CA VAL A 508 24.86 -4.87 5.63
C VAL A 508 24.31 -4.48 4.25
N TYR A 509 25.06 -4.88 3.22
CA TYR A 509 24.50 -4.94 1.88
C TYR A 509 24.60 -6.38 1.38
N ALA A 510 25.81 -6.82 1.02
CA ALA A 510 26.15 -8.22 0.80
C ALA A 510 25.57 -8.85 -0.48
N GLY A 511 25.09 -8.01 -1.40
CA GLY A 511 24.70 -8.48 -2.72
C GLY A 511 25.90 -9.02 -3.50
N PRO A 512 25.65 -9.78 -4.58
CA PRO A 512 26.72 -10.31 -5.41
C PRO A 512 27.61 -9.19 -5.95
N CYS A 513 28.90 -9.33 -5.72
CA CYS A 513 29.91 -8.34 -6.15
C CYS A 513 29.88 -7.04 -5.33
N SER A 514 29.29 -7.09 -4.14
CA SER A 514 29.24 -5.90 -3.30
C SER A 514 30.57 -5.74 -2.58
N GLN A 515 30.80 -4.52 -2.08
CA GLN A 515 31.95 -4.28 -1.22
C GLN A 515 31.55 -3.20 -0.23
N LYS A 516 31.51 -3.57 1.05
CA LYS A 516 31.11 -2.67 2.13
C LYS A 516 32.26 -2.36 3.07
N ALA A 517 33.40 -3.01 2.82
CA ALA A 517 34.63 -2.76 3.58
C ALA A 517 35.62 -2.12 2.62
N ASP A 518 35.89 -0.83 2.81
CA ASP A 518 36.78 -0.08 1.92
C ASP A 518 37.48 1.10 2.61
N THR A 519 38.30 1.83 1.85
CA THR A 519 39.04 2.96 2.41
C THR A 519 38.38 4.31 2.14
N VAL A 520 37.10 4.31 1.77
CA VAL A 520 36.40 5.55 1.42
C VAL A 520 35.99 6.35 2.68
N PHE A 521 36.25 7.66 2.68
CA PHE A 521 35.77 8.58 3.72
C PHE A 521 34.29 8.92 3.47
N ARG A 522 33.44 8.69 4.47
CA ARG A 522 31.99 8.96 4.37
C ARG A 522 31.49 9.73 5.57
N LEU A 523 30.57 10.65 5.31
CA LEU A 523 29.81 11.36 6.33
C LEU A 523 28.37 10.89 6.18
N ASN A 524 27.94 10.02 7.08
CA ASN A 524 26.62 9.40 6.91
C ASN A 524 25.96 9.10 8.25
N TRP A 525 24.90 8.31 8.23
CA TRP A 525 24.19 7.97 9.45
C TRP A 525 25.10 7.25 10.45
N ALA A 526 25.95 6.34 9.96
CA ALA A 526 26.95 5.66 10.81
C ALA A 526 27.91 6.61 11.50
N THR A 527 28.29 7.70 10.82
CA THR A 527 29.14 8.73 11.48
C THR A 527 28.48 9.27 12.75
N TYR A 528 27.19 9.57 12.65
CA TYR A 528 26.41 10.07 13.76
C TYR A 528 26.29 9.01 14.88
N LEU A 529 25.96 7.78 14.49
CA LEU A 529 25.76 6.71 15.46
C LEU A 529 27.02 6.48 16.30
N ALA A 530 28.17 6.50 15.64
CA ALA A 530 29.45 6.34 16.33
C ALA A 530 29.84 7.58 17.14
N SER A 531 29.74 8.76 16.51
CA SER A 531 30.22 10.00 17.12
C SER A 531 29.37 10.45 18.32
N THR A 532 28.07 10.42 18.14
CA THR A 532 27.14 10.93 19.15
C THR A 532 26.64 9.81 20.08
N GLU A 533 26.31 8.65 19.50
CA GLU A 533 25.66 7.59 20.28
C GLU A 533 26.63 6.52 20.79
N ASN A 534 27.90 6.61 20.39
CA ASN A 534 28.94 5.66 20.84
C ASN A 534 28.66 4.20 20.47
N ILE A 535 28.17 4.01 19.23
CA ILE A 535 27.86 2.70 18.68
C ILE A 535 28.93 2.37 17.63
N ILE A 536 29.49 1.15 17.69
CA ILE A 536 30.34 0.68 16.60
C ILE A 536 29.47 0.26 15.45
N VAL A 537 29.78 0.78 14.26
CA VAL A 537 29.06 0.41 13.05
C VAL A 537 30.01 -0.40 12.15
N ALA A 538 29.71 -1.69 12.03
CA ALA A 538 30.60 -2.61 11.31
C ALA A 538 29.97 -3.07 10.02
N SER A 539 30.81 -3.37 9.04
CA SER A 539 30.36 -3.99 7.79
C SER A 539 31.38 -5.06 7.43
N PHE A 540 30.92 -6.10 6.72
CA PHE A 540 31.73 -7.28 6.45
C PHE A 540 31.49 -7.74 5.01
N ASP A 541 32.55 -8.14 4.32
CA ASP A 541 32.43 -8.66 2.95
C ASP A 541 32.73 -10.16 2.96
N GLY A 542 31.67 -10.96 2.86
CA GLY A 542 31.78 -12.43 2.92
C GLY A 542 31.64 -13.05 1.54
N ARG A 543 31.21 -14.32 1.50
CA ARG A 543 31.02 -14.99 0.22
C ARG A 543 30.00 -14.27 -0.64
N GLY A 544 30.27 -14.23 -1.94
CA GLY A 544 29.52 -13.41 -2.86
C GLY A 544 30.04 -11.98 -3.07
N SER A 545 30.92 -11.48 -2.20
CA SER A 545 31.41 -10.11 -2.33
C SER A 545 32.36 -9.94 -3.54
N GLY A 546 32.57 -8.71 -3.99
CA GLY A 546 33.33 -8.49 -5.22
C GLY A 546 34.81 -8.20 -5.07
N TYR A 547 35.49 -8.13 -6.23
CA TYR A 547 36.85 -7.60 -6.36
C TYR A 547 37.95 -8.47 -5.74
N GLN A 548 37.58 -9.74 -5.47
CA GLN A 548 38.50 -10.69 -4.84
C GLN A 548 38.55 -12.02 -5.56
N GLY A 549 38.11 -12.06 -6.83
CA GLY A 549 38.13 -13.30 -7.57
C GLY A 549 36.81 -14.05 -7.50
N ASP A 550 36.62 -14.93 -8.47
CA ASP A 550 35.38 -15.70 -8.61
C ASP A 550 35.18 -16.79 -7.54
N LYS A 551 36.26 -17.31 -6.96
CA LYS A 551 36.09 -18.27 -5.85
C LYS A 551 35.18 -17.68 -4.78
N ILE A 552 35.41 -16.40 -4.44
CA ILE A 552 34.58 -15.70 -3.48
C ILE A 552 33.26 -15.22 -4.10
N MET A 553 33.34 -14.55 -5.25
CA MET A 553 32.14 -13.95 -5.83
C MET A 553 31.08 -14.96 -6.28
N HIS A 554 31.51 -16.03 -6.93
CA HIS A 554 30.57 -17.05 -7.43
C HIS A 554 30.14 -18.08 -6.40
N ALA A 555 30.59 -17.93 -5.15
CA ALA A 555 30.24 -18.88 -4.09
C ALA A 555 28.72 -18.95 -3.91
N ILE A 556 28.03 -17.85 -4.22
CA ILE A 556 26.56 -17.80 -4.08
C ILE A 556 25.80 -18.06 -5.40
N ASN A 557 26.52 -18.50 -6.43
CA ASN A 557 25.87 -18.84 -7.69
C ASN A 557 24.69 -19.80 -7.46
N ARG A 558 23.53 -19.46 -8.01
CA ARG A 558 22.30 -20.25 -7.91
C ARG A 558 21.79 -20.42 -6.48
N ARG A 559 22.40 -19.66 -5.56
CA ARG A 559 22.14 -19.85 -4.14
C ARG A 559 22.12 -18.56 -3.34
N LEU A 560 21.38 -17.54 -3.81
CA LEU A 560 21.22 -16.33 -3.01
C LEU A 560 20.50 -16.68 -1.71
N GLY A 561 20.78 -15.89 -0.67
CA GLY A 561 20.18 -16.14 0.65
C GLY A 561 20.78 -17.33 1.37
N THR A 562 22.01 -17.70 1.03
CA THR A 562 22.68 -18.80 1.76
C THR A 562 23.99 -18.30 2.38
N PHE A 563 25.10 -18.45 1.67
CA PHE A 563 26.42 -18.15 2.25
C PHE A 563 26.61 -16.71 2.67
N GLU A 564 26.03 -15.77 1.93
CA GLU A 564 26.23 -14.35 2.23
C GLU A 564 25.50 -14.00 3.53
N VAL A 565 24.36 -14.68 3.77
CA VAL A 565 23.61 -14.55 5.02
C VAL A 565 24.38 -15.19 6.21
N GLU A 566 24.81 -16.45 6.03
CA GLU A 566 25.63 -17.17 7.03
C GLU A 566 26.90 -16.42 7.42
N ASP A 567 27.58 -15.84 6.43
CA ASP A 567 28.83 -15.11 6.67
C ASP A 567 28.67 -13.82 7.50
N GLN A 568 27.56 -13.10 7.31
CA GLN A 568 27.24 -11.97 8.19
C GLN A 568 27.00 -12.44 9.64
N ILE A 569 26.27 -13.53 9.81
CA ILE A 569 26.08 -14.08 11.17
C ILE A 569 27.42 -14.47 11.78
N GLU A 570 28.27 -15.11 10.97
CA GLU A 570 29.59 -15.52 11.46
C GLU A 570 30.50 -14.35 11.84
N ALA A 571 30.49 -13.30 11.02
CA ALA A 571 31.23 -12.07 11.34
C ALA A 571 30.76 -11.50 12.68
N ALA A 572 29.44 -11.37 12.85
CA ALA A 572 28.87 -10.82 14.09
C ALA A 572 29.24 -11.66 15.29
N ARG A 573 29.13 -12.98 15.13
CA ARG A 573 29.58 -13.95 16.13
C ARG A 573 31.03 -13.66 16.54
N GLN A 574 31.90 -13.47 15.54
CA GLN A 574 33.29 -13.16 15.82
C GLN A 574 33.48 -11.79 16.49
N PHE A 575 32.83 -10.76 15.94
CA PHE A 575 32.85 -9.43 16.57
C PHE A 575 32.39 -9.52 18.04
N SER A 576 31.34 -10.31 18.28
CA SER A 576 30.71 -10.43 19.61
C SER A 576 31.64 -11.03 20.64
N LYS A 577 32.75 -11.61 20.18
CA LYS A 577 33.71 -12.25 21.05
C LYS A 577 34.88 -11.32 21.31
N MET A 578 34.92 -10.20 20.61
CA MET A 578 35.95 -9.21 20.86
C MET A 578 35.66 -8.51 22.20
N GLY A 579 36.75 -8.11 22.87
CA GLY A 579 36.67 -7.56 24.21
C GLY A 579 35.87 -6.29 24.31
N PHE A 580 35.72 -5.56 23.21
CA PHE A 580 35.11 -4.24 23.23
C PHE A 580 33.67 -4.20 22.70
N VAL A 581 33.08 -5.37 22.46
CA VAL A 581 31.70 -5.48 21.96
C VAL A 581 30.78 -6.07 23.03
N ASP A 582 29.65 -5.41 23.25
CA ASP A 582 28.63 -5.90 24.18
C ASP A 582 27.75 -6.90 23.44
N ASN A 583 27.93 -8.19 23.74
CA ASN A 583 27.18 -9.23 23.02
C ASN A 583 25.65 -9.22 23.27
N LYS A 584 25.21 -8.43 24.25
CA LYS A 584 23.79 -8.24 24.54
C LYS A 584 23.14 -7.18 23.64
N ARG A 585 23.97 -6.41 22.95
CA ARG A 585 23.52 -5.28 22.16
C ARG A 585 24.17 -5.30 20.77
N ILE A 586 23.77 -6.27 19.98
CA ILE A 586 24.20 -6.34 18.59
C ILE A 586 22.97 -6.26 17.70
N ALA A 587 23.03 -5.35 16.76
CA ALA A 587 21.93 -5.08 15.88
C ALA A 587 22.37 -5.25 14.42
N ILE A 588 21.41 -5.31 13.52
CA ILE A 588 21.72 -5.43 12.10
C ILE A 588 20.78 -4.54 11.29
N TRP A 589 21.28 -3.89 10.24
CA TRP A 589 20.40 -3.15 9.34
C TRP A 589 20.89 -3.13 7.90
N GLY A 590 19.94 -2.95 6.99
CA GLY A 590 20.29 -2.88 5.58
C GLY A 590 19.13 -2.39 4.76
N TRP A 591 19.46 -1.91 3.55
CA TRP A 591 18.50 -1.37 2.62
C TRP A 591 18.60 -2.20 1.35
N SER A 592 17.47 -2.47 0.70
CA SER A 592 17.49 -3.09 -0.61
C SER A 592 17.99 -4.55 -0.50
N TYR A 593 19.03 -4.97 -1.24
CA TYR A 593 19.62 -6.30 -1.03
C TYR A 593 20.00 -6.49 0.45
N GLY A 594 20.53 -5.42 1.06
CA GLY A 594 20.89 -5.46 2.48
C GLY A 594 19.70 -5.66 3.41
N GLY A 595 18.53 -5.19 3.00
CA GLY A 595 17.30 -5.41 3.76
C GLY A 595 16.86 -6.87 3.69
N TYR A 596 17.01 -7.49 2.51
CA TYR A 596 16.79 -8.94 2.36
C TYR A 596 17.72 -9.72 3.31
N VAL A 597 19.02 -9.45 3.23
CA VAL A 597 19.98 -10.16 4.09
C VAL A 597 19.69 -9.94 5.56
N THR A 598 19.39 -8.68 5.94
CA THR A 598 19.04 -8.36 7.32
C THR A 598 17.86 -9.22 7.78
N SER A 599 16.85 -9.35 6.90
CA SER A 599 15.63 -10.10 7.23
C SER A 599 15.92 -11.59 7.32
N MET A 600 16.70 -12.12 6.39
CA MET A 600 17.12 -13.54 6.43
C MET A 600 17.98 -13.86 7.66
N VAL A 601 18.85 -12.91 8.05
CA VAL A 601 19.65 -13.05 9.26
C VAL A 601 18.74 -13.09 10.51
N LEU A 602 17.78 -12.17 10.57
CA LEU A 602 16.89 -12.09 11.71
C LEU A 602 15.93 -13.26 11.81
N GLY A 603 15.65 -13.89 10.67
CA GLY A 603 14.83 -15.09 10.63
C GLY A 603 15.64 -16.38 10.71
N SER A 604 16.95 -16.29 10.96
CA SER A 604 17.84 -17.46 10.92
C SER A 604 17.79 -18.29 12.18
N GLY A 605 17.30 -17.69 13.27
CA GLY A 605 17.34 -18.36 14.58
C GLY A 605 18.71 -18.36 15.26
N SER A 606 19.65 -17.52 14.79
CA SER A 606 21.03 -17.52 15.33
C SER A 606 21.15 -17.06 16.80
N GLY A 607 20.25 -16.19 17.23
CA GLY A 607 20.27 -15.63 18.59
C GLY A 607 21.32 -14.55 18.82
N VAL A 608 22.09 -14.22 17.79
CA VAL A 608 23.19 -13.23 17.90
C VAL A 608 22.69 -11.77 17.97
N PHE A 609 21.56 -11.50 17.30
CA PHE A 609 21.08 -10.14 17.14
C PHE A 609 19.86 -9.85 18.00
N LYS A 610 19.88 -8.71 18.69
CA LYS A 610 18.75 -8.28 19.53
C LYS A 610 17.62 -7.71 18.65
N CYS A 611 18.02 -6.98 17.61
CA CYS A 611 17.09 -6.22 16.78
C CYS A 611 17.68 -5.96 15.40
N GLY A 612 16.80 -5.60 14.47
CA GLY A 612 17.26 -5.16 13.15
C GLY A 612 16.25 -4.36 12.37
N ILE A 613 16.72 -3.68 11.33
CA ILE A 613 15.87 -2.84 10.49
C ILE A 613 16.08 -3.20 9.03
N ALA A 614 14.99 -3.54 8.34
CA ALA A 614 15.02 -3.81 6.90
C ALA A 614 14.32 -2.68 6.19
N VAL A 615 15.03 -2.04 5.26
CA VAL A 615 14.44 -0.96 4.45
C VAL A 615 14.33 -1.44 3.01
N ALA A 616 13.11 -1.35 2.48
CA ALA A 616 12.79 -1.80 1.11
C ALA A 616 13.42 -3.15 0.73
N PRO A 617 13.21 -4.20 1.56
CA PRO A 617 13.88 -5.47 1.29
C PRO A 617 13.21 -6.29 0.17
N VAL A 618 14.03 -7.02 -0.59
CA VAL A 618 13.55 -8.18 -1.33
C VAL A 618 13.10 -9.21 -0.30
N SER A 619 12.02 -9.93 -0.58
CA SER A 619 11.55 -10.97 0.33
C SER A 619 11.45 -12.35 -0.33
N ARG A 620 11.34 -12.39 -1.64
CA ARG A 620 11.13 -13.63 -2.40
C ARG A 620 11.61 -13.33 -3.82
N TRP A 621 12.53 -14.14 -4.35
CA TRP A 621 13.21 -13.79 -5.62
C TRP A 621 12.27 -13.73 -6.84
N GLU A 622 11.20 -14.51 -6.79
CA GLU A 622 10.20 -14.48 -7.85
C GLU A 622 9.50 -13.11 -7.96
N TYR A 623 9.65 -12.27 -6.95
CA TYR A 623 9.09 -10.90 -6.99
C TYR A 623 10.02 -9.85 -7.62
N TYR A 624 11.31 -10.17 -7.74
CA TYR A 624 12.29 -9.23 -8.30
C TYR A 624 12.44 -9.41 -9.80
N ASP A 625 13.12 -8.47 -10.45
CA ASP A 625 13.17 -8.44 -11.91
C ASP A 625 14.02 -9.56 -12.49
N SER A 626 13.72 -9.94 -13.73
CA SER A 626 14.36 -11.08 -14.37
C SER A 626 15.88 -10.96 -14.55
N VAL A 627 16.32 -9.85 -15.16
CA VAL A 627 17.74 -9.68 -15.56
C VAL A 627 18.67 -9.79 -14.35
N TYR A 628 18.35 -9.07 -13.27
CA TYR A 628 19.17 -9.21 -12.06
C TYR A 628 19.03 -10.61 -11.44
N THR A 629 17.78 -11.02 -11.17
CA THR A 629 17.54 -12.23 -10.37
C THR A 629 18.08 -13.50 -11.05
N GLU A 630 17.74 -13.67 -12.32
CA GLU A 630 18.14 -14.86 -13.09
C GLU A 630 19.64 -14.93 -13.32
N ARG A 631 20.31 -13.79 -13.30
CA ARG A 631 21.77 -13.78 -13.44
C ARG A 631 22.40 -14.67 -12.36
N TYR A 632 21.84 -14.57 -11.15
CA TYR A 632 22.38 -15.30 -10.01
C TYR A 632 21.62 -16.58 -9.74
N MET A 633 20.35 -16.63 -10.12
CA MET A 633 19.45 -17.68 -9.67
C MET A 633 18.98 -18.65 -10.74
N GLY A 634 19.30 -18.40 -12.00
CA GLY A 634 18.65 -19.16 -13.08
C GLY A 634 17.14 -18.90 -13.10
N LEU A 635 16.39 -19.83 -13.68
CA LEU A 635 14.96 -19.68 -13.86
C LEU A 635 14.20 -20.42 -12.78
N PRO A 636 13.07 -19.85 -12.33
CA PRO A 636 12.25 -20.46 -11.28
C PRO A 636 11.33 -21.53 -11.86
N THR A 637 11.93 -22.57 -12.44
CA THR A 637 11.19 -23.69 -13.04
C THR A 637 11.67 -24.97 -12.36
N PRO A 638 10.81 -26.01 -12.31
CA PRO A 638 11.24 -27.29 -11.73
C PRO A 638 12.54 -27.83 -12.35
N GLU A 639 12.70 -27.65 -13.66
CA GLU A 639 13.87 -28.15 -14.38
C GLU A 639 15.12 -27.34 -14.12
N ASP A 640 14.97 -26.12 -13.59
CA ASP A 640 16.13 -25.29 -13.33
C ASP A 640 16.34 -25.10 -11.82
N ASN A 641 15.86 -24.00 -11.26
CA ASN A 641 16.21 -23.66 -9.89
C ASN A 641 15.01 -23.32 -8.98
N LEU A 642 13.81 -23.75 -9.37
CA LEU A 642 12.62 -23.40 -8.57
C LEU A 642 12.76 -23.72 -7.07
N ASP A 643 13.28 -24.90 -6.72
CA ASP A 643 13.38 -25.32 -5.30
C ASP A 643 14.16 -24.30 -4.47
N HIS A 644 15.26 -23.78 -5.02
CA HIS A 644 15.98 -22.77 -4.28
C HIS A 644 15.29 -21.41 -4.24
N TYR A 645 14.60 -21.04 -5.32
CA TYR A 645 13.76 -19.84 -5.28
C TYR A 645 12.78 -19.93 -4.10
N ARG A 646 12.20 -21.11 -3.90
CA ARG A 646 11.16 -21.29 -2.87
C ARG A 646 11.66 -21.41 -1.43
N ASN A 647 12.87 -21.89 -1.22
CA ASN A 647 13.31 -21.90 0.17
C ASN A 647 14.27 -20.79 0.61
N SER A 648 14.44 -19.80 -0.27
CA SER A 648 15.24 -18.62 0.06
C SER A 648 14.38 -17.39 0.32
N THR A 649 13.15 -17.59 0.78
CA THR A 649 12.28 -16.46 1.04
C THR A 649 12.37 -16.03 2.51
N VAL A 650 12.11 -14.75 2.78
CA VAL A 650 11.98 -14.27 4.14
C VAL A 650 10.76 -14.88 4.83
N MET A 651 9.62 -14.93 4.13
CA MET A 651 8.35 -15.43 4.71
C MET A 651 8.45 -16.78 5.43
N SER A 652 9.25 -17.71 4.89
CA SER A 652 9.36 -19.07 5.45
C SER A 652 10.05 -19.07 6.82
N ARG A 653 10.78 -18.00 7.13
CA ARG A 653 11.48 -17.86 8.41
C ARG A 653 10.69 -17.09 9.46
N ALA A 654 9.41 -16.77 9.17
CA ALA A 654 8.62 -15.87 10.02
C ALA A 654 8.65 -16.24 11.52
N GLU A 655 8.47 -17.52 11.80
CA GLU A 655 8.45 -18.06 13.17
C GLU A 655 9.68 -17.65 13.98
N ASN A 656 10.84 -17.62 13.32
CA ASN A 656 12.12 -17.29 13.99
C ASN A 656 12.26 -15.82 14.41
N PHE A 657 11.34 -14.97 13.98
CA PHE A 657 11.37 -13.55 14.36
C PHE A 657 10.87 -13.32 15.80
N LYS A 658 10.32 -14.37 16.41
CA LYS A 658 9.73 -14.24 17.74
C LYS A 658 10.71 -13.74 18.79
N GLN A 659 12.01 -13.99 18.60
CA GLN A 659 12.97 -13.57 19.62
C GLN A 659 13.79 -12.32 19.27
N VAL A 660 13.33 -11.57 18.26
CA VAL A 660 14.01 -10.34 17.84
C VAL A 660 13.02 -9.18 17.73
N GLU A 661 13.56 -7.97 17.84
CA GLU A 661 12.81 -6.75 17.56
C GLU A 661 13.11 -6.33 16.11
N TYR A 662 12.06 -6.17 15.31
CA TYR A 662 12.20 -5.95 13.88
C TYR A 662 11.44 -4.68 13.48
N LEU A 663 12.09 -3.86 12.67
CA LEU A 663 11.46 -2.68 12.08
C LEU A 663 11.52 -2.84 10.57
N LEU A 664 10.34 -2.88 9.94
CA LEU A 664 10.21 -3.11 8.50
C LEU A 664 9.68 -1.81 7.86
N ILE A 665 10.39 -1.30 6.84
CA ILE A 665 10.15 0.00 6.23
C ILE A 665 10.13 -0.10 4.69
N HIS A 666 9.17 0.55 4.04
CA HIS A 666 9.05 0.47 2.57
C HIS A 666 8.27 1.65 1.99
N GLY A 667 8.74 2.18 0.86
CA GLY A 667 8.01 3.24 0.17
C GLY A 667 6.91 2.63 -0.68
N THR A 668 5.73 3.23 -0.63
CA THR A 668 4.56 2.71 -1.37
C THR A 668 4.66 2.80 -2.90
N ALA A 669 5.48 3.74 -3.39
CA ALA A 669 5.68 3.93 -4.83
C ALA A 669 7.04 3.39 -5.31
N ASP A 670 7.52 2.35 -4.63
CA ASP A 670 8.74 1.64 -5.03
C ASP A 670 8.48 0.84 -6.31
N ASP A 671 8.97 1.38 -7.43
CA ASP A 671 8.90 0.75 -8.74
C ASP A 671 9.93 -0.38 -8.90
N ASN A 672 10.89 -0.45 -7.98
CA ASN A 672 12.06 -1.34 -8.12
C ASN A 672 11.86 -2.64 -7.30
N VAL A 673 11.95 -2.51 -5.98
CA VAL A 673 11.53 -3.59 -5.07
C VAL A 673 10.10 -3.25 -4.67
N HIS A 674 9.13 -3.94 -5.24
CA HIS A 674 7.75 -3.51 -5.04
C HIS A 674 7.33 -3.61 -3.58
N PHE A 675 6.45 -2.70 -3.17
CA PHE A 675 5.93 -2.69 -1.79
C PHE A 675 5.40 -4.09 -1.43
N GLN A 676 4.78 -4.74 -2.42
CA GLN A 676 4.47 -6.18 -2.36
C GLN A 676 5.43 -7.01 -1.52
N GLN A 677 6.73 -6.85 -1.75
CA GLN A 677 7.72 -7.66 -1.05
C GLN A 677 7.62 -7.53 0.48
N SER A 678 7.50 -6.31 1.00
CA SER A 678 7.31 -6.08 2.45
C SER A 678 5.90 -6.42 2.89
N ALA A 679 4.93 -6.25 1.99
CA ALA A 679 3.54 -6.61 2.28
C ALA A 679 3.42 -8.11 2.55
N GLN A 680 4.20 -8.91 1.83
CA GLN A 680 4.20 -10.35 2.08
C GLN A 680 4.96 -10.74 3.38
N ILE A 681 6.01 -9.98 3.73
CA ILE A 681 6.71 -10.16 5.02
C ILE A 681 5.76 -9.90 6.19
N SER A 682 5.07 -8.75 6.17
CA SER A 682 4.22 -8.38 7.29
C SER A 682 3.12 -9.41 7.50
N LYS A 683 2.56 -9.89 6.38
CA LYS A 683 1.47 -10.88 6.44
C LYS A 683 1.93 -12.21 7.06
N ALA A 684 3.13 -12.66 6.67
CA ALA A 684 3.75 -13.87 7.24
C ALA A 684 3.97 -13.78 8.75
N LEU A 685 4.44 -12.62 9.21
CA LEU A 685 4.67 -12.38 10.65
C LEU A 685 3.35 -12.28 11.42
N VAL A 686 2.36 -11.63 10.82
CA VAL A 686 1.00 -11.61 11.40
C VAL A 686 0.48 -13.04 11.53
N ASP A 687 0.68 -13.84 10.46
CA ASP A 687 0.17 -15.20 10.42
C ASP A 687 0.76 -16.13 11.51
N VAL A 688 1.98 -15.86 11.96
CA VAL A 688 2.57 -16.64 13.06
C VAL A 688 2.50 -15.92 14.41
N GLY A 689 1.85 -14.77 14.47
CA GLY A 689 1.71 -14.02 15.73
C GLY A 689 2.99 -13.42 16.30
N VAL A 690 3.83 -12.87 15.42
CA VAL A 690 5.03 -12.17 15.83
C VAL A 690 4.80 -10.66 15.78
N ASP A 691 5.08 -9.96 16.87
CA ASP A 691 4.92 -8.51 16.88
C ASP A 691 6.17 -7.88 16.23
N PHE A 692 5.97 -6.75 15.56
CA PHE A 692 7.09 -6.01 14.94
C PHE A 692 6.65 -4.57 14.73
N GLN A 693 7.59 -3.76 14.28
CA GLN A 693 7.39 -2.32 14.04
C GLN A 693 7.41 -2.11 12.55
N ALA A 694 6.57 -1.19 12.06
CA ALA A 694 6.45 -0.94 10.62
C ALA A 694 6.40 0.56 10.32
N MET A 695 6.85 0.92 9.12
CA MET A 695 6.62 2.27 8.63
C MET A 695 6.50 2.22 7.10
N TRP A 696 5.38 2.70 6.55
CA TRP A 696 5.31 2.90 5.10
C TRP A 696 5.64 4.38 4.83
N TYR A 697 6.16 4.68 3.64
CA TYR A 697 6.38 6.07 3.21
C TYR A 697 5.55 6.32 1.95
N THR A 698 4.46 7.06 2.12
CA THR A 698 3.55 7.33 1.03
C THR A 698 4.28 8.01 -0.12
N ASP A 699 4.15 7.40 -1.30
CA ASP A 699 4.62 7.92 -2.59
C ASP A 699 6.13 8.00 -2.73
N GLU A 700 6.87 7.42 -1.78
CA GLU A 700 8.33 7.36 -1.89
C GLU A 700 8.73 6.12 -2.68
N ASP A 701 9.84 6.20 -3.40
CA ASP A 701 10.32 5.06 -4.18
C ASP A 701 11.47 4.32 -3.47
N HIS A 702 12.29 3.60 -4.23
CA HIS A 702 13.38 2.79 -3.65
C HIS A 702 14.40 3.63 -2.88
N GLY A 703 14.52 4.90 -3.23
CA GLY A 703 15.49 5.76 -2.58
C GLY A 703 15.01 6.39 -1.28
N ILE A 704 13.69 6.44 -1.07
CA ILE A 704 13.09 7.17 0.07
C ILE A 704 13.89 8.45 0.29
N ALA A 705 13.99 9.23 -0.79
CA ALA A 705 15.01 10.26 -0.93
C ALA A 705 14.48 11.69 -0.94
N SER A 706 13.16 11.88 -0.92
CA SER A 706 12.65 13.25 -0.80
C SER A 706 13.23 13.85 0.48
N SER A 707 13.43 15.17 0.52
CA SER A 707 14.04 15.79 1.70
C SER A 707 13.30 15.44 3.00
N THR A 708 11.97 15.55 3.01
CA THR A 708 11.21 15.27 4.24
C THR A 708 11.21 13.78 4.64
N ALA A 709 11.00 12.88 3.68
CA ALA A 709 11.04 11.44 3.98
C ALA A 709 12.40 10.94 4.45
N HIS A 710 13.46 11.47 3.86
CA HIS A 710 14.83 11.12 4.25
C HIS A 710 15.12 11.50 5.72
N GLN A 711 14.73 12.70 6.11
CA GLN A 711 14.85 13.12 7.50
C GLN A 711 13.99 12.25 8.43
N HIS A 712 12.76 11.97 8.01
CA HIS A 712 11.83 11.17 8.80
C HIS A 712 12.29 9.73 9.01
N ILE A 713 12.74 9.07 7.95
CA ILE A 713 13.22 7.68 8.05
C ILE A 713 14.42 7.53 9.00
N TYR A 714 15.38 8.45 8.88
CA TYR A 714 16.59 8.35 9.69
C TYR A 714 16.31 8.74 11.13
N THR A 715 15.35 9.63 11.33
CA THR A 715 14.89 9.97 12.67
C THR A 715 14.20 8.77 13.32
N HIS A 716 13.33 8.10 12.56
CA HIS A 716 12.56 6.96 13.08
C HIS A 716 13.50 5.77 13.41
N MET A 717 14.43 5.48 12.50
CA MET A 717 15.42 4.43 12.71
C MET A 717 16.34 4.72 13.90
N SER A 718 16.71 5.99 14.09
CA SER A 718 17.57 6.37 15.22
C SER A 718 16.88 6.10 16.55
N HIS A 719 15.61 6.48 16.67
CA HIS A 719 14.80 6.15 17.85
C HIS A 719 14.80 4.65 18.11
N PHE A 720 14.59 3.85 17.05
CA PHE A 720 14.48 2.41 17.17
C PHE A 720 15.78 1.78 17.67
N ILE A 721 16.89 2.18 17.05
CA ILE A 721 18.22 1.69 17.48
C ILE A 721 18.54 2.09 18.92
N LYS A 722 18.31 3.36 19.26
CA LYS A 722 18.57 3.85 20.62
C LYS A 722 17.74 3.13 21.69
N GLN A 723 16.46 2.92 21.40
CA GLN A 723 15.56 2.12 22.23
C GLN A 723 16.14 0.71 22.44
N CYS A 724 16.49 0.05 21.33
CA CYS A 724 17.09 -1.29 21.34
C CYS A 724 18.31 -1.38 22.24
N PHE A 725 19.16 -0.36 22.19
CA PHE A 725 20.42 -0.35 22.92
C PHE A 725 20.34 0.32 24.31
N SER A 726 19.13 0.66 24.74
CA SER A 726 18.88 1.36 26.03
C SER A 726 19.62 2.69 26.16
N LEU A 727 19.68 3.42 25.04
CA LEU A 727 20.38 4.70 24.96
C LEU A 727 19.43 5.88 25.12
N PRO A 728 19.76 6.83 26.02
CA PRO A 728 18.90 7.98 26.33
C PRO A 728 18.77 8.93 25.12
N THR B 1 -5.79 -15.42 45.27
CA THR B 1 -6.09 -14.19 44.45
C THR B 1 -6.56 -14.54 43.04
N ARG B 2 -7.86 -14.31 42.77
CA ARG B 2 -8.45 -14.63 41.48
C ARG B 2 -7.67 -14.00 40.32
N LYS B 3 -7.61 -14.73 39.21
CA LYS B 3 -7.00 -14.21 37.98
C LYS B 3 -7.78 -12.99 37.48
N THR B 4 -7.17 -12.23 36.57
CA THR B 4 -7.83 -11.12 35.93
C THR B 4 -8.26 -11.55 34.54
N TYR B 5 -9.00 -10.69 33.84
CA TYR B 5 -9.36 -10.94 32.45
C TYR B 5 -8.23 -10.39 31.58
N THR B 6 -7.48 -11.30 30.96
CA THR B 6 -6.22 -10.99 30.30
C THR B 6 -6.39 -10.79 28.80
N LEU B 7 -5.33 -10.33 28.14
CA LEU B 7 -5.39 -10.13 26.70
C LEU B 7 -5.65 -11.45 25.98
N THR B 8 -4.96 -12.50 26.39
CA THR B 8 -5.17 -13.82 25.80
C THR B 8 -6.61 -14.34 26.00
N ASP B 9 -7.19 -14.03 27.16
CA ASP B 9 -8.60 -14.36 27.43
C ASP B 9 -9.48 -13.78 26.33
N TYR B 10 -9.31 -12.48 26.07
CA TYR B 10 -10.05 -11.81 25.00
C TYR B 10 -9.73 -12.41 23.62
N LEU B 11 -8.46 -12.55 23.32
CA LEU B 11 -8.02 -12.98 21.99
C LEU B 11 -8.34 -14.44 21.69
N LYS B 12 -8.37 -15.28 22.73
CA LYS B 12 -8.66 -16.71 22.55
C LYS B 12 -10.10 -17.09 22.86
N ASN B 13 -10.89 -16.12 23.32
CA ASN B 13 -12.31 -16.35 23.60
C ASN B 13 -12.52 -17.44 24.63
N THR B 14 -11.74 -17.38 25.71
CA THR B 14 -11.85 -18.40 26.74
C THR B 14 -13.15 -18.27 27.57
N TYR B 15 -13.71 -17.07 27.64
CA TYR B 15 -14.99 -16.82 28.33
C TYR B 15 -16.05 -16.49 27.29
N ARG B 16 -16.83 -17.48 26.89
CA ARG B 16 -17.71 -17.33 25.74
C ARG B 16 -19.16 -17.06 26.11
N LEU B 17 -19.75 -16.01 25.52
CA LEU B 17 -21.18 -15.75 25.66
C LEU B 17 -21.97 -16.79 24.86
N LYS B 18 -22.94 -17.43 25.50
CA LYS B 18 -23.86 -18.31 24.78
C LYS B 18 -25.01 -17.49 24.21
N LEU B 19 -25.43 -17.84 23.00
CA LEU B 19 -26.52 -17.21 22.29
C LEU B 19 -27.68 -18.19 22.27
N TYR B 20 -28.81 -17.76 21.74
CA TYR B 20 -29.89 -18.66 21.38
C TYR B 20 -30.51 -18.18 20.08
N SER B 21 -29.89 -18.57 18.97
CA SER B 21 -30.34 -18.14 17.64
C SER B 21 -31.36 -19.14 17.10
N LEU B 22 -32.61 -18.71 17.03
CA LEU B 22 -33.65 -19.57 16.50
C LEU B 22 -34.16 -18.99 15.18
N ARG B 23 -34.83 -19.82 14.39
CA ARG B 23 -35.46 -19.40 13.15
C ARG B 23 -36.92 -19.81 13.14
N TRP B 24 -37.82 -18.84 13.22
CA TRP B 24 -39.26 -19.12 13.15
C TRP B 24 -39.60 -19.64 11.75
N ILE B 25 -40.25 -20.80 11.68
CA ILE B 25 -40.67 -21.38 10.41
C ILE B 25 -42.19 -21.29 10.26
N SER B 26 -42.84 -20.93 11.35
CA SER B 26 -44.29 -20.76 11.38
C SER B 26 -44.68 -19.89 12.55
N ASP B 27 -45.98 -19.85 12.84
CA ASP B 27 -46.52 -19.12 13.98
C ASP B 27 -46.24 -19.78 15.34
N HIS B 28 -45.82 -21.04 15.33
CA HIS B 28 -45.61 -21.75 16.60
C HIS B 28 -44.42 -22.73 16.63
N GLU B 29 -43.63 -22.74 15.56
CA GLU B 29 -42.45 -23.59 15.51
C GLU B 29 -41.21 -22.82 15.11
N TYR B 30 -40.09 -23.16 15.72
CA TYR B 30 -38.80 -22.61 15.33
C TYR B 30 -37.72 -23.67 15.18
N LEU B 31 -36.70 -23.33 14.38
CA LEU B 31 -35.55 -24.20 14.18
C LEU B 31 -34.39 -23.75 15.03
N TYR B 32 -33.69 -24.73 15.59
CA TYR B 32 -32.53 -24.46 16.42
C TYR B 32 -31.44 -25.48 16.13
N LYS B 33 -30.22 -24.99 15.94
CA LYS B 33 -29.07 -25.87 15.73
C LYS B 33 -28.47 -26.27 17.08
N GLN B 34 -28.45 -27.57 17.35
CA GLN B 34 -27.79 -28.12 18.53
C GLN B 34 -26.99 -29.36 18.17
N GLU B 35 -25.68 -29.29 18.39
CA GLU B 35 -24.73 -30.38 18.08
C GLU B 35 -24.70 -30.69 16.58
N ASN B 36 -24.84 -29.63 15.76
CA ASN B 36 -24.86 -29.73 14.29
C ASN B 36 -26.11 -30.42 13.71
N ASN B 37 -27.00 -30.88 14.58
CA ASN B 37 -28.34 -31.27 14.19
C ASN B 37 -29.17 -30.01 14.06
N ILE B 38 -30.19 -30.06 13.21
CA ILE B 38 -31.21 -29.03 13.24
C ILE B 38 -32.41 -29.63 13.95
N LEU B 39 -32.80 -28.99 15.04
CA LEU B 39 -33.97 -29.40 15.80
C LEU B 39 -35.14 -28.49 15.49
N VAL B 40 -36.35 -29.06 15.51
CA VAL B 40 -37.57 -28.25 15.41
C VAL B 40 -38.26 -28.19 16.78
N PHE B 41 -38.52 -26.98 17.27
CA PHE B 41 -39.14 -26.79 18.57
C PHE B 41 -40.59 -26.33 18.47
N ASN B 42 -41.42 -26.86 19.34
CA ASN B 42 -42.78 -26.37 19.54
C ASN B 42 -42.73 -25.23 20.58
N ALA B 43 -43.07 -24.01 20.17
CA ALA B 43 -43.02 -22.85 21.07
C ALA B 43 -43.91 -23.00 22.32
N GLU B 44 -45.13 -23.48 22.16
CA GLU B 44 -46.07 -23.58 23.27
C GLU B 44 -45.57 -24.47 24.42
N TYR B 45 -45.02 -25.63 24.08
CA TYR B 45 -44.68 -26.65 25.08
C TYR B 45 -43.18 -26.90 25.27
N GLY B 46 -42.38 -26.50 24.29
CA GLY B 46 -40.92 -26.61 24.40
C GLY B 46 -40.35 -27.95 23.97
N ASN B 47 -41.21 -28.89 23.60
CA ASN B 47 -40.76 -30.19 23.09
C ASN B 47 -40.20 -30.06 21.67
N SER B 48 -39.30 -30.97 21.32
CA SER B 48 -38.61 -30.90 20.04
C SER B 48 -38.47 -32.25 19.33
N SER B 49 -38.07 -32.18 18.06
CA SER B 49 -37.74 -33.34 17.25
C SER B 49 -36.56 -32.97 16.35
N VAL B 50 -35.91 -33.99 15.80
CA VAL B 50 -34.86 -33.76 14.82
C VAL B 50 -35.53 -33.39 13.51
N PHE B 51 -35.20 -32.20 13.01
CA PHE B 51 -35.69 -31.78 11.71
C PHE B 51 -34.76 -32.36 10.64
N LEU B 52 -33.45 -32.15 10.83
CA LEU B 52 -32.45 -32.64 9.92
C LEU B 52 -31.23 -33.12 10.69
N GLU B 53 -31.03 -34.44 10.68
CA GLU B 53 -29.93 -35.08 11.41
C GLU B 53 -28.56 -34.57 10.96
N ASN B 54 -27.66 -34.39 11.93
CA ASN B 54 -26.33 -33.84 11.69
C ASN B 54 -25.52 -34.57 10.59
N SER B 55 -25.81 -35.85 10.41
CA SER B 55 -25.08 -36.72 9.49
C SER B 55 -25.63 -36.77 8.05
N THR B 56 -26.77 -36.10 7.82
CA THR B 56 -27.45 -36.13 6.52
C THR B 56 -26.52 -35.79 5.35
N PHE B 57 -25.60 -34.86 5.59
CA PHE B 57 -24.68 -34.41 4.53
C PHE B 57 -23.20 -34.69 4.82
N ASP B 58 -22.93 -35.88 5.36
CA ASP B 58 -21.56 -36.34 5.60
C ASP B 58 -20.83 -36.63 4.30
N GLU B 59 -21.54 -37.25 3.35
CA GLU B 59 -20.99 -37.53 2.02
C GLU B 59 -21.40 -36.47 0.97
N PHE B 60 -21.66 -35.25 1.44
CA PHE B 60 -21.95 -34.13 0.54
C PHE B 60 -20.70 -33.69 -0.25
N GLY B 61 -19.54 -33.81 0.39
CA GLY B 61 -18.27 -33.52 -0.26
C GLY B 61 -17.84 -32.08 -0.09
N HIS B 62 -18.72 -31.26 0.52
CA HIS B 62 -18.44 -29.86 0.79
C HIS B 62 -18.88 -29.49 2.20
N SER B 63 -18.17 -28.54 2.81
CA SER B 63 -18.59 -27.96 4.07
C SER B 63 -19.73 -26.98 3.82
N ILE B 64 -20.86 -27.20 4.49
CA ILE B 64 -22.04 -26.34 4.31
C ILE B 64 -21.96 -25.10 5.21
N ASN B 65 -21.99 -23.92 4.58
CA ASN B 65 -21.85 -22.66 5.30
C ASN B 65 -23.13 -22.24 6.03
N ASP B 66 -24.27 -22.48 5.38
CA ASP B 66 -25.57 -22.06 5.89
C ASP B 66 -26.67 -22.80 5.15
N TYR B 67 -27.90 -22.64 5.60
CA TYR B 67 -29.04 -23.33 5.01
C TYR B 67 -30.22 -22.40 5.06
N SER B 68 -31.23 -22.72 4.26
CA SER B 68 -32.46 -21.93 4.17
C SER B 68 -33.60 -22.86 3.79
N ILE B 69 -34.59 -22.99 4.67
CA ILE B 69 -35.73 -23.83 4.37
C ILE B 69 -36.79 -23.01 3.64
N SER B 70 -37.40 -23.62 2.62
CA SER B 70 -38.49 -22.99 1.88
C SER B 70 -39.68 -22.80 2.81
N PRO B 71 -40.41 -21.69 2.68
CA PRO B 71 -41.56 -21.39 3.56
C PRO B 71 -42.56 -22.54 3.75
N ASP B 72 -42.81 -23.33 2.71
CA ASP B 72 -43.74 -24.45 2.84
C ASP B 72 -43.11 -25.69 3.46
N GLY B 73 -41.84 -25.58 3.84
CA GLY B 73 -41.10 -26.68 4.45
C GLY B 73 -40.81 -27.87 3.55
N GLN B 74 -40.97 -27.71 2.23
CA GLN B 74 -40.77 -28.83 1.30
C GLN B 74 -39.31 -29.02 0.86
N PHE B 75 -38.51 -27.95 0.94
CA PHE B 75 -37.15 -27.95 0.41
C PHE B 75 -36.17 -27.21 1.32
N ILE B 76 -34.91 -27.62 1.25
CA ILE B 76 -33.87 -26.85 1.93
C ILE B 76 -32.76 -26.45 0.96
N LEU B 77 -32.43 -25.17 1.02
CA LEU B 77 -31.36 -24.59 0.24
C LEU B 77 -30.07 -24.69 1.05
N LEU B 78 -29.04 -25.29 0.45
CA LEU B 78 -27.77 -25.50 1.10
C LEU B 78 -26.71 -24.61 0.49
N GLU B 79 -26.11 -23.78 1.33
CA GLU B 79 -25.13 -22.82 0.88
C GLU B 79 -23.71 -23.33 1.18
N TYR B 80 -22.86 -23.32 0.16
CA TYR B 80 -21.46 -23.71 0.32
C TYR B 80 -20.57 -22.94 -0.66
N ASN B 81 -19.26 -23.16 -0.58
CA ASN B 81 -18.30 -22.40 -1.39
C ASN B 81 -18.48 -20.91 -1.16
N TYR B 82 -18.75 -20.55 0.10
CA TYR B 82 -18.95 -19.16 0.51
C TYR B 82 -17.69 -18.35 0.25
N VAL B 83 -17.82 -17.27 -0.52
CA VAL B 83 -16.72 -16.31 -0.67
C VAL B 83 -17.23 -14.89 -0.39
N LYS B 84 -16.75 -14.32 0.70
CA LYS B 84 -17.12 -12.98 1.10
C LYS B 84 -16.73 -11.92 0.06
N GLN B 85 -17.62 -10.94 -0.14
CA GLN B 85 -17.27 -9.71 -0.85
C GLN B 85 -17.20 -8.52 0.14
N TRP B 86 -18.20 -7.64 0.16
CA TRP B 86 -18.14 -6.47 1.05
C TRP B 86 -18.78 -6.77 2.42
N ARG B 87 -19.43 -5.79 3.04
CA ARG B 87 -19.99 -5.98 4.38
C ARG B 87 -21.13 -7.00 4.40
N HIS B 88 -21.97 -6.97 3.36
CA HIS B 88 -23.14 -7.85 3.26
C HIS B 88 -23.03 -8.85 2.08
N SER B 89 -22.39 -8.42 1.00
CA SER B 89 -22.29 -9.27 -0.21
C SER B 89 -21.32 -10.42 -0.08
N TYR B 90 -21.64 -11.49 -0.80
CA TYR B 90 -20.79 -12.67 -0.98
C TYR B 90 -21.29 -13.48 -2.18
N THR B 91 -20.48 -14.40 -2.70
CA THR B 91 -20.99 -15.40 -3.66
C THR B 91 -20.87 -16.79 -3.05
N ALA B 92 -21.64 -17.73 -3.60
CA ALA B 92 -21.67 -19.09 -3.09
C ALA B 92 -22.22 -20.06 -4.14
N SER B 93 -22.06 -21.35 -3.85
CA SER B 93 -22.74 -22.41 -4.57
C SER B 93 -23.93 -22.88 -3.76
N TYR B 94 -24.92 -23.45 -4.45
CA TYR B 94 -26.15 -23.85 -3.81
C TYR B 94 -26.64 -25.17 -4.36
N ASP B 95 -27.02 -26.05 -3.45
CA ASP B 95 -27.81 -27.21 -3.81
C ASP B 95 -29.13 -27.14 -3.10
N ILE B 96 -30.14 -27.79 -3.66
CA ILE B 96 -31.45 -27.84 -3.06
C ILE B 96 -31.71 -29.30 -2.72
N TYR B 97 -32.15 -29.52 -1.48
CA TYR B 97 -32.46 -30.85 -0.99
C TYR B 97 -33.98 -30.96 -0.81
N ASP B 98 -34.55 -31.98 -1.43
CA ASP B 98 -35.98 -32.29 -1.35
C ASP B 98 -36.26 -33.05 -0.03
N LEU B 99 -36.90 -32.38 0.92
CA LEU B 99 -37.10 -32.94 2.27
C LEU B 99 -38.02 -34.13 2.33
N ASN B 100 -39.04 -34.15 1.46
CA ASN B 100 -40.00 -35.26 1.45
C ASN B 100 -39.46 -36.51 0.76
N LYS B 101 -38.67 -36.31 -0.30
CA LYS B 101 -38.05 -37.41 -1.03
C LYS B 101 -36.70 -37.78 -0.43
N ARG B 102 -36.25 -36.99 0.54
CA ARG B 102 -34.93 -37.13 1.17
C ARG B 102 -33.85 -37.35 0.10
N GLN B 103 -33.82 -36.42 -0.85
CA GLN B 103 -32.93 -36.48 -2.01
C GLN B 103 -32.42 -35.09 -2.38
N LEU B 104 -31.17 -35.06 -2.79
CA LEU B 104 -30.55 -33.87 -3.33
C LEU B 104 -31.03 -33.71 -4.79
N ILE B 105 -31.29 -32.48 -5.21
CA ILE B 105 -31.74 -32.23 -6.59
C ILE B 105 -30.51 -32.05 -7.49
N THR B 106 -30.44 -32.82 -8.59
CA THR B 106 -29.25 -32.85 -9.43
C THR B 106 -29.45 -32.21 -10.81
N GLU B 107 -30.67 -31.84 -11.15
CA GLU B 107 -30.94 -31.18 -12.42
C GLU B 107 -31.21 -29.70 -12.25
N GLU B 108 -30.84 -28.94 -13.28
CA GLU B 108 -31.14 -27.51 -13.35
C GLU B 108 -30.71 -26.83 -12.07
N ARG B 109 -29.48 -27.12 -11.66
CA ARG B 109 -28.94 -26.59 -10.43
C ARG B 109 -28.70 -25.08 -10.51
N ILE B 110 -28.86 -24.41 -9.38
CA ILE B 110 -28.41 -23.04 -9.24
C ILE B 110 -26.92 -23.01 -9.62
N PRO B 111 -26.53 -22.08 -10.50
CA PRO B 111 -25.15 -22.03 -10.99
C PRO B 111 -24.14 -21.69 -9.88
N ASN B 112 -22.88 -22.02 -10.12
CA ASN B 112 -21.81 -21.60 -9.22
C ASN B 112 -21.62 -20.10 -9.34
N ASN B 113 -21.06 -19.46 -8.32
CA ASN B 113 -20.83 -18.01 -8.36
C ASN B 113 -22.13 -17.20 -8.35
N THR B 114 -23.17 -17.75 -7.73
CA THR B 114 -24.45 -17.07 -7.58
C THR B 114 -24.31 -15.96 -6.54
N GLN B 115 -24.89 -14.81 -6.84
CA GLN B 115 -24.65 -13.59 -6.05
C GLN B 115 -25.67 -13.40 -4.94
N TRP B 116 -26.89 -13.88 -5.18
CA TRP B 116 -27.97 -13.80 -4.20
C TRP B 116 -29.05 -14.80 -4.57
N VAL B 117 -29.68 -15.38 -3.56
CA VAL B 117 -30.81 -16.28 -3.76
C VAL B 117 -31.82 -16.10 -2.63
N THR B 118 -33.10 -16.13 -3.00
CA THR B 118 -34.16 -16.04 -2.01
C THR B 118 -35.37 -16.86 -2.45
N TRP B 119 -35.91 -17.64 -1.51
CA TRP B 119 -37.21 -18.25 -1.65
C TRP B 119 -38.27 -17.15 -1.79
N SER B 120 -39.37 -17.48 -2.47
CA SER B 120 -40.60 -16.68 -2.34
C SER B 120 -41.11 -16.73 -0.87
N PRO B 121 -41.95 -15.76 -0.46
CA PRO B 121 -42.37 -15.72 0.95
C PRO B 121 -43.35 -16.83 1.32
N VAL B 122 -43.99 -17.41 0.31
CA VAL B 122 -44.94 -18.51 0.43
C VAL B 122 -44.51 -19.50 -0.63
N GLY B 123 -44.67 -20.79 -0.33
CA GLY B 123 -44.39 -21.85 -1.29
C GLY B 123 -42.91 -22.16 -1.40
N HIS B 124 -42.42 -22.31 -2.63
CA HIS B 124 -41.03 -22.73 -2.90
C HIS B 124 -40.45 -22.23 -4.25
N LYS B 125 -40.89 -21.05 -4.71
CA LYS B 125 -40.27 -20.38 -5.86
C LYS B 125 -38.93 -19.84 -5.38
N LEU B 126 -37.99 -19.72 -6.33
CA LEU B 126 -36.70 -19.10 -6.06
C LEU B 126 -36.47 -17.98 -7.05
N ALA B 127 -35.84 -16.92 -6.57
CA ALA B 127 -35.28 -15.88 -7.42
C ALA B 127 -33.80 -15.87 -7.09
N TYR B 128 -32.95 -15.76 -8.11
CA TYR B 128 -31.52 -15.62 -7.87
C TYR B 128 -30.87 -14.69 -8.87
N VAL B 129 -29.72 -14.16 -8.48
CA VAL B 129 -28.94 -13.28 -9.31
C VAL B 129 -27.62 -13.97 -9.63
N TRP B 130 -27.29 -14.02 -10.92
CA TRP B 130 -26.05 -14.65 -11.38
C TRP B 130 -25.53 -13.86 -12.58
N ASN B 131 -24.24 -13.51 -12.54
CA ASN B 131 -23.65 -12.60 -13.52
C ASN B 131 -24.48 -11.31 -13.70
N ASN B 132 -24.99 -10.78 -12.58
CA ASN B 132 -25.69 -9.50 -12.52
C ASN B 132 -27.08 -9.48 -13.15
N ASP B 133 -27.62 -10.66 -13.51
CA ASP B 133 -28.99 -10.79 -14.01
C ASP B 133 -29.87 -11.62 -13.10
N ILE B 134 -31.19 -11.38 -13.18
CA ILE B 134 -32.17 -12.08 -12.34
C ILE B 134 -32.76 -13.26 -13.07
N TYR B 135 -32.89 -14.36 -12.33
CA TYR B 135 -33.52 -15.59 -12.78
C TYR B 135 -34.55 -16.03 -11.75
N VAL B 136 -35.60 -16.70 -12.20
CA VAL B 136 -36.64 -17.22 -11.31
C VAL B 136 -36.84 -18.71 -11.62
N LYS B 137 -36.89 -19.54 -10.58
CA LYS B 137 -37.30 -20.94 -10.74
C LYS B 137 -38.61 -21.16 -10.02
N ILE B 138 -39.61 -21.63 -10.75
CA ILE B 138 -40.92 -21.89 -10.16
C ILE B 138 -40.91 -23.18 -9.33
N GLU B 139 -40.17 -24.19 -9.84
CA GLU B 139 -39.95 -25.45 -9.14
C GLU B 139 -38.45 -25.71 -9.11
N PRO B 140 -37.94 -26.23 -7.97
CA PRO B 140 -36.52 -26.43 -7.72
C PRO B 140 -35.77 -27.29 -8.76
N ASN B 141 -36.48 -28.21 -9.40
CA ASN B 141 -35.87 -29.11 -10.38
C ASN B 141 -36.05 -28.67 -11.84
N LEU B 142 -36.73 -27.55 -12.05
CA LEU B 142 -37.10 -27.13 -13.41
C LEU B 142 -36.24 -25.95 -13.89
N PRO B 143 -36.18 -25.73 -15.23
CA PRO B 143 -35.34 -24.67 -15.79
C PRO B 143 -35.72 -23.28 -15.27
N SER B 144 -34.71 -22.41 -15.15
CA SER B 144 -34.91 -21.04 -14.75
C SER B 144 -35.49 -20.22 -15.89
N TYR B 145 -36.22 -19.17 -15.51
CA TYR B 145 -36.63 -18.11 -16.44
C TYR B 145 -35.72 -16.93 -16.21
N ARG B 146 -35.05 -16.50 -17.28
CA ARG B 146 -34.25 -15.30 -17.23
C ARG B 146 -35.16 -14.07 -17.25
N ILE B 147 -34.90 -13.12 -16.34
CA ILE B 147 -35.74 -11.91 -16.19
C ILE B 147 -35.07 -10.66 -16.78
N THR B 148 -33.75 -10.59 -16.69
CA THR B 148 -32.98 -9.46 -17.24
C THR B 148 -31.82 -9.95 -18.11
N TRP B 149 -31.46 -9.14 -19.11
CA TRP B 149 -30.38 -9.46 -20.06
C TRP B 149 -29.29 -8.38 -20.08
N THR B 150 -29.42 -7.36 -19.24
CA THR B 150 -28.52 -6.21 -19.26
C THR B 150 -27.37 -6.23 -18.24
N GLY B 151 -27.38 -7.23 -17.36
CA GLY B 151 -26.34 -7.40 -16.35
C GLY B 151 -24.95 -7.32 -16.97
N LYS B 152 -24.08 -6.58 -16.31
CA LYS B 152 -22.72 -6.38 -16.81
C LYS B 152 -21.87 -6.04 -15.61
N GLU B 153 -20.84 -6.87 -15.38
CA GLU B 153 -19.94 -6.76 -14.23
C GLU B 153 -19.45 -5.31 -14.04
N ASP B 154 -19.58 -4.80 -12.82
CA ASP B 154 -19.16 -3.42 -12.47
C ASP B 154 -19.92 -2.31 -13.18
N ILE B 155 -20.97 -2.66 -13.91
CA ILE B 155 -21.67 -1.67 -14.72
C ILE B 155 -23.18 -1.67 -14.49
N ILE B 156 -23.85 -2.76 -14.85
CA ILE B 156 -25.32 -2.89 -14.64
C ILE B 156 -25.59 -3.99 -13.62
N TYR B 157 -26.28 -3.62 -12.53
CA TYR B 157 -26.62 -4.54 -11.45
C TYR B 157 -28.13 -4.71 -11.41
N ASN B 158 -28.63 -5.91 -11.74
CA ASN B 158 -30.06 -6.20 -11.63
C ASN B 158 -30.33 -7.05 -10.41
N GLY B 159 -31.13 -6.53 -9.48
CA GLY B 159 -31.58 -7.35 -8.36
C GLY B 159 -30.54 -7.48 -7.28
N ILE B 160 -29.38 -6.84 -7.48
CA ILE B 160 -28.36 -6.71 -6.46
C ILE B 160 -27.87 -5.25 -6.42
N THR B 161 -27.34 -4.84 -5.27
CA THR B 161 -26.85 -3.48 -5.07
C THR B 161 -25.40 -3.33 -5.57
N ASP B 162 -25.00 -2.11 -5.90
CA ASP B 162 -23.58 -1.80 -6.11
C ASP B 162 -22.95 -1.49 -4.75
N TRP B 163 -21.66 -1.11 -4.75
CA TRP B 163 -20.94 -0.90 -3.49
C TRP B 163 -21.69 0.08 -2.56
N VAL B 164 -22.05 1.26 -3.05
CA VAL B 164 -22.57 2.32 -2.19
C VAL B 164 -24.01 2.06 -1.71
N TYR B 165 -24.83 1.46 -2.58
CA TYR B 165 -26.18 1.08 -2.16
C TYR B 165 -26.16 -0.06 -1.15
N GLU B 166 -25.21 -1.00 -1.30
CA GLU B 166 -25.05 -2.07 -0.32
C GLU B 166 -24.68 -1.47 1.05
N GLU B 167 -23.63 -0.63 1.07
CA GLU B 167 -23.12 -0.09 2.34
C GLU B 167 -24.02 0.97 2.99
N GLU B 168 -24.55 1.89 2.19
CA GLU B 168 -25.16 3.11 2.73
C GLU B 168 -26.68 3.22 2.61
N VAL B 169 -27.28 2.44 1.73
CA VAL B 169 -28.71 2.64 1.49
C VAL B 169 -29.49 1.43 2.00
N PHE B 170 -29.22 0.27 1.41
CA PHE B 170 -30.00 -0.91 1.78
C PHE B 170 -29.43 -1.77 2.89
N SER B 171 -28.15 -1.60 3.22
CA SER B 171 -27.45 -2.47 4.19
C SER B 171 -27.64 -3.96 3.84
N ALA B 172 -27.55 -4.25 2.55
CA ALA B 172 -27.86 -5.57 2.01
C ALA B 172 -27.38 -5.62 0.58
N TYR B 173 -27.07 -6.82 0.13
CA TYR B 173 -26.66 -7.03 -1.24
C TYR B 173 -27.87 -7.19 -2.13
N SER B 174 -28.92 -7.79 -1.58
CA SER B 174 -30.14 -8.05 -2.33
C SER B 174 -30.87 -6.74 -2.71
N ALA B 175 -31.31 -6.66 -3.96
CA ALA B 175 -32.18 -5.57 -4.40
C ALA B 175 -33.37 -6.15 -5.16
N LEU B 176 -34.00 -7.15 -4.53
CA LEU B 176 -35.27 -7.64 -5.04
C LEU B 176 -36.23 -7.95 -3.89
N TRP B 177 -37.51 -7.84 -4.20
CA TRP B 177 -38.56 -7.91 -3.19
C TRP B 177 -39.74 -8.67 -3.74
N TRP B 178 -39.97 -9.88 -3.23
CA TRP B 178 -41.14 -10.67 -3.58
C TRP B 178 -42.39 -10.04 -2.98
N SER B 179 -43.52 -10.06 -3.71
CA SER B 179 -44.80 -9.64 -3.16
C SER B 179 -45.22 -10.67 -2.08
N PRO B 180 -46.17 -10.31 -1.20
CA PRO B 180 -46.47 -11.18 -0.03
C PRO B 180 -46.80 -12.64 -0.31
N ASN B 181 -47.56 -12.93 -1.38
CA ASN B 181 -47.84 -14.32 -1.74
C ASN B 181 -46.98 -14.84 -2.92
N GLY B 182 -46.01 -14.02 -3.34
CA GLY B 182 -45.01 -14.42 -4.34
C GLY B 182 -45.42 -14.26 -5.79
N THR B 183 -46.57 -13.63 -6.05
CA THR B 183 -46.99 -13.45 -7.45
C THR B 183 -46.02 -12.53 -8.19
N PHE B 184 -45.69 -11.40 -7.58
CA PHE B 184 -44.84 -10.40 -8.23
C PHE B 184 -43.43 -10.42 -7.68
N LEU B 185 -42.47 -10.15 -8.55
CA LEU B 185 -41.11 -9.89 -8.11
C LEU B 185 -40.72 -8.48 -8.50
N ALA B 186 -40.47 -7.66 -7.48
CA ALA B 186 -40.00 -6.30 -7.70
C ALA B 186 -38.47 -6.29 -7.62
N TYR B 187 -37.81 -5.40 -8.37
CA TYR B 187 -36.36 -5.27 -8.29
C TYR B 187 -35.86 -3.92 -8.75
N ALA B 188 -34.69 -3.56 -8.23
CA ALA B 188 -33.99 -2.37 -8.67
C ALA B 188 -32.85 -2.74 -9.62
N GLN B 189 -32.53 -1.80 -10.49
CA GLN B 189 -31.41 -1.90 -11.42
C GLN B 189 -30.50 -0.69 -11.23
N PHE B 190 -29.23 -0.95 -10.93
CA PHE B 190 -28.24 0.12 -10.74
C PHE B 190 -27.32 0.21 -11.95
N ASN B 191 -27.13 1.44 -12.43
CA ASN B 191 -26.24 1.74 -13.56
C ASN B 191 -25.04 2.54 -13.06
N ASP B 192 -23.87 1.91 -13.07
CA ASP B 192 -22.63 2.54 -12.59
C ASP B 192 -21.67 2.96 -13.71
N THR B 193 -22.18 3.11 -14.93
CA THR B 193 -21.34 3.40 -16.10
C THR B 193 -20.32 4.53 -15.87
N GLU B 194 -20.76 5.64 -15.29
CA GLU B 194 -19.89 6.82 -15.21
C GLU B 194 -19.39 7.07 -13.77
N VAL B 195 -19.60 6.09 -12.89
CA VAL B 195 -19.10 6.14 -11.51
C VAL B 195 -17.59 5.83 -11.52
N PRO B 196 -16.76 6.70 -10.92
CA PRO B 196 -15.32 6.43 -10.91
C PRO B 196 -14.96 5.19 -10.10
N LEU B 197 -13.82 4.58 -10.43
CA LEU B 197 -13.34 3.39 -9.72
C LEU B 197 -12.30 3.73 -8.67
N ILE B 198 -12.44 3.13 -7.49
CA ILE B 198 -11.31 3.08 -6.56
C ILE B 198 -10.46 1.89 -7.01
N GLU B 199 -9.15 2.08 -7.02
CA GLU B 199 -8.23 1.01 -7.39
C GLU B 199 -7.22 0.86 -6.27
N TYR B 200 -6.96 -0.38 -5.87
CA TYR B 200 -5.93 -0.65 -4.86
C TYR B 200 -5.38 -2.05 -5.12
N SER B 201 -4.20 -2.33 -4.59
CA SER B 201 -3.52 -3.60 -4.78
C SER B 201 -4.02 -4.62 -3.78
N PHE B 202 -4.11 -5.86 -4.27
CA PHE B 202 -4.36 -7.01 -3.44
C PHE B 202 -3.24 -8.01 -3.70
N TYR B 203 -2.53 -8.36 -2.64
CA TYR B 203 -1.30 -9.14 -2.75
C TYR B 203 -1.52 -10.64 -2.81
N SER B 204 -2.56 -11.12 -2.11
CA SER B 204 -2.96 -12.53 -2.09
C SER B 204 -1.90 -13.41 -1.41
N ASP B 205 -2.00 -14.73 -1.61
CA ASP B 205 -1.01 -15.64 -1.07
C ASP B 205 0.35 -15.31 -1.72
N GLU B 206 1.42 -15.70 -1.05
CA GLU B 206 2.75 -15.34 -1.52
C GLU B 206 3.10 -15.95 -2.89
N SER B 207 2.38 -17.01 -3.28
CA SER B 207 2.54 -17.66 -4.59
C SER B 207 2.21 -16.70 -5.75
N LEU B 208 1.36 -15.71 -5.51
CA LEU B 208 0.97 -14.78 -6.58
C LEU B 208 2.14 -13.85 -6.94
N GLN B 209 2.62 -13.96 -8.18
CA GLN B 209 3.84 -13.23 -8.61
C GLN B 209 3.62 -11.71 -8.76
N TYR B 210 2.52 -11.33 -9.42
CA TYR B 210 2.15 -9.91 -9.59
C TYR B 210 0.93 -9.61 -8.78
N PRO B 211 0.96 -8.52 -7.98
CA PRO B 211 -0.24 -8.16 -7.25
C PRO B 211 -1.41 -7.84 -8.17
N LYS B 212 -2.62 -8.07 -7.65
CA LYS B 212 -3.83 -7.82 -8.39
C LYS B 212 -4.29 -6.41 -8.08
N THR B 213 -4.82 -5.71 -9.08
CA THR B 213 -5.46 -4.44 -8.82
C THR B 213 -6.96 -4.64 -8.72
N VAL B 214 -7.48 -4.37 -7.53
CA VAL B 214 -8.92 -4.42 -7.28
C VAL B 214 -9.53 -3.10 -7.76
N ARG B 215 -10.60 -3.15 -8.53
CA ARG B 215 -11.23 -1.96 -9.09
C ARG B 215 -12.72 -2.00 -8.80
N VAL B 216 -13.20 -1.03 -8.03
CA VAL B 216 -14.59 -1.00 -7.57
C VAL B 216 -15.26 0.33 -7.90
N PRO B 217 -16.42 0.30 -8.60
CA PRO B 217 -17.19 1.55 -8.73
C PRO B 217 -17.63 2.12 -7.37
N TYR B 218 -17.14 3.31 -7.04
CA TYR B 218 -17.26 3.90 -5.72
C TYR B 218 -17.29 5.39 -5.91
N PRO B 219 -18.45 6.01 -5.67
CA PRO B 219 -18.52 7.47 -5.79
C PRO B 219 -18.04 8.14 -4.49
N LYS B 220 -16.95 8.87 -4.58
CA LYS B 220 -16.47 9.71 -3.46
C LYS B 220 -17.34 10.97 -3.43
N ALA B 221 -17.25 11.76 -2.36
CA ALA B 221 -18.14 12.91 -2.19
C ALA B 221 -18.11 13.86 -3.38
N GLY B 222 -19.29 14.15 -3.91
CA GLY B 222 -19.45 15.06 -5.04
C GLY B 222 -19.26 14.42 -6.41
N ALA B 223 -18.83 13.16 -6.43
CA ALA B 223 -18.57 12.46 -7.70
C ALA B 223 -19.86 11.98 -8.39
N VAL B 224 -19.73 11.45 -9.61
CA VAL B 224 -20.89 10.90 -10.33
C VAL B 224 -21.39 9.66 -9.60
N ASN B 225 -22.69 9.69 -9.25
CA ASN B 225 -23.37 8.62 -8.55
C ASN B 225 -23.97 7.58 -9.50
N PRO B 226 -24.22 6.35 -9.00
CA PRO B 226 -24.99 5.40 -9.82
C PRO B 226 -26.40 5.94 -10.07
N THR B 227 -27.04 5.51 -11.16
CA THR B 227 -28.45 5.87 -11.37
C THR B 227 -29.24 4.61 -11.11
N VAL B 228 -30.57 4.75 -10.94
CA VAL B 228 -31.39 3.64 -10.53
C VAL B 228 -32.72 3.62 -11.25
N LYS B 229 -33.18 2.41 -11.56
CA LYS B 229 -34.53 2.18 -12.07
C LYS B 229 -35.22 1.09 -11.26
N PHE B 230 -36.54 1.10 -11.26
CA PHE B 230 -37.30 0.14 -10.48
C PHE B 230 -38.30 -0.59 -11.38
N PHE B 231 -38.40 -1.91 -11.20
CA PHE B 231 -39.26 -2.75 -12.04
C PHE B 231 -40.05 -3.77 -11.22
N VAL B 232 -41.19 -4.20 -11.77
CA VAL B 232 -41.98 -5.29 -11.21
C VAL B 232 -42.35 -6.26 -12.33
N VAL B 233 -42.10 -7.55 -12.11
CA VAL B 233 -42.50 -8.62 -13.03
C VAL B 233 -43.48 -9.60 -12.35
N ASN B 234 -44.46 -10.05 -13.13
CA ASN B 234 -45.44 -11.04 -12.71
C ASN B 234 -44.87 -12.45 -12.95
N THR B 235 -44.39 -13.09 -11.89
CA THR B 235 -43.78 -14.44 -12.00
C THR B 235 -44.80 -15.54 -12.35
N ASP B 236 -46.08 -15.32 -12.04
CA ASP B 236 -47.12 -16.27 -12.42
C ASP B 236 -47.32 -16.37 -13.93
N SER B 237 -46.85 -15.38 -14.67
CA SER B 237 -47.02 -15.38 -16.14
C SER B 237 -45.84 -16.05 -16.87
N LEU B 238 -44.80 -16.38 -16.11
CA LEU B 238 -43.55 -16.86 -16.70
C LEU B 238 -43.69 -18.11 -17.55
N SER B 239 -44.54 -19.04 -17.13
CA SER B 239 -44.69 -20.31 -17.84
C SER B 239 -45.65 -20.20 -19.02
N SER B 240 -46.25 -19.01 -19.17
CA SER B 240 -47.27 -18.75 -20.22
C SER B 240 -46.79 -17.85 -21.36
N VAL B 241 -45.74 -17.08 -21.11
CA VAL B 241 -45.19 -16.18 -22.13
C VAL B 241 -43.69 -16.39 -22.30
N THR B 242 -43.17 -16.20 -23.51
CA THR B 242 -41.77 -16.49 -23.74
C THR B 242 -40.82 -15.55 -22.97
N ASN B 243 -41.28 -14.32 -22.74
CA ASN B 243 -40.43 -13.28 -22.16
C ASN B 243 -41.30 -12.27 -21.43
N ALA B 244 -41.61 -12.58 -20.17
CA ALA B 244 -42.49 -11.74 -19.35
C ALA B 244 -41.93 -10.32 -19.18
N THR B 245 -42.81 -9.32 -19.27
CA THR B 245 -42.42 -7.91 -19.28
C THR B 245 -42.19 -7.41 -17.86
N SER B 246 -41.04 -6.81 -17.64
CA SER B 246 -40.76 -6.10 -16.42
C SER B 246 -41.34 -4.70 -16.57
N ILE B 247 -42.32 -4.37 -15.72
CA ILE B 247 -43.00 -3.07 -15.78
C ILE B 247 -42.23 -2.08 -14.91
N GLN B 248 -41.78 -0.97 -15.51
CA GLN B 248 -41.02 0.03 -14.75
C GLN B 248 -41.96 0.92 -13.96
N ILE B 249 -41.57 1.22 -12.73
CA ILE B 249 -42.23 2.27 -11.96
C ILE B 249 -41.24 3.42 -11.86
N THR B 250 -41.58 4.54 -12.47
CA THR B 250 -40.64 5.67 -12.55
C THR B 250 -40.72 6.53 -11.30
N ALA B 251 -39.60 7.14 -10.92
CA ALA B 251 -39.54 8.10 -9.81
C ALA B 251 -40.46 9.31 -10.08
N PRO B 252 -40.98 9.96 -9.01
CA PRO B 252 -41.79 11.17 -9.23
C PRO B 252 -40.97 12.30 -9.85
N ALA B 253 -41.67 13.23 -10.51
CA ALA B 253 -41.04 14.41 -11.10
C ALA B 253 -40.14 15.21 -10.14
N SER B 254 -40.53 15.31 -8.87
CA SER B 254 -39.71 16.01 -7.85
C SER B 254 -38.35 15.35 -7.59
N MET B 255 -38.22 14.08 -7.98
CA MET B 255 -36.95 13.36 -7.87
C MET B 255 -36.16 13.41 -9.18
N LEU B 256 -36.87 13.26 -10.29
CA LEU B 256 -36.28 13.25 -11.64
C LEU B 256 -35.58 14.56 -12.06
N ILE B 257 -35.94 15.68 -11.41
CA ILE B 257 -35.29 16.99 -11.62
C ILE B 257 -33.78 16.99 -11.35
N GLY B 258 -33.30 16.04 -10.56
CA GLY B 258 -31.87 15.96 -10.27
C GLY B 258 -31.45 14.57 -9.86
N ASP B 259 -30.23 14.46 -9.33
CA ASP B 259 -29.72 13.21 -8.76
C ASP B 259 -30.59 12.76 -7.59
N HIS B 260 -30.84 11.46 -7.49
CA HIS B 260 -31.70 10.91 -6.44
C HIS B 260 -31.31 9.46 -6.15
N TYR B 261 -31.92 8.91 -5.11
CA TYR B 261 -31.74 7.51 -4.69
C TYR B 261 -33.11 6.85 -4.49
N LEU B 262 -33.18 5.55 -4.73
CA LEU B 262 -34.26 4.72 -4.22
C LEU B 262 -33.84 4.28 -2.81
N CYS B 263 -34.62 4.59 -1.78
CA CYS B 263 -34.16 4.32 -0.39
C CYS B 263 -35.00 3.35 0.43
N ASP B 264 -36.16 2.95 -0.11
CA ASP B 264 -36.99 1.95 0.54
C ASP B 264 -37.96 1.30 -0.44
N VAL B 265 -38.16 0.00 -0.26
CA VAL B 265 -39.17 -0.75 -1.00
C VAL B 265 -39.90 -1.61 0.03
N THR B 266 -41.23 -1.42 0.11
CA THR B 266 -42.07 -2.19 1.03
C THR B 266 -43.41 -2.49 0.36
N TRP B 267 -43.70 -3.78 0.16
CA TRP B 267 -45.02 -4.24 -0.30
C TRP B 267 -46.07 -4.01 0.78
N ALA B 268 -47.24 -3.53 0.35
CA ALA B 268 -48.35 -3.29 1.28
C ALA B 268 -49.35 -4.44 1.23
N THR B 269 -49.72 -4.86 0.01
CA THR B 269 -50.67 -5.94 -0.20
C THR B 269 -50.19 -6.77 -1.40
N GLN B 270 -50.99 -7.75 -1.84
CA GLN B 270 -50.66 -8.54 -3.04
C GLN B 270 -50.54 -7.68 -4.30
N GLU B 271 -51.21 -6.52 -4.31
CA GLU B 271 -51.24 -5.68 -5.49
C GLU B 271 -50.92 -4.20 -5.23
N ARG B 272 -50.21 -3.93 -4.14
CA ARG B 272 -49.85 -2.58 -3.74
C ARG B 272 -48.44 -2.54 -3.16
N ILE B 273 -47.58 -1.73 -3.77
CA ILE B 273 -46.21 -1.58 -3.32
C ILE B 273 -45.91 -0.10 -2.98
N SER B 274 -45.13 0.12 -1.93
CA SER B 274 -44.67 1.45 -1.60
C SER B 274 -43.17 1.55 -1.87
N LEU B 275 -42.76 2.70 -2.41
CA LEU B 275 -41.36 3.01 -2.65
C LEU B 275 -41.03 4.38 -2.10
N GLN B 276 -39.89 4.50 -1.44
CA GLN B 276 -39.43 5.81 -1.01
C GLN B 276 -38.21 6.24 -1.81
N TRP B 277 -38.21 7.49 -2.24
CA TRP B 277 -37.11 8.07 -2.99
C TRP B 277 -36.49 9.23 -2.19
N LEU B 278 -35.19 9.42 -2.32
CA LEU B 278 -34.47 10.45 -1.60
C LEU B 278 -33.66 11.31 -2.58
N ARG B 279 -33.77 12.64 -2.48
CA ARG B 279 -32.95 13.54 -3.28
C ARG B 279 -31.49 13.39 -2.86
N ARG B 280 -30.55 13.61 -3.79
CA ARG B 280 -29.13 13.55 -3.44
C ARG B 280 -28.79 14.52 -2.29
N ILE B 281 -29.46 15.66 -2.25
CA ILE B 281 -29.50 16.48 -1.04
C ILE B 281 -30.55 15.87 -0.13
N GLN B 282 -30.08 15.20 0.91
CA GLN B 282 -30.87 14.18 1.61
C GLN B 282 -31.82 14.71 2.71
N ASN B 283 -32.42 15.88 2.46
CA ASN B 283 -33.41 16.44 3.38
C ASN B 283 -34.81 16.49 2.78
N TYR B 284 -35.04 15.71 1.73
CA TYR B 284 -36.33 15.67 1.05
C TYR B 284 -36.53 14.27 0.51
N SER B 285 -37.59 13.61 0.98
CA SER B 285 -37.90 12.26 0.54
C SER B 285 -39.37 12.18 0.12
N VAL B 286 -39.66 11.27 -0.80
CA VAL B 286 -41.01 11.08 -1.31
C VAL B 286 -41.38 9.60 -1.33
N MET B 287 -42.49 9.26 -0.70
CA MET B 287 -43.05 7.91 -0.82
C MET B 287 -44.19 7.88 -1.83
N ASP B 288 -44.10 6.95 -2.79
CA ASP B 288 -45.19 6.68 -3.70
C ASP B 288 -45.84 5.37 -3.28
N ILE B 289 -47.15 5.28 -3.45
CA ILE B 289 -47.87 4.06 -3.14
C ILE B 289 -48.59 3.64 -4.44
N CYS B 290 -48.19 2.50 -4.99
CA CYS B 290 -48.56 2.13 -6.35
C CYS B 290 -49.40 0.86 -6.42
N ASP B 291 -50.50 0.93 -7.18
CA ASP B 291 -51.42 -0.18 -7.34
C ASP B 291 -51.32 -0.84 -8.71
N TYR B 292 -51.45 -2.16 -8.72
CA TYR B 292 -51.50 -2.91 -9.95
C TYR B 292 -52.84 -2.65 -10.63
N ASP B 293 -52.79 -2.24 -11.89
CA ASP B 293 -54.00 -2.04 -12.70
C ASP B 293 -54.17 -3.24 -13.62
N GLU B 294 -55.15 -4.08 -13.27
CA GLU B 294 -55.43 -5.37 -13.91
C GLU B 294 -55.73 -5.27 -15.41
N SER B 295 -56.35 -4.16 -15.83
CA SER B 295 -56.76 -4.01 -17.23
C SER B 295 -55.59 -3.62 -18.13
N SER B 296 -54.66 -2.87 -17.57
CA SER B 296 -53.55 -2.32 -18.34
C SER B 296 -52.24 -3.08 -18.09
N GLY B 297 -52.23 -3.91 -17.05
CA GLY B 297 -51.01 -4.61 -16.64
C GLY B 297 -49.96 -3.67 -16.09
N ARG B 298 -50.34 -2.43 -15.81
CA ARG B 298 -49.40 -1.41 -15.32
C ARG B 298 -49.53 -1.14 -13.81
N TRP B 299 -48.59 -0.37 -13.31
CA TRP B 299 -48.55 0.03 -11.91
C TRP B 299 -48.71 1.54 -11.84
N ASN B 300 -49.73 2.00 -11.15
CA ASN B 300 -49.98 3.44 -11.09
C ASN B 300 -49.90 3.97 -9.66
N CYS B 301 -49.21 5.10 -9.51
CA CYS B 301 -49.03 5.70 -8.19
C CYS B 301 -49.80 7.04 -8.10
N LEU B 302 -50.95 7.00 -7.44
CA LEU B 302 -51.81 8.18 -7.30
C LEU B 302 -51.14 9.26 -6.47
N VAL B 303 -51.17 10.48 -6.98
CA VAL B 303 -50.52 11.58 -6.27
C VAL B 303 -51.22 11.80 -4.92
N ALA B 304 -52.52 11.50 -4.84
CA ALA B 304 -53.22 11.56 -3.54
C ALA B 304 -52.65 10.61 -2.48
N ARG B 305 -51.79 9.68 -2.91
CA ARG B 305 -51.23 8.66 -2.02
C ARG B 305 -49.75 8.87 -1.80
N GLN B 306 -49.24 10.00 -2.30
CA GLN B 306 -47.83 10.31 -2.24
C GLN B 306 -47.53 11.07 -0.95
N HIS B 307 -46.50 10.64 -0.22
CA HIS B 307 -46.18 11.22 1.07
C HIS B 307 -44.79 11.84 1.09
N ILE B 308 -44.72 13.09 1.52
CA ILE B 308 -43.46 13.84 1.58
C ILE B 308 -42.90 13.80 2.99
N GLU B 309 -41.58 13.61 3.09
CA GLU B 309 -40.91 13.66 4.39
C GLU B 309 -39.65 14.50 4.24
N MET B 310 -39.58 15.62 4.94
CA MET B 310 -38.43 16.51 4.84
C MET B 310 -37.88 16.95 6.19
N SER B 311 -36.63 17.42 6.21
CA SER B 311 -36.06 17.97 7.45
C SER B 311 -35.51 19.36 7.17
N THR B 312 -35.83 20.28 8.08
CA THR B 312 -35.32 21.65 8.04
C THR B 312 -34.03 21.81 8.83
N THR B 313 -33.79 20.88 9.77
CA THR B 313 -32.62 20.95 10.65
C THR B 313 -31.48 19.99 10.25
N GLY B 314 -31.80 18.93 9.52
CA GLY B 314 -30.77 17.96 9.15
C GLY B 314 -31.18 17.15 7.95
N TRP B 315 -30.83 15.86 7.99
CA TRP B 315 -31.15 14.92 6.92
C TRP B 315 -32.45 14.21 7.31
N VAL B 316 -33.00 13.38 6.43
CA VAL B 316 -34.21 12.61 6.73
C VAL B 316 -33.85 11.22 7.29
N GLY B 317 -34.40 10.90 8.46
CA GLY B 317 -34.21 9.59 9.07
C GLY B 317 -32.94 9.57 9.90
N ARG B 318 -32.71 8.49 10.64
CA ARG B 318 -31.46 8.33 11.39
C ARG B 318 -30.29 8.11 10.43
N PHE B 319 -30.41 7.10 9.57
CA PHE B 319 -29.43 6.83 8.52
C PHE B 319 -30.10 6.77 7.14
N ARG B 320 -31.43 6.74 7.11
CA ARG B 320 -32.22 6.72 5.89
C ARG B 320 -33.66 6.92 6.32
N PRO B 321 -34.56 7.36 5.40
CA PRO B 321 -35.96 7.44 5.84
C PRO B 321 -36.45 6.08 6.36
N SER B 322 -37.31 6.12 7.38
CA SER B 322 -37.81 4.89 8.05
C SER B 322 -38.76 4.08 7.17
N GLU B 323 -38.88 2.79 7.45
CA GLU B 323 -39.75 1.93 6.68
C GLU B 323 -41.20 2.00 7.18
N PRO B 324 -42.17 1.91 6.26
CA PRO B 324 -43.57 1.89 6.68
C PRO B 324 -43.96 0.48 7.12
N HIS B 325 -44.93 0.39 8.03
CA HIS B 325 -45.54 -0.89 8.42
C HIS B 325 -47.04 -0.81 8.15
N PHE B 326 -47.48 -1.52 7.12
CA PHE B 326 -48.87 -1.48 6.67
C PHE B 326 -49.80 -2.38 7.48
N THR B 327 -50.99 -1.86 7.75
CA THR B 327 -52.08 -2.67 8.26
C THR B 327 -52.46 -3.69 7.19
N LEU B 328 -53.16 -4.77 7.58
CA LEU B 328 -53.40 -5.89 6.68
C LEU B 328 -54.04 -5.49 5.34
N ASP B 329 -55.08 -4.65 5.42
CA ASP B 329 -55.75 -4.14 4.21
C ASP B 329 -54.91 -3.20 3.34
N GLY B 330 -53.72 -2.81 3.81
CA GLY B 330 -52.86 -1.89 3.05
C GLY B 330 -53.40 -0.46 2.91
N ASN B 331 -54.44 -0.12 3.65
CA ASN B 331 -55.05 1.23 3.57
C ASN B 331 -54.49 2.25 4.56
N SER B 332 -53.61 1.79 5.45
CA SER B 332 -52.96 2.66 6.40
C SER B 332 -51.63 2.05 6.80
N PHE B 333 -50.74 2.89 7.36
CA PHE B 333 -49.44 2.42 7.79
C PHE B 333 -48.90 3.24 8.96
N TYR B 334 -47.93 2.66 9.64
CA TYR B 334 -47.25 3.29 10.76
C TYR B 334 -45.81 3.51 10.35
N LYS B 335 -45.24 4.64 10.76
CA LYS B 335 -43.89 5.01 10.38
C LYS B 335 -43.27 5.83 11.52
N ILE B 336 -41.99 5.58 11.83
CA ILE B 336 -41.28 6.40 12.81
C ILE B 336 -40.83 7.66 12.12
N ILE B 337 -41.22 8.82 12.67
CA ILE B 337 -40.77 10.09 12.14
C ILE B 337 -40.51 11.07 13.27
N SER B 338 -39.71 12.09 12.99
CA SER B 338 -39.34 13.08 13.98
C SER B 338 -40.53 14.01 14.17
N ASN B 339 -40.98 14.14 15.41
CA ASN B 339 -42.11 15.01 15.72
C ASN B 339 -41.68 16.49 15.79
N GLU B 340 -42.64 17.36 16.09
CA GLU B 340 -42.39 18.81 16.17
C GLU B 340 -41.29 19.21 17.17
N GLU B 341 -41.08 18.39 18.20
CA GLU B 341 -40.04 18.66 19.21
C GLU B 341 -38.71 17.98 18.86
N GLY B 342 -38.66 17.34 17.70
CA GLY B 342 -37.44 16.68 17.22
C GLY B 342 -37.22 15.27 17.75
N TYR B 343 -38.24 14.67 18.37
CA TYR B 343 -38.14 13.29 18.88
C TYR B 343 -38.84 12.30 17.97
N ARG B 344 -38.18 11.18 17.69
CA ARG B 344 -38.70 10.17 16.78
C ARG B 344 -39.74 9.29 17.45
N HIS B 345 -40.94 9.30 16.86
CA HIS B 345 -42.13 8.68 17.41
C HIS B 345 -42.96 8.04 16.31
N ILE B 346 -43.91 7.18 16.69
CA ILE B 346 -44.69 6.49 15.71
C ILE B 346 -45.86 7.35 15.25
N CYS B 347 -45.96 7.53 13.94
CA CYS B 347 -47.05 8.27 13.30
C CYS B 347 -47.88 7.30 12.47
N TYR B 348 -49.21 7.48 12.54
CA TYR B 348 -50.16 6.65 11.82
C TYR B 348 -50.74 7.44 10.63
N PHE B 349 -50.62 6.86 9.44
CA PHE B 349 -51.04 7.46 8.17
C PHE B 349 -52.20 6.66 7.54
N GLN B 350 -53.17 7.37 6.99
CA GLN B 350 -54.06 6.78 5.98
C GLN B 350 -53.37 7.01 4.65
N ILE B 351 -53.45 6.04 3.74
CA ILE B 351 -52.61 6.10 2.53
C ILE B 351 -52.92 7.31 1.64
N ASP B 352 -54.15 7.82 1.73
CA ASP B 352 -54.56 8.96 0.90
C ASP B 352 -54.87 10.25 1.70
N LYS B 353 -54.24 10.38 2.86
CA LYS B 353 -54.31 11.61 3.65
C LYS B 353 -52.90 12.02 4.06
N LYS B 354 -52.59 13.30 3.89
CA LYS B 354 -51.21 13.74 4.04
C LYS B 354 -50.78 13.94 5.50
N ASP B 355 -51.73 14.30 6.35
CA ASP B 355 -51.42 14.52 7.76
C ASP B 355 -51.54 13.21 8.54
N CYS B 356 -50.49 12.85 9.27
CA CYS B 356 -50.53 11.65 10.11
C CYS B 356 -50.84 12.00 11.56
N THR B 357 -51.14 10.96 12.35
CA THR B 357 -51.42 11.13 13.77
C THR B 357 -50.33 10.44 14.59
N PHE B 358 -49.65 11.19 15.45
CA PHE B 358 -48.66 10.60 16.35
C PHE B 358 -49.35 9.76 17.42
N ILE B 359 -48.91 8.51 17.54
CA ILE B 359 -49.52 7.60 18.53
C ILE B 359 -48.65 7.42 19.78
N THR B 360 -47.39 7.85 19.69
CA THR B 360 -46.51 7.96 20.85
C THR B 360 -45.94 9.38 20.91
N LYS B 361 -45.52 9.81 22.10
CA LYS B 361 -44.89 11.12 22.28
C LYS B 361 -44.09 11.13 23.57
N GLY B 362 -43.23 12.14 23.73
CA GLY B 362 -42.44 12.26 24.95
C GLY B 362 -40.99 12.55 24.63
N THR B 363 -40.19 12.84 25.66
CA THR B 363 -38.79 13.21 25.46
C THR B 363 -37.92 11.96 25.55
N TRP B 364 -38.09 11.11 24.54
CA TRP B 364 -37.40 9.83 24.39
C TRP B 364 -37.76 9.41 22.97
N GLU B 365 -37.18 8.32 22.48
CA GLU B 365 -37.46 7.94 21.10
C GLU B 365 -37.84 6.48 20.89
N VAL B 366 -38.68 6.24 19.88
CA VAL B 366 -38.95 4.90 19.39
C VAL B 366 -37.77 4.48 18.52
N ILE B 367 -37.24 3.29 18.80
CA ILE B 367 -36.09 2.74 18.09
C ILE B 367 -36.51 1.95 16.85
N GLY B 368 -37.53 1.13 16.97
CA GLY B 368 -38.05 0.35 15.85
C GLY B 368 -39.47 -0.17 16.11
N ILE B 369 -40.22 -0.33 15.04
CA ILE B 369 -41.51 -1.03 15.10
C ILE B 369 -41.22 -2.51 14.83
N GLU B 370 -41.68 -3.39 15.73
CA GLU B 370 -41.26 -4.81 15.70
C GLU B 370 -42.31 -5.76 15.12
N ALA B 371 -43.58 -5.48 15.40
CA ALA B 371 -44.67 -6.30 14.89
C ALA B 371 -45.96 -5.49 14.94
N LEU B 372 -46.91 -5.89 14.09
CA LEU B 372 -48.20 -5.24 14.00
C LEU B 372 -49.22 -6.34 13.81
N THR B 373 -50.21 -6.37 14.69
CA THR B 373 -51.36 -7.25 14.55
C THR B 373 -52.60 -6.38 14.40
N SER B 374 -53.76 -6.99 14.16
CA SER B 374 -55.02 -6.25 14.10
C SER B 374 -55.33 -5.43 15.35
N ASP B 375 -54.77 -5.82 16.51
CA ASP B 375 -55.14 -5.19 17.78
C ASP B 375 -54.01 -4.41 18.46
N TYR B 376 -52.76 -4.75 18.14
CA TYR B 376 -51.60 -4.18 18.82
C TYR B 376 -50.43 -3.85 17.92
N LEU B 377 -49.73 -2.77 18.26
CA LEU B 377 -48.43 -2.51 17.65
C LEU B 377 -47.34 -2.70 18.71
N TYR B 378 -46.29 -3.42 18.32
CA TYR B 378 -45.18 -3.72 19.24
C TYR B 378 -43.96 -2.97 18.76
N TYR B 379 -43.29 -2.28 19.69
CA TYR B 379 -42.16 -1.46 19.32
C TYR B 379 -41.09 -1.43 20.43
N ILE B 380 -39.87 -1.07 20.06
CA ILE B 380 -38.78 -0.91 21.05
C ILE B 380 -38.52 0.57 21.26
N SER B 381 -38.34 1.01 22.51
CA SER B 381 -37.94 2.39 22.75
C SER B 381 -36.98 2.49 23.93
N ASN B 382 -36.44 3.69 24.11
CA ASN B 382 -35.62 4.02 25.29
C ASN B 382 -36.36 4.84 26.33
N GLU B 383 -37.70 4.70 26.38
CA GLU B 383 -38.49 5.45 27.37
C GLU B 383 -38.13 5.10 28.81
N TYR B 384 -37.91 3.82 29.09
CA TYR B 384 -37.80 3.37 30.48
C TYR B 384 -36.73 4.12 31.23
N LYS B 385 -37.15 4.74 32.33
CA LYS B 385 -36.26 5.46 33.27
C LYS B 385 -35.48 6.63 32.64
N GLY B 386 -35.96 7.11 31.49
CA GLY B 386 -35.27 8.20 30.78
C GLY B 386 -33.83 7.90 30.44
N MET B 387 -33.54 6.64 30.10
CA MET B 387 -32.18 6.22 29.78
C MET B 387 -32.07 5.97 28.29
N PRO B 388 -31.41 6.90 27.55
CA PRO B 388 -31.36 6.79 26.08
C PRO B 388 -30.58 5.56 25.60
N GLY B 389 -29.76 5.01 26.50
CA GLY B 389 -28.95 3.84 26.22
C GLY B 389 -29.54 2.52 26.68
N GLY B 390 -30.81 2.54 27.12
CA GLY B 390 -31.57 1.31 27.41
C GLY B 390 -32.60 1.03 26.32
N ARG B 391 -33.06 -0.22 26.23
CA ARG B 391 -34.02 -0.63 25.18
C ARG B 391 -35.04 -1.57 25.82
N ASN B 392 -36.34 -1.28 25.61
CA ASN B 392 -37.40 -2.16 26.10
C ASN B 392 -38.51 -2.35 25.06
N LEU B 393 -39.24 -3.46 25.15
CA LEU B 393 -40.35 -3.76 24.24
C LEU B 393 -41.65 -3.27 24.87
N TYR B 394 -42.46 -2.59 24.05
CA TYR B 394 -43.75 -2.06 24.49
C TYR B 394 -44.81 -2.50 23.51
N LYS B 395 -46.05 -2.45 23.98
CA LYS B 395 -47.19 -2.91 23.24
C LYS B 395 -48.23 -1.80 23.34
N ILE B 396 -48.72 -1.30 22.21
CA ILE B 396 -49.75 -0.26 22.25
C ILE B 396 -51.06 -0.74 21.64
N GLN B 397 -52.16 -0.49 22.36
CA GLN B 397 -53.48 -0.90 21.92
C GLN B 397 -53.97 0.03 20.81
N LEU B 398 -54.26 -0.53 19.63
CA LEU B 398 -54.56 0.28 18.46
C LEU B 398 -55.91 1.00 18.58
N SER B 399 -56.84 0.39 19.31
CA SER B 399 -58.14 1.02 19.57
C SER B 399 -58.09 2.00 20.75
N ASP B 400 -56.95 2.08 21.44
CA ASP B 400 -56.81 2.98 22.60
C ASP B 400 -55.34 3.28 22.90
N TYR B 401 -54.84 4.38 22.32
CA TYR B 401 -53.41 4.75 22.45
C TYR B 401 -52.93 5.05 23.87
N THR B 402 -53.86 5.28 24.80
CA THR B 402 -53.51 5.50 26.20
C THR B 402 -53.08 4.18 26.86
N LYS B 403 -53.37 3.07 26.18
CA LYS B 403 -53.08 1.75 26.72
C LYS B 403 -51.76 1.25 26.16
N VAL B 404 -50.68 1.55 26.88
CA VAL B 404 -49.34 1.17 26.48
C VAL B 404 -48.73 0.33 27.59
N THR B 405 -48.34 -0.91 27.28
CA THR B 405 -47.79 -1.82 28.27
C THR B 405 -46.31 -2.05 27.98
N CYS B 406 -45.45 -1.88 28.99
CA CYS B 406 -44.06 -2.29 28.84
C CYS B 406 -43.99 -3.79 29.07
N LEU B 407 -43.54 -4.51 28.04
CA LEU B 407 -43.52 -5.98 28.11
C LEU B 407 -42.24 -6.52 28.77
N SER B 408 -41.19 -5.70 28.81
CA SER B 408 -39.89 -6.20 29.25
C SER B 408 -39.28 -5.46 30.43
N CYS B 409 -39.75 -4.24 30.69
CA CYS B 409 -39.11 -3.32 31.68
C CYS B 409 -38.82 -3.96 33.02
N GLU B 410 -39.80 -4.70 33.55
CA GLU B 410 -39.74 -5.22 34.92
C GLU B 410 -39.45 -6.70 35.02
N LEU B 411 -39.12 -7.35 33.91
CA LEU B 411 -38.80 -8.78 33.95
C LEU B 411 -37.62 -9.11 34.88
N ASN B 412 -36.48 -8.45 34.66
CA ASN B 412 -35.32 -8.48 35.57
C ASN B 412 -34.64 -7.11 35.47
N PRO B 413 -35.16 -6.11 36.17
CA PRO B 413 -34.69 -4.73 35.98
C PRO B 413 -33.19 -4.53 36.29
N GLU B 414 -32.65 -5.34 37.20
CA GLU B 414 -31.24 -5.25 37.59
C GLU B 414 -30.35 -5.80 36.50
N ARG B 415 -30.73 -6.96 35.98
CA ARG B 415 -29.93 -7.68 35.00
C ARG B 415 -30.18 -7.24 33.56
N CYS B 416 -31.37 -6.70 33.30
CA CYS B 416 -31.85 -6.56 31.92
C CYS B 416 -32.49 -5.22 31.59
N GLN B 417 -31.74 -4.40 30.86
CA GLN B 417 -32.15 -3.06 30.52
C GLN B 417 -32.02 -2.80 29.02
N TYR B 418 -31.62 -3.81 28.25
CA TYR B 418 -31.41 -3.65 26.80
C TYR B 418 -31.94 -4.87 26.07
N TYR B 419 -33.11 -4.74 25.45
CA TYR B 419 -33.77 -5.85 24.78
C TYR B 419 -33.86 -5.66 23.29
N SER B 420 -33.79 -6.78 22.57
CA SER B 420 -34.31 -6.88 21.20
C SER B 420 -35.29 -8.05 21.23
N VAL B 421 -36.06 -8.22 20.15
CA VAL B 421 -37.12 -9.21 20.14
C VAL B 421 -37.21 -9.92 18.78
N SER B 422 -37.72 -11.15 18.82
CA SER B 422 -37.99 -11.96 17.64
C SER B 422 -39.39 -12.59 17.71
N PHE B 423 -40.32 -12.08 16.91
CA PHE B 423 -41.70 -12.58 16.89
C PHE B 423 -41.85 -13.74 15.92
N SER B 424 -42.73 -14.69 16.26
CA SER B 424 -43.11 -15.77 15.36
C SER B 424 -43.90 -15.18 14.17
N LYS B 425 -44.24 -16.02 13.19
CA LYS B 425 -44.72 -15.52 11.89
C LYS B 425 -45.96 -14.59 11.92
N GLU B 426 -46.93 -14.92 12.79
CA GLU B 426 -48.11 -14.05 12.99
C GLU B 426 -48.13 -13.49 14.43
N ALA B 427 -46.93 -13.30 15.00
CA ALA B 427 -46.70 -12.71 16.33
C ALA B 427 -47.39 -13.45 17.49
N LYS B 428 -47.61 -14.76 17.34
CA LYS B 428 -48.22 -15.57 18.41
C LYS B 428 -47.26 -15.74 19.60
N TYR B 429 -45.96 -15.74 19.30
CA TYR B 429 -44.91 -15.90 20.31
C TYR B 429 -43.81 -14.89 20.07
N TYR B 430 -43.08 -14.55 21.13
CA TYR B 430 -41.89 -13.75 20.97
C TYR B 430 -40.72 -14.21 21.84
N GLN B 431 -39.52 -14.15 21.26
CA GLN B 431 -38.29 -14.40 21.98
C GLN B 431 -37.73 -13.03 22.37
N LEU B 432 -37.50 -12.86 23.67
CA LEU B 432 -36.81 -11.68 24.14
C LEU B 432 -35.32 -11.98 24.32
N ARG B 433 -34.50 -11.06 23.85
CA ARG B 433 -33.05 -11.15 23.96
C ARG B 433 -32.54 -9.97 24.79
N CYS B 434 -32.21 -10.26 26.04
CA CYS B 434 -31.60 -9.27 26.92
C CYS B 434 -30.09 -9.29 26.70
N SER B 435 -29.48 -8.13 26.46
CA SER B 435 -28.04 -8.10 26.21
C SER B 435 -27.22 -7.33 27.28
N GLY B 436 -27.88 -6.93 28.35
CA GLY B 436 -27.19 -6.26 29.47
C GLY B 436 -28.12 -5.46 30.35
N PRO B 437 -27.60 -4.88 31.46
CA PRO B 437 -26.17 -4.82 31.85
C PRO B 437 -25.56 -6.11 32.43
N GLY B 438 -26.40 -7.08 32.79
CA GLY B 438 -25.92 -8.37 33.29
C GLY B 438 -25.64 -9.29 32.13
N LEU B 439 -25.49 -10.59 32.41
CA LEU B 439 -25.22 -11.55 31.33
C LEU B 439 -26.44 -11.71 30.42
N PRO B 440 -26.23 -11.80 29.09
CA PRO B 440 -27.40 -11.98 28.21
C PRO B 440 -28.32 -13.11 28.65
N LEU B 441 -29.62 -12.85 28.49
CA LEU B 441 -30.68 -13.76 28.92
C LEU B 441 -31.69 -13.86 27.79
N TYR B 442 -31.99 -15.09 27.38
CA TYR B 442 -32.88 -15.34 26.28
C TYR B 442 -34.11 -16.07 26.81
N THR B 443 -35.28 -15.53 26.51
CA THR B 443 -36.53 -16.07 27.06
C THR B 443 -37.61 -16.14 25.97
N LEU B 444 -38.60 -17.01 26.17
CA LEU B 444 -39.72 -17.17 25.25
C LEU B 444 -41.05 -16.83 25.93
N HIS B 445 -41.96 -16.22 25.16
CA HIS B 445 -43.19 -15.65 25.72
C HIS B 445 -44.36 -15.91 24.77
N SER B 446 -45.56 -16.07 25.31
CA SER B 446 -46.79 -16.14 24.49
C SER B 446 -47.46 -14.76 24.41
N SER B 447 -47.78 -14.32 23.19
CA SER B 447 -48.37 -13.01 22.94
C SER B 447 -49.81 -12.91 23.43
N VAL B 448 -50.49 -14.06 23.50
CA VAL B 448 -51.92 -14.14 23.89
C VAL B 448 -52.18 -13.65 25.31
N ASN B 449 -51.22 -13.86 26.20
CA ASN B 449 -51.34 -13.48 27.62
C ASN B 449 -50.07 -12.81 28.16
N ASP B 450 -49.10 -12.58 27.28
CA ASP B 450 -47.77 -12.02 27.62
C ASP B 450 -47.09 -12.72 28.80
N LYS B 451 -47.31 -14.03 28.90
CA LYS B 451 -46.69 -14.83 29.95
C LYS B 451 -45.36 -15.42 29.48
N GLY B 452 -44.42 -15.56 30.40
CA GLY B 452 -43.13 -16.16 30.10
C GLY B 452 -43.31 -17.65 30.06
N LEU B 453 -42.85 -18.28 28.99
CA LEU B 453 -43.01 -19.72 28.79
C LEU B 453 -41.82 -20.47 29.40
N ARG B 454 -40.62 -20.03 29.06
CA ARG B 454 -39.40 -20.67 29.58
C ARG B 454 -38.17 -19.84 29.31
N VAL B 455 -37.11 -20.11 30.06
CA VAL B 455 -35.81 -19.52 29.81
C VAL B 455 -35.13 -20.40 28.77
N LEU B 456 -34.62 -19.77 27.71
CA LEU B 456 -33.98 -20.52 26.64
C LEU B 456 -32.47 -20.67 26.88
N GLU B 457 -31.84 -19.57 27.32
CA GLU B 457 -30.40 -19.54 27.62
C GLU B 457 -30.16 -18.41 28.63
N ASP B 458 -29.54 -18.78 29.75
CA ASP B 458 -29.31 -17.84 30.84
C ASP B 458 -27.81 -17.58 31.14
N ASN B 459 -26.93 -18.21 30.35
CA ASN B 459 -25.49 -18.06 30.52
C ASN B 459 -24.98 -18.40 31.92
N SER B 460 -25.60 -19.41 32.55
CA SER B 460 -25.15 -19.86 33.88
C SER B 460 -23.74 -20.45 33.84
N ALA B 461 -23.38 -21.09 32.72
CA ALA B 461 -22.04 -21.66 32.53
C ALA B 461 -20.97 -20.56 32.63
N LEU B 462 -21.17 -19.49 31.88
CA LEU B 462 -20.27 -18.33 31.91
C LEU B 462 -20.26 -17.61 33.26
N ASP B 463 -21.44 -17.43 33.86
CA ASP B 463 -21.53 -16.85 35.19
C ASP B 463 -20.59 -17.61 36.16
N LYS B 464 -20.63 -18.93 36.08
CA LYS B 464 -19.84 -19.79 36.94
C LYS B 464 -18.34 -19.52 36.72
N MET B 465 -17.93 -19.49 35.46
CA MET B 465 -16.55 -19.20 35.08
C MET B 465 -16.10 -17.84 35.60
N LEU B 466 -16.91 -16.81 35.37
CA LEU B 466 -16.56 -15.44 35.72
C LEU B 466 -16.46 -15.15 37.23
N GLN B 467 -17.06 -16.02 38.04
CA GLN B 467 -16.93 -15.92 39.49
C GLN B 467 -15.49 -16.04 39.96
N ASN B 468 -14.66 -16.73 39.18
CA ASN B 468 -13.23 -16.90 39.51
C ASN B 468 -12.34 -15.81 38.92
N VAL B 469 -12.96 -14.76 38.36
CA VAL B 469 -12.24 -13.69 37.67
C VAL B 469 -12.52 -12.32 38.29
N GLN B 470 -11.46 -11.53 38.44
CA GLN B 470 -11.56 -10.14 38.85
C GLN B 470 -12.07 -9.31 37.68
N MET B 471 -13.40 -9.24 37.55
CA MET B 471 -14.02 -8.55 36.43
C MET B 471 -14.16 -7.07 36.75
N PRO B 472 -14.10 -6.21 35.72
CA PRO B 472 -14.30 -4.79 35.91
C PRO B 472 -15.79 -4.48 36.05
N SER B 473 -16.11 -3.26 36.51
CA SER B 473 -17.49 -2.81 36.58
C SER B 473 -17.74 -1.73 35.54
N LYS B 474 -19.00 -1.40 35.35
CA LYS B 474 -19.40 -0.41 34.36
C LYS B 474 -20.31 0.62 35.01
N LYS B 475 -19.94 1.89 34.86
CA LYS B 475 -20.77 2.99 35.31
C LYS B 475 -21.38 3.68 34.10
N LEU B 476 -22.70 3.89 34.17
CA LEU B 476 -23.42 4.60 33.14
C LEU B 476 -24.11 5.79 33.79
N ASP B 477 -23.75 7.00 33.36
CA ASP B 477 -24.27 8.21 33.98
C ASP B 477 -24.22 9.37 32.98
N PHE B 478 -24.53 10.56 33.45
CA PHE B 478 -24.55 11.73 32.59
C PHE B 478 -23.86 12.90 33.27
N ILE B 479 -23.41 13.85 32.46
CA ILE B 479 -22.96 15.13 32.94
C ILE B 479 -23.84 16.17 32.27
N ILE B 480 -24.04 17.32 32.93
CA ILE B 480 -24.85 18.40 32.37
C ILE B 480 -23.97 19.49 31.78
N LEU B 481 -24.09 19.70 30.46
CA LEU B 481 -23.39 20.78 29.76
C LEU B 481 -24.39 21.69 29.05
N ASN B 482 -24.31 22.99 29.32
CA ASN B 482 -25.25 23.96 28.74
C ASN B 482 -26.70 23.54 28.92
N GLU B 483 -27.01 23.11 30.15
CA GLU B 483 -28.36 22.66 30.55
C GLU B 483 -28.89 21.40 29.83
N THR B 484 -27.98 20.66 29.19
CA THR B 484 -28.32 19.40 28.53
C THR B 484 -27.56 18.23 29.14
N LYS B 485 -28.27 17.11 29.39
CA LYS B 485 -27.63 15.86 29.82
C LYS B 485 -26.87 15.20 28.68
N PHE B 486 -25.62 14.84 28.95
CA PHE B 486 -24.82 14.03 28.02
C PHE B 486 -24.30 12.80 28.74
N TRP B 487 -24.57 11.63 28.16
CA TRP B 487 -24.31 10.35 28.82
C TRP B 487 -22.91 9.82 28.56
N TYR B 488 -22.35 9.16 29.56
CA TYR B 488 -21.04 8.54 29.45
C TYR B 488 -21.09 7.20 30.15
N GLN B 489 -20.17 6.31 29.75
CA GLN B 489 -19.92 5.09 30.49
C GLN B 489 -18.43 4.99 30.82
N MET B 490 -18.14 4.33 31.93
CA MET B 490 -16.77 4.00 32.28
C MET B 490 -16.65 2.52 32.59
N ILE B 491 -15.70 1.85 31.95
CA ILE B 491 -15.29 0.51 32.40
C ILE B 491 -14.24 0.74 33.46
N LEU B 492 -14.55 0.32 34.69
CA LEU B 492 -13.70 0.61 35.84
C LEU B 492 -12.97 -0.65 36.32
N PRO B 493 -11.67 -0.54 36.62
CA PRO B 493 -10.92 -1.68 37.16
C PRO B 493 -11.59 -2.32 38.38
N PRO B 494 -11.34 -3.63 38.60
CA PRO B 494 -11.85 -4.27 39.81
C PRO B 494 -11.31 -3.55 41.05
N HIS B 495 -12.09 -3.51 42.12
CA HIS B 495 -11.68 -2.85 43.37
C HIS B 495 -11.40 -1.35 43.17
N PHE B 496 -12.15 -0.74 42.26
CA PHE B 496 -11.98 0.69 41.94
C PHE B 496 -11.95 1.54 43.20
N ASP B 497 -10.88 2.33 43.35
CA ASP B 497 -10.73 3.20 44.50
C ASP B 497 -10.71 4.68 44.11
N LYS B 498 -11.82 5.36 44.41
CA LYS B 498 -12.03 6.78 44.09
C LYS B 498 -10.92 7.71 44.62
N SER B 499 -10.15 7.24 45.59
CA SER B 499 -9.05 8.01 46.17
C SER B 499 -7.73 7.84 45.42
N LYS B 500 -7.75 7.11 44.30
CA LYS B 500 -6.58 6.88 43.48
C LYS B 500 -6.72 7.52 42.11
N LYS B 501 -5.58 7.75 41.45
CA LYS B 501 -5.54 8.35 40.13
C LYS B 501 -5.22 7.27 39.11
N TYR B 502 -6.17 6.99 38.22
CA TYR B 502 -6.03 5.94 37.23
C TYR B 502 -5.71 6.55 35.87
N PRO B 503 -4.95 5.81 35.03
CA PRO B 503 -4.87 6.23 33.63
C PRO B 503 -6.23 6.06 32.97
N LEU B 504 -6.54 6.91 32.00
CA LEU B 504 -7.83 6.86 31.32
C LEU B 504 -7.66 6.75 29.81
N LEU B 505 -8.35 5.78 29.23
CA LEU B 505 -8.46 5.66 27.78
C LEU B 505 -9.87 6.08 27.34
N LEU B 506 -9.94 7.12 26.52
CA LEU B 506 -11.22 7.49 25.89
C LEU B 506 -11.45 6.66 24.62
N ASP B 507 -12.50 5.84 24.64
CA ASP B 507 -12.84 4.97 23.52
C ASP B 507 -13.91 5.69 22.69
N VAL B 508 -13.55 6.08 21.47
CA VAL B 508 -14.33 7.05 20.71
C VAL B 508 -14.91 6.46 19.44
N TYR B 509 -16.19 6.73 19.19
CA TYR B 509 -16.73 6.60 17.83
C TYR B 509 -17.23 7.97 17.38
N ALA B 510 -18.36 8.40 17.95
CA ALA B 510 -18.87 9.79 17.85
C ALA B 510 -19.43 10.20 16.47
N GLY B 511 -19.69 9.24 15.60
CA GLY B 511 -20.34 9.56 14.33
C GLY B 511 -21.78 10.02 14.54
N PRO B 512 -22.42 10.52 13.47
CA PRO B 512 -23.82 10.98 13.57
C PRO B 512 -24.75 9.83 13.91
N CYS B 513 -25.62 10.06 14.89
CA CYS B 513 -26.54 9.06 15.44
C CYS B 513 -25.85 7.89 16.15
N SER B 514 -24.59 8.09 16.59
CA SER B 514 -23.88 7.03 17.31
C SER B 514 -24.33 6.97 18.75
N GLN B 515 -24.10 5.83 19.39
CA GLN B 515 -24.32 5.70 20.82
C GLN B 515 -23.27 4.79 21.40
N LYS B 516 -22.38 5.36 22.22
CA LYS B 516 -21.30 4.60 22.87
C LYS B 516 -21.50 4.45 24.39
N ALA B 517 -22.51 5.12 24.93
CA ALA B 517 -22.85 4.93 26.34
C ALA B 517 -24.16 4.18 26.41
N ASP B 518 -24.11 2.92 26.83
CA ASP B 518 -25.32 2.10 26.87
C ASP B 518 -25.25 1.04 27.98
N THR B 519 -26.28 0.19 28.06
CA THR B 519 -26.39 -0.80 29.12
C THR B 519 -26.03 -2.21 28.64
N VAL B 520 -25.26 -2.32 27.56
CA VAL B 520 -24.94 -3.63 26.97
C VAL B 520 -23.73 -4.24 27.70
N PHE B 521 -23.83 -5.54 28.02
CA PHE B 521 -22.71 -6.29 28.57
C PHE B 521 -21.73 -6.68 27.46
N ARG B 522 -20.45 -6.30 27.61
CA ARG B 522 -19.43 -6.68 26.62
C ARG B 522 -18.19 -7.31 27.26
N LEU B 523 -17.61 -8.29 26.56
CA LEU B 523 -16.30 -8.85 26.89
C LEU B 523 -15.41 -8.48 25.73
N ASN B 524 -14.53 -7.50 25.92
CA ASN B 524 -13.74 -6.96 24.81
C ASN B 524 -12.37 -6.44 25.27
N TRP B 525 -11.71 -5.70 24.41
CA TRP B 525 -10.40 -5.17 24.74
C TRP B 525 -10.44 -4.30 25.98
N ALA B 526 -11.46 -3.44 26.10
CA ALA B 526 -11.65 -2.62 27.31
C ALA B 526 -11.71 -3.43 28.61
N THR B 527 -12.35 -4.60 28.56
CA THR B 527 -12.45 -5.48 29.74
C THR B 527 -11.04 -5.84 30.26
N TYR B 528 -10.18 -6.26 29.34
CA TYR B 528 -8.78 -6.56 29.65
C TYR B 528 -8.05 -5.32 30.17
N LEU B 529 -8.20 -4.20 29.48
CA LEU B 529 -7.46 -2.97 29.87
C LEU B 529 -7.82 -2.57 31.30
N ALA B 530 -9.11 -2.60 31.62
CA ALA B 530 -9.56 -2.34 33.00
C ALA B 530 -9.18 -3.44 34.00
N SER B 531 -9.44 -4.69 33.64
CA SER B 531 -9.23 -5.83 34.56
C SER B 531 -7.77 -6.10 34.86
N THR B 532 -6.95 -6.19 33.82
CA THR B 532 -5.55 -6.54 33.96
C THR B 532 -4.66 -5.31 34.14
N GLU B 533 -4.87 -4.27 33.34
CA GLU B 533 -3.96 -3.12 33.31
C GLU B 533 -4.41 -1.95 34.19
N ASN B 534 -5.57 -2.10 34.83
CA ASN B 534 -6.10 -1.06 35.75
C ASN B 534 -6.24 0.31 35.07
N ILE B 535 -6.76 0.29 33.85
CA ILE B 535 -7.02 1.47 33.07
C ILE B 535 -8.54 1.69 33.05
N ILE B 536 -8.98 2.93 33.32
CA ILE B 536 -10.37 3.29 33.10
C ILE B 536 -10.63 3.49 31.60
N VAL B 537 -11.60 2.77 31.03
CA VAL B 537 -11.95 2.99 29.63
C VAL B 537 -13.29 3.69 29.52
N ALA B 538 -13.25 4.94 29.04
CA ALA B 538 -14.43 5.79 29.03
C ALA B 538 -14.97 6.06 27.64
N SER B 539 -16.28 6.23 27.53
CA SER B 539 -16.89 6.68 26.29
C SER B 539 -17.97 7.72 26.59
N PHE B 540 -18.19 8.62 25.62
CA PHE B 540 -19.05 9.79 25.81
C PHE B 540 -19.90 10.03 24.56
N ASP B 541 -21.17 10.32 24.78
CA ASP B 541 -22.07 10.67 23.67
C ASP B 541 -22.41 12.15 23.72
N GLY B 542 -21.71 12.94 22.91
CA GLY B 542 -21.90 14.39 22.85
C GLY B 542 -22.78 14.81 21.70
N ARG B 543 -22.61 16.05 21.24
CA ARG B 543 -23.39 16.56 20.10
C ARG B 543 -23.20 15.68 18.86
N GLY B 544 -24.29 15.47 18.13
CA GLY B 544 -24.35 14.55 17.00
C GLY B 544 -24.77 13.11 17.32
N SER B 545 -24.78 12.74 18.60
CA SER B 545 -25.10 11.37 18.99
C SER B 545 -26.62 11.09 18.88
N GLY B 546 -26.99 9.81 18.82
CA GLY B 546 -28.37 9.44 18.50
C GLY B 546 -29.33 9.16 19.66
N TYR B 547 -30.60 8.94 19.31
CA TYR B 547 -31.64 8.42 20.24
C TYR B 547 -32.04 9.40 21.34
N GLN B 548 -31.73 10.69 21.14
CA GLN B 548 -31.97 11.70 22.17
C GLN B 548 -32.61 12.94 21.58
N GLY B 549 -33.19 12.82 20.40
CA GLY B 549 -33.77 13.99 19.74
C GLY B 549 -32.86 14.64 18.72
N ASP B 550 -33.49 15.40 17.82
CA ASP B 550 -32.80 16.06 16.73
C ASP B 550 -31.95 17.24 17.17
N LYS B 551 -32.32 17.88 18.27
CA LYS B 551 -31.52 19.02 18.74
C LYS B 551 -30.08 18.55 18.97
N ILE B 552 -29.92 17.37 19.56
CA ILE B 552 -28.59 16.77 19.74
C ILE B 552 -28.06 16.16 18.45
N MET B 553 -28.88 15.37 17.76
CA MET B 553 -28.37 14.64 16.59
C MET B 553 -27.97 15.57 15.44
N HIS B 554 -28.81 16.56 15.15
CA HIS B 554 -28.57 17.50 14.05
C HIS B 554 -27.60 18.63 14.39
N ALA B 555 -27.02 18.61 15.59
CA ALA B 555 -26.07 19.66 16.00
C ALA B 555 -24.82 19.71 15.11
N ILE B 556 -24.45 18.58 14.51
CA ILE B 556 -23.30 18.55 13.61
C ILE B 556 -23.68 18.62 12.11
N ASN B 557 -24.94 18.94 11.82
CA ASN B 557 -25.39 19.13 10.43
C ASN B 557 -24.46 20.06 9.66
N ARG B 558 -23.97 19.57 8.52
CA ARG B 558 -23.03 20.30 7.65
C ARG B 558 -21.68 20.68 8.29
N ARG B 559 -21.38 20.08 9.45
CA ARG B 559 -20.22 20.45 10.24
C ARG B 559 -19.59 19.26 10.96
N LEU B 560 -19.35 18.18 10.22
CA LEU B 560 -18.57 17.07 10.76
C LEU B 560 -17.16 17.56 11.14
N GLY B 561 -16.60 16.95 12.17
CA GLY B 561 -15.27 17.33 12.62
C GLY B 561 -15.25 18.63 13.44
N THR B 562 -16.38 19.00 14.03
CA THR B 562 -16.46 20.19 14.90
C THR B 562 -16.94 19.79 16.30
N PHE B 563 -18.25 19.91 16.57
CA PHE B 563 -18.78 19.74 17.92
C PHE B 563 -18.56 18.37 18.53
N GLU B 564 -18.68 17.33 17.71
CA GLU B 564 -18.51 15.97 18.19
C GLU B 564 -17.05 15.73 18.62
N VAL B 565 -16.12 16.42 17.96
CA VAL B 565 -14.69 16.40 18.33
C VAL B 565 -14.46 17.18 19.63
N GLU B 566 -14.91 18.43 19.67
CA GLU B 566 -14.78 19.29 20.86
C GLU B 566 -15.37 18.62 22.10
N ASP B 567 -16.52 17.96 21.93
CA ASP B 567 -17.21 17.33 23.05
C ASP B 567 -16.46 16.14 23.67
N GLN B 568 -15.68 15.43 22.86
CA GLN B 568 -14.79 14.37 23.36
C GLN B 568 -13.68 14.95 24.22
N ILE B 569 -13.10 16.07 23.77
CA ILE B 569 -12.08 16.82 24.53
C ILE B 569 -12.68 17.30 25.84
N GLU B 570 -13.83 17.95 25.77
CA GLU B 570 -14.51 18.43 26.98
C GLU B 570 -14.86 17.28 27.94
N ALA B 571 -15.30 16.14 27.40
CA ALA B 571 -15.55 14.93 28.20
C ALA B 571 -14.32 14.52 29.02
N ALA B 572 -13.16 14.48 28.38
CA ALA B 572 -11.90 14.19 29.07
C ALA B 572 -11.56 15.23 30.15
N ARG B 573 -11.79 16.51 29.88
CA ARG B 573 -11.66 17.55 30.92
C ARG B 573 -12.56 17.28 32.13
N GLN B 574 -13.81 16.91 31.86
CA GLN B 574 -14.79 16.62 32.91
C GLN B 574 -14.40 15.38 33.72
N PHE B 575 -13.87 14.36 33.05
CA PHE B 575 -13.42 13.13 33.73
C PHE B 575 -12.25 13.40 34.70
N SER B 576 -11.32 14.27 34.29
CA SER B 576 -10.26 14.78 35.20
C SER B 576 -10.82 15.44 36.47
N LYS B 577 -11.78 16.35 36.28
CA LYS B 577 -12.48 17.02 37.40
C LYS B 577 -13.07 16.04 38.43
N MET B 578 -13.35 14.81 37.99
CA MET B 578 -13.94 13.79 38.86
C MET B 578 -13.01 13.26 39.96
N GLY B 579 -11.70 13.41 39.77
CA GLY B 579 -10.73 13.22 40.87
C GLY B 579 -9.99 11.89 40.96
N PHE B 580 -10.36 10.92 40.12
CA PHE B 580 -9.72 9.60 40.13
C PHE B 580 -9.00 9.32 38.81
N VAL B 581 -8.69 10.39 38.07
CA VAL B 581 -8.02 10.26 36.79
C VAL B 581 -6.66 10.97 36.88
N ASP B 582 -5.62 10.24 36.50
CA ASP B 582 -4.28 10.79 36.34
C ASP B 582 -4.25 11.64 35.05
N ASN B 583 -4.23 12.95 35.22
CA ASN B 583 -4.25 13.91 34.10
C ASN B 583 -3.04 13.82 33.17
N LYS B 584 -1.98 13.17 33.66
CA LYS B 584 -0.75 12.98 32.89
C LYS B 584 -0.85 11.74 32.00
N ARG B 585 -1.89 10.95 32.23
CA ARG B 585 -2.05 9.69 31.48
C ARG B 585 -3.47 9.53 30.91
N ILE B 586 -3.82 10.43 30.00
CA ILE B 586 -5.08 10.33 29.27
C ILE B 586 -4.79 10.03 27.80
N ALA B 587 -5.34 8.92 27.33
CA ALA B 587 -5.20 8.51 25.95
C ALA B 587 -6.57 8.52 25.25
N ILE B 588 -6.54 8.33 23.92
CA ILE B 588 -7.77 8.33 23.12
C ILE B 588 -7.59 7.36 21.94
N TRP B 589 -8.62 6.61 21.63
CA TRP B 589 -8.53 5.72 20.48
C TRP B 589 -9.88 5.51 19.86
N GLY B 590 -9.85 5.12 18.58
CA GLY B 590 -11.06 4.86 17.84
C GLY B 590 -10.78 4.25 16.48
N TRP B 591 -11.83 3.68 15.93
CA TRP B 591 -11.78 2.95 14.67
C TRP B 591 -12.79 3.62 13.77
N SER B 592 -12.45 3.74 12.49
CA SER B 592 -13.40 4.17 11.48
C SER B 592 -13.75 5.65 11.71
N TYR B 593 -15.03 6.02 11.87
CA TYR B 593 -15.36 7.40 12.25
C TYR B 593 -14.61 7.74 13.55
N GLY B 594 -14.46 6.76 14.45
CA GLY B 594 -13.74 7.00 15.72
C GLY B 594 -12.27 7.32 15.51
N GLY B 595 -11.69 6.77 14.44
CA GLY B 595 -10.30 7.07 14.05
C GLY B 595 -10.16 8.49 13.56
N TYR B 596 -11.14 8.95 12.79
CA TYR B 596 -11.18 10.36 12.38
C TYR B 596 -11.25 11.29 13.58
N VAL B 597 -12.17 11.02 14.52
CA VAL B 597 -12.33 11.89 15.68
C VAL B 597 -11.09 11.87 16.57
N THR B 598 -10.55 10.68 16.84
CA THR B 598 -9.27 10.53 17.56
C THR B 598 -8.17 11.42 16.96
N SER B 599 -8.02 11.36 15.63
CA SER B 599 -6.98 12.12 14.91
C SER B 599 -7.22 13.62 15.01
N MET B 600 -8.47 14.03 14.86
CA MET B 600 -8.85 15.44 15.01
C MET B 600 -8.56 15.94 16.43
N VAL B 601 -8.89 15.12 17.43
CA VAL B 601 -8.57 15.42 18.82
C VAL B 601 -7.06 15.51 19.04
N LEU B 602 -6.31 14.53 18.55
CA LEU B 602 -4.86 14.56 18.74
C LEU B 602 -4.21 15.74 18.03
N GLY B 603 -4.83 16.20 16.94
CA GLY B 603 -4.34 17.36 16.19
C GLY B 603 -4.91 18.71 16.62
N SER B 604 -5.70 18.73 17.69
CA SER B 604 -6.39 19.97 18.10
C SER B 604 -5.54 20.98 18.88
N GLY B 605 -4.42 20.53 19.45
CA GLY B 605 -3.59 21.38 20.29
C GLY B 605 -4.09 21.51 21.72
N SER B 606 -5.06 20.67 22.11
CA SER B 606 -5.69 20.76 23.45
C SER B 606 -4.77 20.51 24.65
N GLY B 607 -3.74 19.68 24.45
CA GLY B 607 -2.81 19.32 25.53
C GLY B 607 -3.37 18.33 26.53
N VAL B 608 -4.60 17.89 26.31
CA VAL B 608 -5.29 17.02 27.26
C VAL B 608 -4.81 15.57 27.15
N PHE B 609 -4.49 15.14 25.94
CA PHE B 609 -4.15 13.74 25.66
C PHE B 609 -2.66 13.55 25.44
N LYS B 610 -2.10 12.56 26.13
CA LYS B 610 -0.71 12.17 25.96
C LYS B 610 -0.48 11.43 24.63
N CYS B 611 -1.41 10.54 24.28
CA CYS B 611 -1.24 9.65 23.14
C CYS B 611 -2.58 9.20 22.57
N GLY B 612 -2.56 8.65 21.36
CA GLY B 612 -3.79 8.12 20.78
C GLY B 612 -3.53 7.17 19.63
N ILE B 613 -4.53 6.35 19.33
CA ILE B 613 -4.48 5.36 18.23
C ILE B 613 -5.69 5.54 17.29
N ALA B 614 -5.41 5.76 16.00
CA ALA B 614 -6.47 5.81 15.00
C ALA B 614 -6.36 4.56 14.14
N VAL B 615 -7.46 3.82 14.06
CA VAL B 615 -7.51 2.63 13.19
C VAL B 615 -8.48 2.88 12.03
N ALA B 616 -7.95 2.70 10.80
CA ALA B 616 -8.70 2.93 9.56
C ALA B 616 -9.51 4.24 9.58
N PRO B 617 -8.86 5.37 9.92
CA PRO B 617 -9.60 6.62 9.98
C PRO B 617 -9.97 7.24 8.63
N VAL B 618 -11.10 7.94 8.61
CA VAL B 618 -11.33 8.99 7.60
C VAL B 618 -10.35 10.12 7.91
N SER B 619 -9.74 10.71 6.87
CA SER B 619 -8.85 11.84 7.06
C SER B 619 -9.33 13.11 6.35
N ARG B 620 -10.18 12.94 5.35
CA ARG B 620 -10.65 14.04 4.51
C ARG B 620 -11.99 13.62 3.89
N TRP B 621 -13.04 14.42 4.08
CA TRP B 621 -14.41 13.99 3.67
C TRP B 621 -14.57 13.73 2.17
N GLU B 622 -13.79 14.45 1.35
CA GLU B 622 -13.81 14.23 -0.11
C GLU B 622 -13.34 12.82 -0.52
N TYR B 623 -12.67 12.11 0.39
CA TYR B 623 -12.25 10.72 0.12
C TYR B 623 -13.30 9.66 0.42
N TYR B 624 -14.33 10.02 1.21
CA TYR B 624 -15.30 9.04 1.66
C TYR B 624 -16.49 9.02 0.69
N ASP B 625 -17.36 8.02 0.79
CA ASP B 625 -18.41 7.85 -0.23
C ASP B 625 -19.49 8.96 -0.21
N SER B 626 -20.11 9.19 -1.36
CA SER B 626 -21.11 10.23 -1.53
C SER B 626 -22.32 10.11 -0.58
N VAL B 627 -22.95 8.95 -0.53
CA VAL B 627 -24.23 8.81 0.17
C VAL B 627 -24.11 9.15 1.68
N TYR B 628 -23.14 8.54 2.35
CA TYR B 628 -22.93 8.80 3.77
C TYR B 628 -22.49 10.26 3.95
N THR B 629 -21.43 10.65 3.23
CA THR B 629 -20.78 11.96 3.49
C THR B 629 -21.71 13.14 3.22
N GLU B 630 -22.37 13.13 2.06
CA GLU B 630 -23.23 14.24 1.66
C GLU B 630 -24.48 14.36 2.54
N ARG B 631 -24.87 13.25 3.18
CA ARG B 631 -26.02 13.25 4.10
C ARG B 631 -25.82 14.31 5.18
N TYR B 632 -24.58 14.40 5.67
CA TYR B 632 -24.24 15.29 6.76
C TYR B 632 -23.55 16.54 6.25
N MET B 633 -22.85 16.44 5.11
CA MET B 633 -21.98 17.53 4.65
C MET B 633 -22.48 18.30 3.44
N GLY B 634 -23.55 17.82 2.80
CA GLY B 634 -23.94 18.38 1.51
C GLY B 634 -22.82 18.14 0.49
N LEU B 635 -22.71 19.01 -0.52
CA LEU B 635 -21.76 18.80 -1.63
C LEU B 635 -20.47 19.60 -1.48
N PRO B 636 -19.33 19.02 -1.90
CA PRO B 636 -18.05 19.75 -1.83
C PRO B 636 -17.86 20.76 -2.98
N THR B 637 -18.80 21.68 -3.12
CA THR B 637 -18.73 22.70 -4.17
C THR B 637 -18.69 24.08 -3.50
N PRO B 638 -18.09 25.09 -4.18
CA PRO B 638 -18.04 26.45 -3.62
C PRO B 638 -19.43 26.98 -3.25
N GLU B 639 -20.44 26.60 -4.02
CA GLU B 639 -21.82 27.03 -3.81
C GLU B 639 -22.50 26.34 -2.60
N ASP B 640 -21.99 25.17 -2.21
CA ASP B 640 -22.59 24.45 -1.10
C ASP B 640 -21.68 24.50 0.12
N ASN B 641 -20.86 23.46 0.34
CA ASN B 641 -20.15 23.33 1.60
C ASN B 641 -18.65 23.02 1.46
N LEU B 642 -18.05 23.37 0.31
CA LEU B 642 -16.63 23.08 0.08
C LEU B 642 -15.73 23.64 1.18
N ASP B 643 -15.99 24.85 1.66
CA ASP B 643 -15.13 25.46 2.69
C ASP B 643 -14.99 24.57 3.91
N HIS B 644 -16.11 24.02 4.39
CA HIS B 644 -16.04 23.14 5.55
C HIS B 644 -15.40 21.77 5.27
N TYR B 645 -15.64 21.20 4.08
CA TYR B 645 -14.94 20.00 3.63
C TYR B 645 -13.43 20.21 3.72
N ARG B 646 -12.96 21.39 3.32
CA ARG B 646 -11.52 21.65 3.31
C ARG B 646 -10.99 21.98 4.70
N ASN B 647 -11.87 22.46 5.59
CA ASN B 647 -11.45 22.90 6.92
C ASN B 647 -11.41 21.79 7.97
N SER B 648 -11.98 20.63 7.62
CA SER B 648 -12.20 19.54 8.58
C SER B 648 -11.35 18.32 8.27
N THR B 649 -10.17 18.52 7.71
CA THR B 649 -9.32 17.38 7.36
C THR B 649 -8.33 17.16 8.50
N VAL B 650 -7.88 15.92 8.65
CA VAL B 650 -6.84 15.62 9.63
C VAL B 650 -5.51 16.28 9.22
N MET B 651 -5.21 16.23 7.93
CA MET B 651 -3.91 16.70 7.39
C MET B 651 -3.59 18.14 7.76
N SER B 652 -4.61 19.00 7.81
CA SER B 652 -4.40 20.43 8.14
C SER B 652 -3.95 20.66 9.58
N ARG B 653 -4.06 19.62 10.41
CA ARG B 653 -3.66 19.71 11.81
C ARG B 653 -2.30 19.05 12.11
N ALA B 654 -1.58 18.68 11.05
CA ALA B 654 -0.33 17.88 11.17
C ALA B 654 0.67 18.43 12.19
N GLU B 655 0.91 19.74 12.16
CA GLU B 655 1.86 20.39 13.03
C GLU B 655 1.57 20.13 14.52
N ASN B 656 0.29 20.01 14.87
CA ASN B 656 -0.08 19.78 16.28
C ASN B 656 0.23 18.41 16.83
N PHE B 657 0.44 17.45 15.93
CA PHE B 657 0.84 16.10 16.33
C PHE B 657 2.24 16.02 16.97
N LYS B 658 3.03 17.10 16.85
CA LYS B 658 4.31 17.20 17.58
C LYS B 658 4.10 17.11 19.09
N GLN B 659 2.88 17.39 19.54
CA GLN B 659 2.58 17.42 20.98
C GLN B 659 2.15 16.06 21.57
N VAL B 660 1.97 15.06 20.70
CA VAL B 660 1.39 13.76 21.10
C VAL B 660 2.14 12.54 20.52
N GLU B 661 1.90 11.38 21.12
CA GLU B 661 2.34 10.10 20.57
C GLU B 661 1.15 9.51 19.81
N TYR B 662 1.35 9.19 18.54
CA TYR B 662 0.29 8.75 17.65
C TYR B 662 0.64 7.39 17.05
N LEU B 663 -0.36 6.51 16.99
CA LEU B 663 -0.24 5.24 16.28
C LEU B 663 -1.35 5.20 15.25
N LEU B 664 -0.93 5.05 13.99
CA LEU B 664 -1.83 5.05 12.85
C LEU B 664 -1.86 3.67 12.20
N ILE B 665 -3.05 3.10 12.03
CA ILE B 665 -3.17 1.70 11.57
C ILE B 665 -4.22 1.60 10.47
N HIS B 666 -3.94 0.86 9.40
CA HIS B 666 -4.91 0.74 8.31
C HIS B 666 -4.70 -0.60 7.56
N GLY B 667 -5.77 -1.27 7.14
CA GLY B 667 -5.64 -2.44 6.26
C GLY B 667 -5.52 -2.01 4.81
N THR B 668 -4.63 -2.66 4.07
CA THR B 668 -4.29 -2.20 2.71
C THR B 668 -5.43 -2.49 1.70
N ALA B 669 -6.30 -3.45 2.04
CA ALA B 669 -7.41 -3.82 1.17
C ALA B 669 -8.77 -3.30 1.69
N ASP B 670 -8.74 -2.14 2.34
CA ASP B 670 -9.95 -1.49 2.82
C ASP B 670 -10.71 -0.83 1.66
N ASP B 671 -11.83 -1.47 1.24
CA ASP B 671 -12.67 -0.98 0.16
C ASP B 671 -13.56 0.16 0.64
N ASN B 672 -13.62 0.37 1.95
CA ASN B 672 -14.60 1.25 2.55
C ASN B 672 -13.98 2.64 2.85
N VAL B 673 -13.10 2.69 3.84
CA VAL B 673 -12.20 3.82 4.09
C VAL B 673 -10.87 3.45 3.42
N HIS B 674 -10.62 4.01 2.25
CA HIS B 674 -9.48 3.56 1.45
C HIS B 674 -8.19 3.84 2.17
N PHE B 675 -7.20 2.95 2.00
CA PHE B 675 -5.86 3.11 2.59
C PHE B 675 -5.31 4.50 2.27
N GLN B 676 -5.65 5.01 1.08
CA GLN B 676 -5.45 6.43 0.72
C GLN B 676 -5.59 7.43 1.89
N GLN B 677 -6.64 7.25 2.69
CA GLN B 677 -6.96 8.18 3.75
C GLN B 677 -5.82 8.26 4.80
N SER B 678 -5.26 7.12 5.20
CA SER B 678 -4.09 7.10 6.10
C SER B 678 -2.75 7.39 5.38
N ALA B 679 -2.68 7.06 4.10
CA ALA B 679 -1.51 7.39 3.28
C ALA B 679 -1.36 8.91 3.24
N GLN B 680 -2.47 9.62 3.23
CA GLN B 680 -2.41 11.09 3.21
C GLN B 680 -2.10 11.66 4.59
N ILE B 681 -2.58 11.01 5.65
CA ILE B 681 -2.19 11.43 7.01
C ILE B 681 -0.67 11.30 7.22
N SER B 682 -0.12 10.12 6.90
CA SER B 682 1.30 9.87 7.11
C SER B 682 2.17 10.85 6.32
N LYS B 683 1.78 11.12 5.08
CA LYS B 683 2.56 12.03 4.22
C LYS B 683 2.57 13.46 4.79
N ALA B 684 1.42 13.92 5.29
CA ALA B 684 1.32 15.23 5.93
C ALA B 684 2.19 15.31 7.20
N LEU B 685 2.23 14.23 7.99
CA LEU B 685 3.07 14.16 9.18
C LEU B 685 4.56 14.13 8.84
N VAL B 686 4.93 13.33 7.85
CA VAL B 686 6.31 13.32 7.35
C VAL B 686 6.72 14.74 6.90
N ASP B 687 5.81 15.41 6.18
CA ASP B 687 6.11 16.71 5.60
C ASP B 687 6.37 17.83 6.61
N VAL B 688 5.83 17.72 7.82
CA VAL B 688 6.06 18.69 8.91
C VAL B 688 7.06 18.16 9.95
N GLY B 689 7.63 17.00 9.68
CA GLY B 689 8.68 16.42 10.53
C GLY B 689 8.17 15.89 11.86
N VAL B 690 7.01 15.24 11.83
CA VAL B 690 6.44 14.65 13.04
C VAL B 690 6.69 13.14 13.09
N ASP B 691 7.32 12.67 14.17
CA ASP B 691 7.49 11.23 14.37
C ASP B 691 6.22 10.60 14.93
N PHE B 692 5.89 9.42 14.43
CA PHE B 692 4.71 8.68 14.86
C PHE B 692 4.95 7.19 14.61
N GLN B 693 4.06 6.36 15.11
CA GLN B 693 4.10 4.92 14.89
C GLN B 693 3.06 4.51 13.86
N ALA B 694 3.37 3.48 13.08
CA ALA B 694 2.51 3.07 11.99
C ALA B 694 2.43 1.54 11.92
N MET B 695 1.33 1.05 11.37
CA MET B 695 1.21 -0.38 11.08
C MET B 695 0.19 -0.53 9.96
N TRP B 696 0.60 -1.16 8.86
CA TRP B 696 -0.36 -1.55 7.81
C TRP B 696 -0.72 -3.03 8.03
N TYR B 697 -1.91 -3.44 7.57
CA TYR B 697 -2.32 -4.86 7.61
C TYR B 697 -2.57 -5.32 6.18
N THR B 698 -1.64 -6.13 5.67
CA THR B 698 -1.70 -6.60 4.28
C THR B 698 -3.00 -7.37 4.01
N ASP B 699 -3.76 -6.92 3.01
CA ASP B 699 -4.95 -7.60 2.50
C ASP B 699 -6.13 -7.64 3.49
N GLU B 700 -6.04 -6.84 4.55
CA GLU B 700 -7.13 -6.69 5.51
C GLU B 700 -8.01 -5.55 5.06
N ASP B 701 -9.31 -5.64 5.38
CA ASP B 701 -10.25 -4.61 5.00
C ASP B 701 -10.62 -3.74 6.19
N HIS B 702 -11.79 -3.10 6.14
CA HIS B 702 -12.20 -2.17 7.18
C HIS B 702 -12.40 -2.81 8.55
N GLY B 703 -12.71 -4.11 8.56
CA GLY B 703 -12.89 -4.84 9.83
C GLY B 703 -11.61 -5.32 10.49
N ILE B 704 -10.49 -5.36 9.75
CA ILE B 704 -9.26 -6.02 10.19
C ILE B 704 -9.63 -7.26 11.06
N ALA B 705 -10.40 -8.15 10.45
CA ALA B 705 -11.16 -9.16 11.20
C ALA B 705 -10.68 -10.59 11.03
N SER B 706 -9.65 -10.83 10.19
CA SER B 706 -9.13 -12.19 10.08
C SER B 706 -8.60 -12.58 11.45
N SER B 707 -8.62 -13.86 11.77
CA SER B 707 -8.24 -14.31 13.10
C SER B 707 -6.84 -13.80 13.51
N THR B 708 -5.86 -14.00 12.62
CA THR B 708 -4.47 -13.64 12.92
C THR B 708 -4.28 -12.11 12.99
N ALA B 709 -4.92 -11.38 12.08
CA ALA B 709 -4.76 -9.92 12.07
C ALA B 709 -5.45 -9.26 13.26
N HIS B 710 -6.62 -9.79 13.63
CA HIS B 710 -7.31 -9.34 14.84
C HIS B 710 -6.42 -9.49 16.08
N GLN B 711 -5.82 -10.66 16.26
CA GLN B 711 -4.96 -10.87 17.41
C GLN B 711 -3.73 -9.95 17.35
N HIS B 712 -3.21 -9.74 16.13
CA HIS B 712 -2.00 -8.95 15.95
C HIS B 712 -2.25 -7.48 16.28
N ILE B 713 -3.35 -6.92 15.79
CA ILE B 713 -3.64 -5.50 16.02
C ILE B 713 -3.87 -5.16 17.50
N TYR B 714 -4.67 -5.97 18.20
CA TYR B 714 -4.90 -5.73 19.62
C TYR B 714 -3.63 -5.95 20.47
N THR B 715 -2.81 -6.91 20.05
CA THR B 715 -1.51 -7.12 20.69
C THR B 715 -0.63 -5.86 20.49
N HIS B 716 -0.58 -5.36 19.27
CA HIS B 716 0.21 -4.18 18.94
C HIS B 716 -0.27 -2.93 19.70
N MET B 717 -1.59 -2.71 19.71
CA MET B 717 -2.18 -1.55 20.40
C MET B 717 -1.96 -1.61 21.91
N SER B 718 -2.04 -2.82 22.45
CA SER B 718 -1.81 -3.04 23.89
C SER B 718 -0.40 -2.64 24.34
N HIS B 719 0.61 -3.04 23.57
CA HIS B 719 1.99 -2.60 23.82
C HIS B 719 2.10 -1.08 23.78
N PHE B 720 1.44 -0.46 22.79
CA PHE B 720 1.50 0.99 22.62
C PHE B 720 0.89 1.78 23.78
N ILE B 721 -0.32 1.39 24.21
CA ILE B 721 -1.00 1.98 25.37
C ILE B 721 -0.19 1.81 26.65
N LYS B 722 0.33 0.60 26.86
CA LYS B 722 1.11 0.29 28.06
C LYS B 722 2.40 1.09 28.15
N GLN B 723 3.09 1.23 27.01
CA GLN B 723 4.29 2.07 26.92
C GLN B 723 3.94 3.52 27.27
N CYS B 724 2.86 4.03 26.67
CA CYS B 724 2.38 5.40 26.92
C CYS B 724 2.04 5.65 28.41
N PHE B 725 1.47 4.64 29.06
CA PHE B 725 1.05 4.78 30.46
C PHE B 725 2.12 4.34 31.46
N SER B 726 3.31 3.98 30.96
CA SER B 726 4.44 3.50 31.76
C SER B 726 4.07 2.25 32.57
N LEU B 727 3.30 1.37 31.94
CA LEU B 727 2.86 0.12 32.56
C LEU B 727 3.78 -1.03 32.13
N PRO B 728 4.30 -1.80 33.10
CA PRO B 728 5.27 -2.86 32.79
C PRO B 728 4.65 -4.06 32.07
C1 NAG C . 46.25 30.40 -20.88
C2 NAG C . 45.09 30.74 -21.84
C3 NAG C . 45.52 30.82 -23.31
C4 NAG C . 46.72 31.77 -23.33
C5 NAG C . 47.87 31.13 -22.56
C6 NAG C . 49.16 31.94 -22.70
C7 NAG C . 42.80 30.14 -21.22
C8 NAG C . 41.74 29.10 -21.24
N2 NAG C . 43.99 29.80 -21.72
O3 NAG C . 44.43 31.28 -24.09
O4 NAG C . 47.12 32.37 -24.56
O5 NAG C . 47.49 31.04 -21.20
O6 NAG C . 50.22 31.38 -21.95
O7 NAG C . 42.57 31.26 -20.75
C1 NAG C . 46.94 31.70 -25.82
C2 NAG C . 47.87 32.40 -26.81
C3 NAG C . 47.52 33.89 -26.90
C4 NAG C . 46.02 34.13 -27.14
C5 NAG C . 45.10 33.14 -26.40
C6 NAG C . 43.66 33.13 -26.96
C7 NAG C . 50.02 31.21 -26.86
C8 NAG C . 51.24 31.61 -27.66
N2 NAG C . 49.26 32.21 -26.39
O3 NAG C . 48.29 34.51 -27.90
O4 NAG C . 45.69 35.45 -26.75
O5 NAG C . 45.62 31.81 -26.36
O6 NAG C . 43.22 31.82 -27.28
O7 NAG C . 49.77 30.01 -26.66
C1 NAG D . 6.63 23.79 -24.45
C2 NAG D . 6.52 24.24 -25.91
C3 NAG D . 6.14 25.71 -26.03
C4 NAG D . 4.96 26.09 -25.12
C5 NAG D . 5.08 25.49 -23.71
C6 NAG D . 3.78 25.64 -22.90
C7 NAG D . 7.81 23.33 -27.79
C8 NAG D . 9.11 23.41 -28.55
N2 NAG D . 7.76 24.02 -26.65
O3 NAG D . 5.85 26.02 -27.39
O4 NAG D . 4.88 27.50 -25.00
O5 NAG D . 5.45 24.12 -23.74
O6 NAG D . 2.78 24.74 -23.34
O7 NAG D . 6.89 22.64 -28.24
C1 NAG D . 4.01 28.16 -25.96
C2 NAG D . 2.87 27.27 -26.53
C3 NAG D . 1.50 27.93 -26.47
C4 NAG D . 1.24 28.54 -25.09
C5 NAG D . 2.39 29.44 -24.60
C6 NAG D . 2.75 29.19 -23.13
C7 NAG D . 3.18 27.48 -29.01
C8 NAG D . 2.07 27.20 -29.99
N2 NAG D . 3.17 26.77 -27.87
O3 NAG D . 0.51 26.96 -26.77
O4 NAG D . 0.05 29.31 -25.15
O5 NAG D . 3.54 29.41 -25.46
O6 NAG D . 4.08 29.55 -22.86
O7 NAG D . 4.06 28.31 -29.27
C1 NAG E . 33.58 10.42 -40.56
C2 NAG E . 33.98 11.42 -41.66
C3 NAG E . 33.27 11.08 -42.97
C4 NAG E . 33.46 9.61 -43.37
C5 NAG E . 33.00 8.75 -42.19
C6 NAG E . 33.10 7.26 -42.46
C7 NAG E . 34.32 13.57 -40.54
C8 NAG E . 33.53 14.60 -39.76
N2 NAG E . 33.60 12.77 -41.31
O3 NAG E . 33.73 11.95 -43.99
O4 NAG E . 32.66 9.37 -44.51
O5 NAG E . 33.75 9.09 -41.02
O6 NAG E . 34.44 6.90 -42.70
O7 NAG E . 35.55 13.52 -40.44
C1 NAG E . 33.43 8.93 -45.66
C2 NAG E . 32.45 8.33 -46.67
C3 NAG E . 33.14 7.91 -47.97
C4 NAG E . 34.04 9.01 -48.54
C5 NAG E . 34.93 9.65 -47.47
C6 NAG E . 35.49 10.95 -48.05
C7 NAG E . 30.55 7.21 -45.61
C8 NAG E . 30.08 5.94 -44.96
N2 NAG E . 31.79 7.18 -46.08
O3 NAG E . 32.16 7.55 -48.93
O4 NAG E . 34.86 8.47 -49.56
O5 NAG E . 34.23 9.96 -46.26
O6 NAG E . 36.61 11.40 -47.32
O7 NAG E . 29.80 8.18 -45.68
C1 NAG F . 6.52 -6.21 -30.88
C2 NAG F . 6.37 -6.08 -32.40
C3 NAG F . 5.06 -6.69 -32.88
C4 NAG F . 4.92 -8.12 -32.37
C5 NAG F . 5.18 -8.18 -30.86
C6 NAG F . 5.27 -9.63 -30.37
C7 NAG F . 7.39 -4.19 -33.54
C8 NAG F . 7.21 -2.77 -34.02
N2 NAG F . 6.39 -4.68 -32.82
O3 NAG F . 4.97 -6.68 -34.29
O4 NAG F . 3.60 -8.53 -32.68
O5 NAG F . 6.40 -7.56 -30.51
O6 NAG F . 5.19 -9.61 -28.96
O7 NAG F . 8.40 -4.83 -33.82
C1 NAG F . 3.63 -9.84 -33.27
C2 NAG F . 3.15 -9.86 -34.73
C3 NAG F . 1.88 -10.72 -35.04
C4 NAG F . 1.14 -11.30 -33.83
C5 NAG F . 1.55 -10.58 -32.54
C6 NAG F . 0.91 -11.06 -31.25
C7 NAG F . 1.97 -7.69 -35.16
C8 NAG F . 1.23 -7.37 -36.44
N2 NAG F . 3.03 -8.50 -35.27
O3 NAG F . 2.24 -11.75 -35.95
O4 NAG F . -0.26 -11.18 -34.03
O5 NAG F . 2.94 -10.75 -32.45
O6 NAG F . 1.09 -10.07 -30.26
O7 NAG F . 1.59 -7.18 -34.09
C1 NAG G . 25.12 -22.14 -17.76
C2 NAG G . 26.07 -23.29 -18.12
C3 NAG G . 25.26 -24.58 -18.34
C4 NAG G . 24.21 -24.88 -17.27
C5 NAG G . 23.49 -23.61 -16.78
C6 NAG G . 22.72 -23.79 -15.45
C7 NAG G . 28.18 -22.91 -19.35
C8 NAG G . 28.72 -22.24 -20.57
N2 NAG G . 26.83 -23.00 -19.32
O3 NAG G . 26.13 -25.69 -18.50
O4 NAG G . 23.31 -25.75 -17.92
O5 NAG G . 24.39 -22.52 -16.60
O6 NAG G . 23.61 -23.96 -14.37
O7 NAG G . 28.93 -23.33 -18.46
C1 NAG G . 22.89 -26.95 -17.22
C2 NAG G . 23.99 -27.81 -16.62
C3 NAG G . 23.36 -29.15 -16.18
C4 NAG G . 22.02 -29.00 -15.45
C5 NAG G . 21.14 -27.83 -15.93
C6 NAG G . 20.13 -27.39 -14.86
C7 NAG G . 26.17 -28.74 -17.38
C8 NAG G . 27.20 -28.21 -16.41
N2 NAG G . 25.07 -28.00 -17.58
O3 NAG G . 24.25 -29.87 -15.35
O4 NAG G . 21.31 -30.21 -15.61
O5 NAG G . 21.92 -26.70 -16.22
O6 NAG G . 19.65 -26.10 -15.16
O7 NAG G . 26.34 -29.82 -17.95
C1 NAG H . -44.56 -31.69 20.67
C2 NAG H . -44.28 -32.21 19.25
C3 NAG H . -45.56 -32.51 18.44
C4 NAG H . -46.73 -33.07 19.26
C5 NAG H . -46.80 -32.38 20.63
C6 NAG H . -47.92 -32.86 21.55
C7 NAG H . -42.23 -31.43 18.11
C8 NAG H . -41.66 -30.37 17.21
N2 NAG H . -43.49 -31.24 18.50
O3 NAG H . -45.21 -33.39 17.39
O4 NAG H . -47.91 -32.82 18.51
O5 NAG H . -45.54 -32.50 21.28
O6 NAG H . -47.52 -34.01 22.28
O7 NAG H . -41.55 -32.40 18.43
C1 NAG H . -48.76 -33.98 18.28
C2 NAG H . -48.19 -34.91 17.20
C3 NAG H . -48.83 -36.30 17.25
C4 NAG H . -50.10 -36.45 18.13
C5 NAG H . -50.14 -35.57 19.38
C6 NAG H . -50.20 -36.43 20.65
C7 NAG H . -47.30 -33.64 15.27
C8 NAG H . -47.45 -32.15 15.17
N2 NAG H . -48.30 -34.30 15.87
O3 NAG H . -47.85 -37.22 17.70
O4 NAG H . -51.25 -36.19 17.36
O5 NAG H . -49.01 -34.73 19.46
O6 NAG H . -49.87 -35.67 21.80
O7 NAG H . -46.29 -34.18 14.82
C1 NAG I . -51.58 -13.86 -4.85
C2 NAG I . -52.56 -14.93 -5.35
C3 NAG I . -52.95 -14.74 -6.83
C4 NAG I . -53.38 -13.30 -7.09
C5 NAG I . -52.28 -12.36 -6.55
C6 NAG I . -52.56 -10.89 -6.79
C7 NAG I . -52.44 -17.10 -4.27
C8 NAG I . -51.71 -18.41 -4.19
N2 NAG I . -51.95 -16.24 -5.16
O3 NAG I . -53.95 -15.62 -7.26
O4 NAG I . -53.53 -13.18 -8.49
O5 NAG I . -52.09 -12.58 -5.17
O6 NAG I . -53.73 -10.52 -6.10
O7 NAG I . -53.42 -16.87 -3.55
C1 NAG I . -54.83 -12.70 -8.88
C2 NAG I . -54.79 -12.44 -10.38
C3 NAG I . -56.17 -12.07 -10.96
C4 NAG I . -57.39 -12.71 -10.27
C5 NAG I . -57.17 -13.07 -8.79
C6 NAG I . -58.21 -14.11 -8.34
C7 NAG I . -52.66 -11.47 -11.13
C8 NAG I . -51.88 -10.20 -11.27
N2 NAG I . -53.89 -11.34 -10.66
O3 NAG I . -56.15 -12.44 -12.33
O4 NAG I . -58.46 -11.77 -10.31
O5 NAG I . -55.87 -13.60 -8.59
O6 NAG I . -58.61 -13.82 -7.02
O7 NAG I . -52.13 -12.54 -11.46
C1 NAG J . -26.33 2.93 -18.31
C2 NAG J . -27.22 2.49 -19.48
C3 NAG J . -26.53 2.79 -20.82
C4 NAG J . -26.05 4.24 -20.90
C5 NAG J . -25.37 4.64 -19.59
C6 NAG J . -25.08 6.14 -19.56
C7 NAG J . -28.70 0.60 -19.07
C8 NAG J . -28.92 -0.87 -19.27
N2 NAG J . -27.52 1.08 -19.45
O3 NAG J . -27.41 2.47 -21.88
O4 NAG J . -25.05 4.31 -21.90
O5 NAG J . -26.12 4.31 -18.44
O6 NAG J . -23.99 6.31 -18.68
O7 NAG J . -29.58 1.31 -18.57
C1 NAG J . -25.42 5.16 -23.00
C2 NAG J . -24.14 5.63 -23.72
C3 NAG J . -24.41 6.32 -25.06
C4 NAG J . -25.49 5.62 -25.89
C5 NAG J . -26.70 5.29 -25.01
C6 NAG J . -27.76 4.51 -25.80
C7 NAG J . -22.28 6.10 -22.16
C8 NAG J . -21.65 7.12 -21.25
N2 NAG J . -23.36 6.51 -22.86
O3 NAG J . -23.21 6.32 -25.81
O4 NAG J . -25.89 6.44 -26.98
O5 NAG J . -26.32 4.51 -23.89
O6 NAG J . -29.01 4.71 -25.16
O7 NAG J . -21.80 4.97 -22.24
C1 NAG K . -36.88 -10.07 -23.29
C2 NAG K . -35.74 -10.21 -24.31
C3 NAG K . -34.68 -9.14 -24.09
C4 NAG K . -35.33 -7.75 -24.11
C5 NAG K . -36.45 -7.72 -23.09
C6 NAG K . -37.21 -6.38 -23.03
C7 NAG K . -35.42 -12.40 -25.27
C8 NAG K . -34.98 -13.81 -25.08
N2 NAG K . -35.12 -11.53 -24.30
O3 NAG K . -33.68 -9.23 -25.09
O4 NAG K . -34.36 -6.77 -23.79
O5 NAG K . -37.38 -8.75 -23.40
O6 NAG K . -37.85 -6.13 -24.27
O7 NAG K . -36.02 -12.09 -26.30
C1 NAG K . -34.10 -5.94 -24.96
C2 NAG K . -33.39 -4.67 -24.50
C3 NAG K . -33.11 -3.79 -25.72
C4 NAG K . -32.35 -4.57 -26.80
C5 NAG K . -33.01 -5.92 -27.13
C6 NAG K . -32.17 -6.76 -28.11
C7 NAG K . -34.09 -4.30 -22.14
C8 NAG K . -35.15 -3.74 -21.26
N2 NAG K . -34.14 -3.97 -23.44
O3 NAG K . -32.35 -2.67 -25.31
O4 NAG K . -32.23 -3.79 -27.97
O5 NAG K . -33.32 -6.63 -25.92
O6 NAG K . -31.46 -7.85 -27.51
O7 NAG K . -33.23 -5.03 -21.65
C1 NAG L . 7.42 7.78 -43.46
C2 NAG L . 6.40 8.31 -44.50
C3 NAG L . 5.02 8.55 -43.88
C4 NAG L . 4.54 7.31 -43.12
C5 NAG L . 5.63 6.87 -42.14
C6 NAG L . 5.20 5.63 -41.34
C7 NAG L . 7.38 9.48 -46.42
C8 NAG L . 7.93 10.77 -46.94
N2 NAG L . 6.89 9.51 -45.17
O3 NAG L . 4.06 8.89 -44.88
O4 NAG L . 3.30 7.58 -42.48
O5 NAG L . 6.86 6.64 -42.81
O6 NAG L . 5.28 4.46 -42.11
O7 NAG L . 7.39 8.46 -47.13
NA NA M . 52.58 20.64 -8.58
F21 361 N . 18.79 -6.84 -5.10
C5 361 N . 18.67 -5.55 -5.51
C6 361 N . 17.61 -4.79 -5.04
F27 361 N . 16.74 -5.34 -4.18
C4 361 N . 19.58 -5.03 -6.42
C3 361 N . 19.46 -3.71 -6.85
C2 361 N . 18.38 -2.95 -6.37
F22 361 N . 18.24 -1.70 -6.77
C1 361 N . 17.46 -3.48 -5.46
C9 361 N . 20.42 -3.11 -7.83
C14 361 N . 20.09 -3.61 -9.25
N23 361 N . 18.66 -3.50 -9.56
C13 361 N . 20.92 -2.86 -10.29
N12 361 N . 22.34 -2.85 -9.89
C29 361 N . 23.37 -2.60 -10.71
C19 361 N . 24.58 -2.67 -9.87
N18 361 N . 24.15 -2.95 -8.60
C11 361 N . 22.80 -3.06 -8.63
C10 361 N . 21.90 -3.37 -7.44
C20 361 N . 25.82 -2.45 -10.47
N21 361 N . 25.88 -2.18 -11.79
C22 361 N . 24.78 -2.10 -12.59
C23 361 N . 23.50 -2.30 -12.07
C1 NAG O . -24.90 -35.78 15.75
C2 NAG O . -25.27 -36.48 17.08
C3 NAG O . -24.33 -36.09 18.23
C4 NAG O . -22.89 -35.90 17.73
C5 NAG O . -22.82 -34.84 16.63
C6 NAG O . -21.74 -35.13 15.60
C7 NAG O . -27.38 -36.89 18.32
C8 NAG O . -28.27 -37.98 17.81
N2 NAG O . -26.66 -36.21 17.41
O3 NAG O . -24.38 -37.05 19.25
O4 NAG O . -22.06 -35.54 18.81
O5 NAG O . -24.08 -34.64 15.99
O6 NAG O . -21.42 -33.95 14.90
O7 NAG O . -27.34 -36.62 19.53
C1 NAG P . -19.63 -25.96 -9.70
C2 NAG P . -20.43 -26.87 -10.65
C3 NAG P . -19.92 -28.32 -10.67
C4 NAG P . -18.41 -28.35 -10.91
C5 NAG P . -17.68 -27.37 -9.97
C6 NAG P . -16.18 -27.29 -10.29
C7 NAG P . -22.72 -26.25 -11.22
C8 NAG P . -24.16 -26.17 -10.79
N2 NAG P . -21.86 -26.82 -10.36
O3 NAG P . -20.56 -29.05 -11.69
O4 NAG P . -17.92 -29.67 -10.79
O5 NAG P . -18.25 -26.06 -10.01
O6 NAG P . -15.95 -26.57 -11.48
O7 NAG P . -22.37 -25.80 -12.31
C1 NAG Q . -31.91 20.99 2.16
C2 NAG Q . -32.94 22.12 2.34
C3 NAG Q . -32.54 23.39 1.58
C4 NAG Q . -31.12 23.83 1.97
C5 NAG Q . -30.16 22.64 1.82
C6 NAG Q . -28.78 23.01 2.41
C7 NAG Q . -35.27 21.54 2.84
C8 NAG Q . -36.46 20.77 2.32
N2 NAG Q . -34.27 21.68 1.96
O3 NAG Q . -33.46 24.43 1.88
O4 NAG Q . -30.65 24.95 1.23
O5 NAG Q . -30.64 21.50 2.53
O6 NAG Q . -28.89 23.27 3.79
O7 NAG Q . -35.25 21.98 4.00
F21 361 R . -17.69 7.27 8.69
C5 361 R . -17.81 5.96 8.45
C6 361 R . -16.69 5.23 8.12
F27 361 R . -15.51 5.89 8.07
C4 361 R . -19.05 5.34 8.54
C3 361 R . -19.18 3.97 8.30
C2 361 R . -18.04 3.24 7.95
F22 361 R . -18.13 1.93 7.70
C1 361 R . -16.78 3.87 7.87
C9 361 R . -20.53 3.32 8.35
C14 361 R . -21.30 3.68 7.07
N23 361 R . -20.50 3.41 5.88
C13 361 R . -22.59 2.85 6.98
N12 361 R . -23.32 2.88 8.26
C29 361 R . -24.60 2.54 8.44
C19 361 R . -24.87 2.72 9.87
N18 361 R . -23.71 3.14 10.43
C11 361 R . -22.77 3.23 9.46
C10 361 R . -21.32 3.67 9.64
C20 361 R . -26.14 2.44 10.36
N21 361 R . -27.11 2.04 9.49
C22 361 R . -26.90 1.86 8.18
C23 361 R . -25.63 2.11 7.61
#